data_6IU3
# 
_entry.id   6IU3 
# 
_audit_conform.dict_name       mmcif_pdbx.dic 
_audit_conform.dict_version    5.387 
_audit_conform.dict_location   http://mmcif.pdb.org/dictionaries/ascii/mmcif_pdbx.dic 
# 
loop_
_database_2.database_id 
_database_2.database_code 
_database_2.pdbx_database_accession 
_database_2.pdbx_DOI 
PDB   6IU3         pdb_00006iu3 10.2210/pdb6iu3/pdb 
WWPDB D_1300009915 ?            ?                   
# 
loop_
_pdbx_audit_revision_history.ordinal 
_pdbx_audit_revision_history.data_content_type 
_pdbx_audit_revision_history.major_revision 
_pdbx_audit_revision_history.minor_revision 
_pdbx_audit_revision_history.revision_date 
1 'Structure model' 1 0 2019-02-06 
2 'Structure model' 1 1 2019-02-20 
3 'Structure model' 1 2 2019-03-20 
4 'Structure model' 1 3 2024-03-27 
# 
_pdbx_audit_revision_details.ordinal             1 
_pdbx_audit_revision_details.revision_ordinal    1 
_pdbx_audit_revision_details.data_content_type   'Structure model' 
_pdbx_audit_revision_details.provider            repository 
_pdbx_audit_revision_details.type                'Initial release' 
_pdbx_audit_revision_details.description         ? 
_pdbx_audit_revision_details.details             ? 
# 
loop_
_pdbx_audit_revision_group.ordinal 
_pdbx_audit_revision_group.revision_ordinal 
_pdbx_audit_revision_group.data_content_type 
_pdbx_audit_revision_group.group 
1 2 'Structure model' 'Data collection'      
2 2 'Structure model' 'Database references'  
3 2 'Structure model' 'Structure summary'    
4 3 'Structure model' 'Data collection'      
5 3 'Structure model' 'Database references'  
6 4 'Structure model' 'Data collection'      
7 4 'Structure model' 'Database references'  
8 4 'Structure model' 'Derived calculations' 
# 
loop_
_pdbx_audit_revision_category.ordinal 
_pdbx_audit_revision_category.revision_ordinal 
_pdbx_audit_revision_category.data_content_type 
_pdbx_audit_revision_category.category 
1 2 'Structure model' audit_author    
2 2 'Structure model' citation        
3 2 'Structure model' citation_author 
4 3 'Structure model' citation        
5 4 'Structure model' chem_comp_atom  
6 4 'Structure model' chem_comp_bond  
7 4 'Structure model' database_2      
8 4 'Structure model' struct_conn     
# 
loop_
_pdbx_audit_revision_item.ordinal 
_pdbx_audit_revision_item.revision_ordinal 
_pdbx_audit_revision_item.data_content_type 
_pdbx_audit_revision_item.item 
1  2 'Structure model' '_citation.journal_abbrev'            
2  2 'Structure model' '_citation.pdbx_database_id_PubMed'   
3  2 'Structure model' '_citation.title'                     
4  3 'Structure model' '_citation.journal_volume'            
5  3 'Structure model' '_citation.page_first'                
6  3 'Structure model' '_citation.page_last'                 
7  4 'Structure model' '_database_2.pdbx_DOI'                
8  4 'Structure model' '_database_2.pdbx_database_accession' 
9  4 'Structure model' '_struct_conn.pdbx_dist_value'        
10 4 'Structure model' '_struct_conn.ptnr1_label_atom_id'    
11 4 'Structure model' '_struct_conn.ptnr2_auth_seq_id'      
12 4 'Structure model' '_struct_conn.ptnr2_label_asym_id'    
# 
_pdbx_database_status.status_code                     REL 
_pdbx_database_status.status_code_sf                  REL 
_pdbx_database_status.status_code_mr                  ? 
_pdbx_database_status.entry_id                        6IU3 
_pdbx_database_status.recvd_initial_deposition_date   2018-11-27 
_pdbx_database_status.SG_entry                        N 
_pdbx_database_status.deposit_site                    PDBJ 
_pdbx_database_status.process_site                    PDBJ 
_pdbx_database_status.status_code_cs                  ? 
_pdbx_database_status.methods_development_category    ? 
_pdbx_database_status.pdb_format_compatible           Y 
_pdbx_database_status.status_code_nmr_data            ? 
# 
loop_
_audit_author.name 
_audit_author.pdbx_ordinal 
_audit_author.identifier_ORCID 
'Kato, T.'      1 ? 
'Nishizawa, T.' 2 ? 
'Yamashita, K.' 3 ? 
'Taniguchi, R.' 4 ? 
'Kumazaki, K.'  5 ? 
'Ishitani, R.'  6 ? 
'Nureki, O.'    7 ? 
# 
_citation.abstract                  ? 
_citation.abstract_id_CAS           ? 
_citation.book_id_ISBN              ? 
_citation.book_publisher            ? 
_citation.book_publisher_city       ? 
_citation.book_title                ? 
_citation.coordinate_linkage        ? 
_citation.country                   UK 
_citation.database_id_Medline       ? 
_citation.details                   ? 
_citation.id                        primary 
_citation.journal_abbrev            'Nat Plants' 
_citation.journal_id_ASTM           ? 
_citation.journal_id_CSD            ? 
_citation.journal_id_ISSN           2055-0278 
_citation.journal_full              ? 
_citation.journal_issue             ? 
_citation.journal_volume            5 
_citation.language                  ? 
_citation.page_first                308 
_citation.page_last                 315 
_citation.title                     'Crystal structure of plant vacuolar iron transporter VIT1.' 
_citation.year                      2019 
_citation.database_id_CSD           ? 
_citation.pdbx_database_id_DOI      10.1038/s41477-019-0367-2 
_citation.pdbx_database_id_PubMed   30742036 
_citation.unpublished_flag          ? 
# 
loop_
_citation_author.citation_id 
_citation_author.name 
_citation_author.ordinal 
_citation_author.identifier_ORCID 
primary 'Kato, T.'      1  0000-0002-2285-1098 
primary 'Kumazaki, K.'  2  ?                   
primary 'Wada, M.'      3  ?                   
primary 'Taniguchi, R.' 4  ?                   
primary 'Nakane, T.'    5  0000-0003-2697-2767 
primary 'Yamashita, K.' 6  0000-0002-5442-7582 
primary 'Hirata, K.'    7  ?                   
primary 'Ishitani, R.'  8  ?                   
primary 'Ito, K.'       9  0000-0002-2042-405X 
primary 'Nishizawa, T.' 10 0000-0001-7463-8398 
primary 'Nureki, O.'    11 0000-0003-1813-7008 
# 
loop_
_entity.id 
_entity.type 
_entity.src_method 
_entity.pdbx_description 
_entity.formula_weight 
_entity.pdbx_number_of_molecules 
_entity.pdbx_ec 
_entity.pdbx_mutation 
_entity.pdbx_fragment 
_entity.details 
1 polymer     man VIT1                                             24960.010 1 ? ? ? ? 
2 non-polymer syn '(2R)-2,3-dihydroxypropyl (9Z)-octadec-9-enoate' 356.540   1 ? ? ? ? 
3 non-polymer syn 'ZINC ION'                                       65.409    3 ? ? ? ? 
# 
_entity_poly.entity_id                      1 
_entity_poly.type                           'polypeptide(L)' 
_entity_poly.nstd_linkage                   no 
_entity_poly.nstd_monomer                   no 
_entity_poly.pdbx_seq_one_letter_code       
;MHKEAHFTAGEIVRDIIIGVSDGLTVPFALAAGLSGANASSSIVLTAGIAEVAAGAISMGLGGYLAAKSEADNYARELKR
EQEEIIRVPDTEAAEVAEILARYGIEPHEYGPVVNALRKKPQAWLDFMMKFELGLEKPDPKRALQSAFTIAIAYVLGGLV
PLIPYMFIPVARKAVVASVILTLMALLIFGYAKGYFTDNKPFKSALQTALIGAIASAAAFGMAKAVQSENLYFQ
;
_entity_poly.pdbx_seq_one_letter_code_can   
;MHKEAHFTAGEIVRDIIIGVSDGLTVPFALAAGLSGANASSSIVLTAGIAEVAAGAISMGLGGYLAAKSEADNYARELKR
EQEEIIRVPDTEAAEVAEILARYGIEPHEYGPVVNALRKKPQAWLDFMMKFELGLEKPDPKRALQSAFTIAIAYVLGGLV
PLIPYMFIPVARKAVVASVILTLMALLIFGYAKGYFTDNKPFKSALQTALIGAIASAAAFGMAKAVQSENLYFQ
;
_entity_poly.pdbx_strand_id                 A 
_entity_poly.pdbx_target_identifier         ? 
# 
loop_
_pdbx_entity_nonpoly.entity_id 
_pdbx_entity_nonpoly.name 
_pdbx_entity_nonpoly.comp_id 
2 '(2R)-2,3-dihydroxypropyl (9Z)-octadec-9-enoate' OLC 
3 'ZINC ION'                                       ZN  
# 
loop_
_entity_poly_seq.entity_id 
_entity_poly_seq.num 
_entity_poly_seq.mon_id 
_entity_poly_seq.hetero 
1 1   MET n 
1 2   HIS n 
1 3   LYS n 
1 4   GLU n 
1 5   ALA n 
1 6   HIS n 
1 7   PHE n 
1 8   THR n 
1 9   ALA n 
1 10  GLY n 
1 11  GLU n 
1 12  ILE n 
1 13  VAL n 
1 14  ARG n 
1 15  ASP n 
1 16  ILE n 
1 17  ILE n 
1 18  ILE n 
1 19  GLY n 
1 20  VAL n 
1 21  SER n 
1 22  ASP n 
1 23  GLY n 
1 24  LEU n 
1 25  THR n 
1 26  VAL n 
1 27  PRO n 
1 28  PHE n 
1 29  ALA n 
1 30  LEU n 
1 31  ALA n 
1 32  ALA n 
1 33  GLY n 
1 34  LEU n 
1 35  SER n 
1 36  GLY n 
1 37  ALA n 
1 38  ASN n 
1 39  ALA n 
1 40  SER n 
1 41  SER n 
1 42  SER n 
1 43  ILE n 
1 44  VAL n 
1 45  LEU n 
1 46  THR n 
1 47  ALA n 
1 48  GLY n 
1 49  ILE n 
1 50  ALA n 
1 51  GLU n 
1 52  VAL n 
1 53  ALA n 
1 54  ALA n 
1 55  GLY n 
1 56  ALA n 
1 57  ILE n 
1 58  SER n 
1 59  MET n 
1 60  GLY n 
1 61  LEU n 
1 62  GLY n 
1 63  GLY n 
1 64  TYR n 
1 65  LEU n 
1 66  ALA n 
1 67  ALA n 
1 68  LYS n 
1 69  SER n 
1 70  GLU n 
1 71  ALA n 
1 72  ASP n 
1 73  ASN n 
1 74  TYR n 
1 75  ALA n 
1 76  ARG n 
1 77  GLU n 
1 78  LEU n 
1 79  LYS n 
1 80  ARG n 
1 81  GLU n 
1 82  GLN n 
1 83  GLU n 
1 84  GLU n 
1 85  ILE n 
1 86  ILE n 
1 87  ARG n 
1 88  VAL n 
1 89  PRO n 
1 90  ASP n 
1 91  THR n 
1 92  GLU n 
1 93  ALA n 
1 94  ALA n 
1 95  GLU n 
1 96  VAL n 
1 97  ALA n 
1 98  GLU n 
1 99  ILE n 
1 100 LEU n 
1 101 ALA n 
1 102 ARG n 
1 103 TYR n 
1 104 GLY n 
1 105 ILE n 
1 106 GLU n 
1 107 PRO n 
1 108 HIS n 
1 109 GLU n 
1 110 TYR n 
1 111 GLY n 
1 112 PRO n 
1 113 VAL n 
1 114 VAL n 
1 115 ASN n 
1 116 ALA n 
1 117 LEU n 
1 118 ARG n 
1 119 LYS n 
1 120 LYS n 
1 121 PRO n 
1 122 GLN n 
1 123 ALA n 
1 124 TRP n 
1 125 LEU n 
1 126 ASP n 
1 127 PHE n 
1 128 MET n 
1 129 MET n 
1 130 LYS n 
1 131 PHE n 
1 132 GLU n 
1 133 LEU n 
1 134 GLY n 
1 135 LEU n 
1 136 GLU n 
1 137 LYS n 
1 138 PRO n 
1 139 ASP n 
1 140 PRO n 
1 141 LYS n 
1 142 ARG n 
1 143 ALA n 
1 144 LEU n 
1 145 GLN n 
1 146 SER n 
1 147 ALA n 
1 148 PHE n 
1 149 THR n 
1 150 ILE n 
1 151 ALA n 
1 152 ILE n 
1 153 ALA n 
1 154 TYR n 
1 155 VAL n 
1 156 LEU n 
1 157 GLY n 
1 158 GLY n 
1 159 LEU n 
1 160 VAL n 
1 161 PRO n 
1 162 LEU n 
1 163 ILE n 
1 164 PRO n 
1 165 TYR n 
1 166 MET n 
1 167 PHE n 
1 168 ILE n 
1 169 PRO n 
1 170 VAL n 
1 171 ALA n 
1 172 ARG n 
1 173 LYS n 
1 174 ALA n 
1 175 VAL n 
1 176 VAL n 
1 177 ALA n 
1 178 SER n 
1 179 VAL n 
1 180 ILE n 
1 181 LEU n 
1 182 THR n 
1 183 LEU n 
1 184 MET n 
1 185 ALA n 
1 186 LEU n 
1 187 LEU n 
1 188 ILE n 
1 189 PHE n 
1 190 GLY n 
1 191 TYR n 
1 192 ALA n 
1 193 LYS n 
1 194 GLY n 
1 195 TYR n 
1 196 PHE n 
1 197 THR n 
1 198 ASP n 
1 199 ASN n 
1 200 LYS n 
1 201 PRO n 
1 202 PHE n 
1 203 LYS n 
1 204 SER n 
1 205 ALA n 
1 206 LEU n 
1 207 GLN n 
1 208 THR n 
1 209 ALA n 
1 210 LEU n 
1 211 ILE n 
1 212 GLY n 
1 213 ALA n 
1 214 ILE n 
1 215 ALA n 
1 216 SER n 
1 217 ALA n 
1 218 ALA n 
1 219 ALA n 
1 220 PHE n 
1 221 GLY n 
1 222 MET n 
1 223 ALA n 
1 224 LYS n 
1 225 ALA n 
1 226 VAL n 
1 227 GLN n 
1 228 SER n 
1 229 GLU n 
1 230 ASN n 
1 231 LEU n 
1 232 TYR n 
1 233 PHE n 
1 234 GLN n 
# 
_entity_src_gen.entity_id                          1 
_entity_src_gen.pdbx_src_id                        1 
_entity_src_gen.pdbx_alt_source_flag               sample 
_entity_src_gen.pdbx_seq_type                      'Biological sequence' 
_entity_src_gen.pdbx_beg_seq_num                   1 
_entity_src_gen.pdbx_end_seq_num                   234 
_entity_src_gen.gene_src_common_name               ? 
_entity_src_gen.gene_src_genus                     ? 
_entity_src_gen.pdbx_gene_src_gene                 ? 
_entity_src_gen.gene_src_species                   ? 
_entity_src_gen.gene_src_strain                    ? 
_entity_src_gen.gene_src_tissue                    ? 
_entity_src_gen.gene_src_tissue_fraction           ? 
_entity_src_gen.gene_src_details                   ? 
_entity_src_gen.pdbx_gene_src_fragment             ? 
_entity_src_gen.pdbx_gene_src_scientific_name      'Eucalyptus grandis' 
_entity_src_gen.pdbx_gene_src_ncbi_taxonomy_id     71139 
_entity_src_gen.pdbx_gene_src_variant              ? 
_entity_src_gen.pdbx_gene_src_cell_line            ? 
_entity_src_gen.pdbx_gene_src_atcc                 ? 
_entity_src_gen.pdbx_gene_src_organ                ? 
_entity_src_gen.pdbx_gene_src_organelle            ? 
_entity_src_gen.pdbx_gene_src_cell                 ? 
_entity_src_gen.pdbx_gene_src_cellular_location    ? 
_entity_src_gen.host_org_common_name               ? 
_entity_src_gen.pdbx_host_org_scientific_name      'Saccharomyces cerevisiae' 
_entity_src_gen.pdbx_host_org_ncbi_taxonomy_id     4932 
_entity_src_gen.host_org_genus                     ? 
_entity_src_gen.pdbx_host_org_gene                 ? 
_entity_src_gen.pdbx_host_org_organ                ? 
_entity_src_gen.host_org_species                   ? 
_entity_src_gen.pdbx_host_org_tissue               ? 
_entity_src_gen.pdbx_host_org_tissue_fraction      ? 
_entity_src_gen.pdbx_host_org_strain               'modified BY4742' 
_entity_src_gen.pdbx_host_org_variant              ? 
_entity_src_gen.pdbx_host_org_cell_line            ? 
_entity_src_gen.pdbx_host_org_atcc                 ? 
_entity_src_gen.pdbx_host_org_culture_collection   ? 
_entity_src_gen.pdbx_host_org_cell                 ? 
_entity_src_gen.pdbx_host_org_organelle            ? 
_entity_src_gen.pdbx_host_org_cellular_location    ? 
_entity_src_gen.pdbx_host_org_vector_type          plasmid 
_entity_src_gen.pdbx_host_org_vector               ? 
_entity_src_gen.host_org_details                   ? 
_entity_src_gen.expression_system_id               ? 
_entity_src_gen.plasmid_name                       'modified pYES2' 
_entity_src_gen.plasmid_details                    ? 
_entity_src_gen.pdbx_description                   ? 
# 
loop_
_chem_comp.id 
_chem_comp.type 
_chem_comp.mon_nstd_flag 
_chem_comp.name 
_chem_comp.pdbx_synonyms 
_chem_comp.formula 
_chem_comp.formula_weight 
ALA 'L-peptide linking' y ALANINE                                          ?                   'C3 H7 N O2'     89.093  
ARG 'L-peptide linking' y ARGININE                                         ?                   'C6 H15 N4 O2 1' 175.209 
ASN 'L-peptide linking' y ASPARAGINE                                       ?                   'C4 H8 N2 O3'    132.118 
ASP 'L-peptide linking' y 'ASPARTIC ACID'                                  ?                   'C4 H7 N O4'     133.103 
GLN 'L-peptide linking' y GLUTAMINE                                        ?                   'C5 H10 N2 O3'   146.144 
GLU 'L-peptide linking' y 'GLUTAMIC ACID'                                  ?                   'C5 H9 N O4'     147.129 
GLY 'peptide linking'   y GLYCINE                                          ?                   'C2 H5 N O2'     75.067  
HIS 'L-peptide linking' y HISTIDINE                                        ?                   'C6 H10 N3 O2 1' 156.162 
ILE 'L-peptide linking' y ISOLEUCINE                                       ?                   'C6 H13 N O2'    131.173 
LEU 'L-peptide linking' y LEUCINE                                          ?                   'C6 H13 N O2'    131.173 
LYS 'L-peptide linking' y LYSINE                                           ?                   'C6 H15 N2 O2 1' 147.195 
MET 'L-peptide linking' y METHIONINE                                       ?                   'C5 H11 N O2 S'  149.211 
OLC non-polymer         . '(2R)-2,3-dihydroxypropyl (9Z)-octadec-9-enoate' 1-Oleoyl-R-glycerol 'C21 H40 O4'     356.540 
PHE 'L-peptide linking' y PHENYLALANINE                                    ?                   'C9 H11 N O2'    165.189 
PRO 'L-peptide linking' y PROLINE                                          ?                   'C5 H9 N O2'     115.130 
SER 'L-peptide linking' y SERINE                                           ?                   'C3 H7 N O3'     105.093 
THR 'L-peptide linking' y THREONINE                                        ?                   'C4 H9 N O3'     119.119 
TRP 'L-peptide linking' y TRYPTOPHAN                                       ?                   'C11 H12 N2 O2'  204.225 
TYR 'L-peptide linking' y TYROSINE                                         ?                   'C9 H11 N O3'    181.189 
VAL 'L-peptide linking' y VALINE                                           ?                   'C5 H11 N O2'    117.146 
ZN  non-polymer         . 'ZINC ION'                                       ?                   'Zn 2'           65.409  
# 
loop_
_pdbx_poly_seq_scheme.asym_id 
_pdbx_poly_seq_scheme.entity_id 
_pdbx_poly_seq_scheme.seq_id 
_pdbx_poly_seq_scheme.mon_id 
_pdbx_poly_seq_scheme.ndb_seq_num 
_pdbx_poly_seq_scheme.pdb_seq_num 
_pdbx_poly_seq_scheme.auth_seq_num 
_pdbx_poly_seq_scheme.pdb_mon_id 
_pdbx_poly_seq_scheme.auth_mon_id 
_pdbx_poly_seq_scheme.pdb_strand_id 
_pdbx_poly_seq_scheme.pdb_ins_code 
_pdbx_poly_seq_scheme.hetero 
A 1 1   MET 1   22  ?   ?   ?   A . n 
A 1 2   HIS 2   23  ?   ?   ?   A . n 
A 1 3   LYS 3   24  ?   ?   ?   A . n 
A 1 4   GLU 4   25  ?   ?   ?   A . n 
A 1 5   ALA 5   26  ?   ?   ?   A . n 
A 1 6   HIS 6   27  ?   ?   ?   A . n 
A 1 7   PHE 7   28  ?   ?   ?   A . n 
A 1 8   THR 8   29  ?   ?   ?   A . n 
A 1 9   ALA 9   30  ?   ?   ?   A . n 
A 1 10  GLY 10  31  ?   ?   ?   A . n 
A 1 11  GLU 11  32  32  GLU GLU A . n 
A 1 12  ILE 12  33  33  ILE ILE A . n 
A 1 13  VAL 13  34  34  VAL VAL A . n 
A 1 14  ARG 14  35  35  ARG ARG A . n 
A 1 15  ASP 15  36  36  ASP ASP A . n 
A 1 16  ILE 16  37  37  ILE ILE A . n 
A 1 17  ILE 17  38  38  ILE ILE A . n 
A 1 18  ILE 18  39  39  ILE ILE A . n 
A 1 19  GLY 19  40  40  GLY GLY A . n 
A 1 20  VAL 20  41  41  VAL VAL A . n 
A 1 21  SER 21  42  42  SER SER A . n 
A 1 22  ASP 22  43  43  ASP ASP A . n 
A 1 23  GLY 23  44  44  GLY GLY A . n 
A 1 24  LEU 24  45  45  LEU LEU A . n 
A 1 25  THR 25  46  46  THR THR A . n 
A 1 26  VAL 26  47  47  VAL VAL A . n 
A 1 27  PRO 27  48  48  PRO PRO A . n 
A 1 28  PHE 28  49  49  PHE PHE A . n 
A 1 29  ALA 29  50  50  ALA ALA A . n 
A 1 30  LEU 30  51  51  LEU LEU A . n 
A 1 31  ALA 31  52  52  ALA ALA A . n 
A 1 32  ALA 32  53  53  ALA ALA A . n 
A 1 33  GLY 33  54  54  GLY GLY A . n 
A 1 34  LEU 34  55  55  LEU LEU A . n 
A 1 35  SER 35  56  56  SER SER A . n 
A 1 36  GLY 36  57  57  GLY GLY A . n 
A 1 37  ALA 37  58  58  ALA ALA A . n 
A 1 38  ASN 38  59  59  ASN ASN A . n 
A 1 39  ALA 39  60  60  ALA ALA A . n 
A 1 40  SER 40  61  61  SER SER A . n 
A 1 41  SER 41  62  62  SER SER A . n 
A 1 42  SER 42  63  63  SER SER A . n 
A 1 43  ILE 43  64  64  ILE ILE A . n 
A 1 44  VAL 44  65  65  VAL VAL A . n 
A 1 45  LEU 45  66  66  LEU LEU A . n 
A 1 46  THR 46  67  67  THR THR A . n 
A 1 47  ALA 47  68  68  ALA ALA A . n 
A 1 48  GLY 48  69  69  GLY GLY A . n 
A 1 49  ILE 49  70  70  ILE ILE A . n 
A 1 50  ALA 50  71  71  ALA ALA A . n 
A 1 51  GLU 51  72  72  GLU GLU A . n 
A 1 52  VAL 52  73  73  VAL VAL A . n 
A 1 53  ALA 53  74  74  ALA ALA A . n 
A 1 54  ALA 54  75  75  ALA ALA A . n 
A 1 55  GLY 55  76  76  GLY GLY A . n 
A 1 56  ALA 56  77  77  ALA ALA A . n 
A 1 57  ILE 57  78  78  ILE ILE A . n 
A 1 58  SER 58  79  79  SER SER A . n 
A 1 59  MET 59  80  80  MET MET A . n 
A 1 60  GLY 60  81  81  GLY GLY A . n 
A 1 61  LEU 61  82  82  LEU LEU A . n 
A 1 62  GLY 62  83  83  GLY GLY A . n 
A 1 63  GLY 63  84  84  GLY GLY A . n 
A 1 64  TYR 64  85  85  TYR TYR A . n 
A 1 65  LEU 65  86  86  LEU LEU A . n 
A 1 66  ALA 66  87  87  ALA ALA A . n 
A 1 67  ALA 67  88  88  ALA ALA A . n 
A 1 68  LYS 68  89  89  LYS LYS A . n 
A 1 69  SER 69  90  90  SER SER A . n 
A 1 70  GLU 70  91  91  GLU GLU A . n 
A 1 71  ALA 71  92  92  ALA ALA A . n 
A 1 72  ASP 72  93  93  ASP ASP A . n 
A 1 73  ASN 73  94  94  ASN ASN A . n 
A 1 74  TYR 74  95  95  TYR TYR A . n 
A 1 75  ALA 75  96  96  ALA ALA A . n 
A 1 76  ARG 76  97  97  ARG ARG A . n 
A 1 77  GLU 77  98  98  GLU GLU A . n 
A 1 78  LEU 78  99  99  LEU LEU A . n 
A 1 79  LYS 79  100 100 LYS LYS A . n 
A 1 80  ARG 80  101 101 ARG ARG A . n 
A 1 81  GLU 81  102 102 GLU GLU A . n 
A 1 82  GLN 82  103 103 GLN GLN A . n 
A 1 83  GLU 83  104 104 GLU GLU A . n 
A 1 84  GLU 84  105 105 GLU GLU A . n 
A 1 85  ILE 85  106 106 ILE ILE A . n 
A 1 86  ILE 86  107 107 ILE ILE A . n 
A 1 87  ARG 87  108 108 ARG ARG A . n 
A 1 88  VAL 88  109 109 VAL VAL A . n 
A 1 89  PRO 89  110 110 PRO PRO A . n 
A 1 90  ASP 90  111 111 ASP ASP A . n 
A 1 91  THR 91  112 112 THR THR A . n 
A 1 92  GLU 92  113 113 GLU GLU A . n 
A 1 93  ALA 93  114 114 ALA ALA A . n 
A 1 94  ALA 94  115 115 ALA ALA A . n 
A 1 95  GLU 95  116 116 GLU GLU A . n 
A 1 96  VAL 96  117 117 VAL VAL A . n 
A 1 97  ALA 97  118 118 ALA ALA A . n 
A 1 98  GLU 98  119 119 GLU GLU A . n 
A 1 99  ILE 99  120 120 ILE ILE A . n 
A 1 100 LEU 100 121 121 LEU LEU A . n 
A 1 101 ALA 101 122 122 ALA ALA A . n 
A 1 102 ARG 102 123 123 ARG ARG A . n 
A 1 103 TYR 103 124 124 TYR TYR A . n 
A 1 104 GLY 104 125 125 GLY GLY A . n 
A 1 105 ILE 105 126 126 ILE ILE A . n 
A 1 106 GLU 106 127 127 GLU GLU A . n 
A 1 107 PRO 107 128 128 PRO PRO A . n 
A 1 108 HIS 108 129 129 HIS HIS A . n 
A 1 109 GLU 109 130 130 GLU GLU A . n 
A 1 110 TYR 110 131 131 TYR TYR A . n 
A 1 111 GLY 111 132 132 GLY GLY A . n 
A 1 112 PRO 112 133 133 PRO PRO A . n 
A 1 113 VAL 113 134 134 VAL VAL A . n 
A 1 114 VAL 114 135 135 VAL VAL A . n 
A 1 115 ASN 115 136 136 ASN ASN A . n 
A 1 116 ALA 116 137 137 ALA ALA A . n 
A 1 117 LEU 117 138 138 LEU LEU A . n 
A 1 118 ARG 118 139 139 ARG ARG A . n 
A 1 119 LYS 119 140 140 LYS LYS A . n 
A 1 120 LYS 120 141 141 LYS LYS A . n 
A 1 121 PRO 121 142 142 PRO PRO A . n 
A 1 122 GLN 122 143 143 GLN GLN A . n 
A 1 123 ALA 123 144 144 ALA ALA A . n 
A 1 124 TRP 124 145 145 TRP TRP A . n 
A 1 125 LEU 125 146 146 LEU LEU A . n 
A 1 126 ASP 126 147 147 ASP ASP A . n 
A 1 127 PHE 127 148 148 PHE PHE A . n 
A 1 128 MET 128 149 149 MET MET A . n 
A 1 129 MET 129 150 150 MET MET A . n 
A 1 130 LYS 130 151 151 LYS LYS A . n 
A 1 131 PHE 131 152 152 PHE PHE A . n 
A 1 132 GLU 132 153 153 GLU GLU A . n 
A 1 133 LEU 133 154 154 LEU LEU A . n 
A 1 134 GLY 134 155 155 GLY GLY A . n 
A 1 135 LEU 135 156 156 LEU LEU A . n 
A 1 136 GLU 136 157 157 GLU GLU A . n 
A 1 137 LYS 137 158 158 LYS LYS A . n 
A 1 138 PRO 138 159 159 PRO PRO A . n 
A 1 139 ASP 139 160 160 ASP ASP A . n 
A 1 140 PRO 140 161 161 PRO PRO A . n 
A 1 141 LYS 141 162 162 LYS LYS A . n 
A 1 142 ARG 142 163 163 ARG ARG A . n 
A 1 143 ALA 143 164 164 ALA ALA A . n 
A 1 144 LEU 144 165 165 LEU LEU A . n 
A 1 145 GLN 145 166 166 GLN GLN A . n 
A 1 146 SER 146 167 167 SER SER A . n 
A 1 147 ALA 147 168 168 ALA ALA A . n 
A 1 148 PHE 148 169 169 PHE PHE A . n 
A 1 149 THR 149 170 170 THR THR A . n 
A 1 150 ILE 150 171 171 ILE ILE A . n 
A 1 151 ALA 151 172 172 ALA ALA A . n 
A 1 152 ILE 152 173 173 ILE ILE A . n 
A 1 153 ALA 153 174 174 ALA ALA A . n 
A 1 154 TYR 154 175 175 TYR TYR A . n 
A 1 155 VAL 155 176 176 VAL VAL A . n 
A 1 156 LEU 156 177 177 LEU LEU A . n 
A 1 157 GLY 157 178 178 GLY GLY A . n 
A 1 158 GLY 158 179 179 GLY GLY A . n 
A 1 159 LEU 159 180 180 LEU LEU A . n 
A 1 160 VAL 160 181 181 VAL VAL A . n 
A 1 161 PRO 161 182 182 PRO PRO A . n 
A 1 162 LEU 162 183 183 LEU LEU A . n 
A 1 163 ILE 163 184 184 ILE ILE A . n 
A 1 164 PRO 164 185 185 PRO PRO A . n 
A 1 165 TYR 165 186 186 TYR TYR A . n 
A 1 166 MET 166 187 187 MET MET A . n 
A 1 167 PHE 167 188 188 PHE PHE A . n 
A 1 168 ILE 168 189 189 ILE ILE A . n 
A 1 169 PRO 169 190 190 PRO PRO A . n 
A 1 170 VAL 170 191 191 VAL VAL A . n 
A 1 171 ALA 171 192 192 ALA ALA A . n 
A 1 172 ARG 172 193 193 ARG ARG A . n 
A 1 173 LYS 173 194 194 LYS LYS A . n 
A 1 174 ALA 174 195 195 ALA ALA A . n 
A 1 175 VAL 175 196 196 VAL VAL A . n 
A 1 176 VAL 176 197 197 VAL VAL A . n 
A 1 177 ALA 177 198 198 ALA ALA A . n 
A 1 178 SER 178 199 199 SER SER A . n 
A 1 179 VAL 179 200 200 VAL VAL A . n 
A 1 180 ILE 180 201 201 ILE ILE A . n 
A 1 181 LEU 181 202 202 LEU LEU A . n 
A 1 182 THR 182 203 203 THR THR A . n 
A 1 183 LEU 183 204 204 LEU LEU A . n 
A 1 184 MET 184 205 205 MET MET A . n 
A 1 185 ALA 185 206 206 ALA ALA A . n 
A 1 186 LEU 186 207 207 LEU LEU A . n 
A 1 187 LEU 187 208 208 LEU LEU A . n 
A 1 188 ILE 188 209 209 ILE ILE A . n 
A 1 189 PHE 189 210 210 PHE PHE A . n 
A 1 190 GLY 190 211 211 GLY GLY A . n 
A 1 191 TYR 191 212 212 TYR TYR A . n 
A 1 192 ALA 192 213 213 ALA ALA A . n 
A 1 193 LYS 193 214 214 LYS LYS A . n 
A 1 194 GLY 194 215 215 GLY GLY A . n 
A 1 195 TYR 195 216 216 TYR TYR A . n 
A 1 196 PHE 196 217 217 PHE PHE A . n 
A 1 197 THR 197 218 218 THR THR A . n 
A 1 198 ASP 198 219 219 ASP ASP A . n 
A 1 199 ASN 199 220 220 ASN ASN A . n 
A 1 200 LYS 200 221 221 LYS LYS A . n 
A 1 201 PRO 201 222 222 PRO PRO A . n 
A 1 202 PHE 202 223 223 PHE PHE A . n 
A 1 203 LYS 203 224 224 LYS LYS A . n 
A 1 204 SER 204 225 225 SER SER A . n 
A 1 205 ALA 205 226 226 ALA ALA A . n 
A 1 206 LEU 206 227 227 LEU LEU A . n 
A 1 207 GLN 207 228 228 GLN GLN A . n 
A 1 208 THR 208 229 229 THR THR A . n 
A 1 209 ALA 209 230 230 ALA ALA A . n 
A 1 210 LEU 210 231 231 LEU LEU A . n 
A 1 211 ILE 211 232 232 ILE ILE A . n 
A 1 212 GLY 212 233 233 GLY GLY A . n 
A 1 213 ALA 213 234 234 ALA ALA A . n 
A 1 214 ILE 214 235 235 ILE ILE A . n 
A 1 215 ALA 215 236 236 ALA ALA A . n 
A 1 216 SER 216 237 237 SER SER A . n 
A 1 217 ALA 217 238 238 ALA ALA A . n 
A 1 218 ALA 218 239 239 ALA ALA A . n 
A 1 219 ALA 219 240 240 ALA ALA A . n 
A 1 220 PHE 220 241 241 PHE PHE A . n 
A 1 221 GLY 221 242 242 GLY GLY A . n 
A 1 222 MET 222 243 243 MET MET A . n 
A 1 223 ALA 223 244 244 ALA ALA A . n 
A 1 224 LYS 224 245 245 LYS LYS A . n 
A 1 225 ALA 225 246 246 ALA ALA A . n 
A 1 226 VAL 226 247 247 VAL VAL A . n 
A 1 227 GLN 227 248 248 GLN GLN A . n 
A 1 228 SER 228 249 249 SER SER A . n 
A 1 229 GLU 229 250 250 GLU GLU A . n 
A 1 230 ASN 230 251 251 ASN ASN A . n 
A 1 231 LEU 231 252 252 LEU LEU A . n 
A 1 232 TYR 232 253 253 TYR TYR A . n 
A 1 233 PHE 233 254 254 PHE PHE A . n 
A 1 234 GLN 234 255 255 GLN GLN A . n 
# 
loop_
_pdbx_nonpoly_scheme.asym_id 
_pdbx_nonpoly_scheme.entity_id 
_pdbx_nonpoly_scheme.mon_id 
_pdbx_nonpoly_scheme.ndb_seq_num 
_pdbx_nonpoly_scheme.pdb_seq_num 
_pdbx_nonpoly_scheme.auth_seq_num 
_pdbx_nonpoly_scheme.pdb_mon_id 
_pdbx_nonpoly_scheme.auth_mon_id 
_pdbx_nonpoly_scheme.pdb_strand_id 
_pdbx_nonpoly_scheme.pdb_ins_code 
B 2 OLC 1 301 1 OLC OLC A . 
C 3 ZN  1 302 1 ZN  ZN  A . 
D 3 ZN  1 303 2 ZN  ZN  A . 
E 3 ZN  1 304 3 ZN  ZN  A . 
# 
loop_
_pdbx_unobs_or_zero_occ_atoms.id 
_pdbx_unobs_or_zero_occ_atoms.PDB_model_num 
_pdbx_unobs_or_zero_occ_atoms.polymer_flag 
_pdbx_unobs_or_zero_occ_atoms.occupancy_flag 
_pdbx_unobs_or_zero_occ_atoms.auth_asym_id 
_pdbx_unobs_or_zero_occ_atoms.auth_comp_id 
_pdbx_unobs_or_zero_occ_atoms.auth_seq_id 
_pdbx_unobs_or_zero_occ_atoms.PDB_ins_code 
_pdbx_unobs_or_zero_occ_atoms.auth_atom_id 
_pdbx_unobs_or_zero_occ_atoms.label_alt_id 
_pdbx_unobs_or_zero_occ_atoms.label_asym_id 
_pdbx_unobs_or_zero_occ_atoms.label_comp_id 
_pdbx_unobs_or_zero_occ_atoms.label_seq_id 
_pdbx_unobs_or_zero_occ_atoms.label_atom_id 
1   1 Y 1 A ARG 35  ? CG  ? A ARG 14  CG  
2   1 Y 1 A ARG 35  ? CD  ? A ARG 14  CD  
3   1 Y 1 A ARG 35  ? NE  ? A ARG 14  NE  
4   1 Y 1 A ARG 35  ? CZ  ? A ARG 14  CZ  
5   1 Y 1 A ARG 35  ? NH1 ? A ARG 14  NH1 
6   1 Y 1 A ARG 35  ? NH2 ? A ARG 14  NH2 
7   1 Y 1 A ILE 39  ? CG1 ? A ILE 18  CG1 
8   1 Y 1 A ILE 39  ? CG2 ? A ILE 18  CG2 
9   1 Y 1 A ILE 39  ? CD1 ? A ILE 18  CD1 
10  1 Y 1 A TYR 85  ? CG  ? A TYR 64  CG  
11  1 Y 1 A TYR 85  ? CD1 ? A TYR 64  CD1 
12  1 Y 1 A TYR 85  ? CD2 ? A TYR 64  CD2 
13  1 Y 1 A TYR 85  ? CE1 ? A TYR 64  CE1 
14  1 Y 1 A TYR 85  ? CE2 ? A TYR 64  CE2 
15  1 Y 1 A TYR 85  ? CZ  ? A TYR 64  CZ  
16  1 Y 1 A TYR 85  ? OH  ? A TYR 64  OH  
17  1 Y 1 A LEU 86  ? CG  ? A LEU 65  CG  
18  1 Y 1 A LEU 86  ? CD1 ? A LEU 65  CD1 
19  1 Y 1 A LEU 86  ? CD2 ? A LEU 65  CD2 
20  1 Y 1 A LYS 89  ? CG  ? A LYS 68  CG  
21  1 Y 1 A LYS 89  ? CD  ? A LYS 68  CD  
22  1 Y 1 A LYS 89  ? CE  ? A LYS 68  CE  
23  1 Y 1 A LYS 89  ? NZ  ? A LYS 68  NZ  
24  1 Y 1 A SER 90  ? OG  ? A SER 69  OG  
25  1 Y 1 A ARG 97  ? CG  ? A ARG 76  CG  
26  1 Y 1 A ARG 97  ? CD  ? A ARG 76  CD  
27  1 Y 1 A ARG 97  ? NE  ? A ARG 76  NE  
28  1 Y 1 A ARG 97  ? CZ  ? A ARG 76  CZ  
29  1 Y 1 A ARG 97  ? NH1 ? A ARG 76  NH1 
30  1 Y 1 A ARG 97  ? NH2 ? A ARG 76  NH2 
31  1 Y 1 A ARG 101 ? CG  ? A ARG 80  CG  
32  1 Y 1 A ARG 101 ? CD  ? A ARG 80  CD  
33  1 Y 1 A ARG 101 ? NE  ? A ARG 80  NE  
34  1 Y 1 A ARG 101 ? CZ  ? A ARG 80  CZ  
35  1 Y 1 A ARG 101 ? NH1 ? A ARG 80  NH1 
36  1 Y 1 A ARG 101 ? NH2 ? A ARG 80  NH2 
37  1 Y 1 A ILE 106 ? CG1 ? A ILE 85  CG1 
38  1 Y 1 A ILE 106 ? CG2 ? A ILE 85  CG2 
39  1 Y 1 A ILE 106 ? CD1 ? A ILE 85  CD1 
40  1 Y 1 A ILE 107 ? CG1 ? A ILE 86  CG1 
41  1 Y 1 A ILE 107 ? CG2 ? A ILE 86  CG2 
42  1 Y 1 A ILE 107 ? CD1 ? A ILE 86  CD1 
43  1 Y 1 A ARG 108 ? CG  ? A ARG 87  CG  
44  1 Y 1 A ARG 108 ? CD  ? A ARG 87  CD  
45  1 Y 1 A ARG 108 ? NE  ? A ARG 87  NE  
46  1 Y 1 A ARG 108 ? CZ  ? A ARG 87  CZ  
47  1 Y 1 A ARG 108 ? NH1 ? A ARG 87  NH1 
48  1 Y 1 A ARG 108 ? NH2 ? A ARG 87  NH2 
49  1 Y 1 A VAL 109 ? CG1 ? A VAL 88  CG1 
50  1 Y 1 A VAL 109 ? CG2 ? A VAL 88  CG2 
51  1 Y 1 A ASP 111 ? CG  ? A ASP 90  CG  
52  1 Y 1 A ASP 111 ? OD1 ? A ASP 90  OD1 
53  1 Y 1 A ASP 111 ? OD2 ? A ASP 90  OD2 
54  1 Y 1 A VAL 117 ? CG1 ? A VAL 96  CG1 
55  1 Y 1 A VAL 117 ? CG2 ? A VAL 96  CG2 
56  1 Y 1 A GLU 119 ? CG  ? A GLU 98  CG  
57  1 Y 1 A GLU 119 ? CD  ? A GLU 98  CD  
58  1 Y 1 A GLU 119 ? OE1 ? A GLU 98  OE1 
59  1 Y 1 A GLU 119 ? OE2 ? A GLU 98  OE2 
60  1 Y 1 A ILE 120 ? CG1 ? A ILE 99  CG1 
61  1 Y 1 A ILE 120 ? CG2 ? A ILE 99  CG2 
62  1 Y 1 A ILE 120 ? CD1 ? A ILE 99  CD1 
63  1 Y 1 A ARG 123 ? CG  ? A ARG 102 CG  
64  1 Y 1 A ARG 123 ? CD  ? A ARG 102 CD  
65  1 Y 1 A ARG 123 ? NE  ? A ARG 102 NE  
66  1 Y 1 A ARG 123 ? CZ  ? A ARG 102 CZ  
67  1 Y 1 A ARG 123 ? NH1 ? A ARG 102 NH1 
68  1 Y 1 A ARG 123 ? NH2 ? A ARG 102 NH2 
69  1 Y 1 A TYR 131 ? CG  ? A TYR 110 CG  
70  1 Y 1 A TYR 131 ? CD1 ? A TYR 110 CD1 
71  1 Y 1 A TYR 131 ? CD2 ? A TYR 110 CD2 
72  1 Y 1 A TYR 131 ? CE1 ? A TYR 110 CE1 
73  1 Y 1 A TYR 131 ? CE2 ? A TYR 110 CE2 
74  1 Y 1 A TYR 131 ? CZ  ? A TYR 110 CZ  
75  1 Y 1 A TYR 131 ? OH  ? A TYR 110 OH  
76  1 Y 1 A LEU 138 ? CG  ? A LEU 117 CG  
77  1 Y 1 A LEU 138 ? CD1 ? A LEU 117 CD1 
78  1 Y 1 A LEU 138 ? CD2 ? A LEU 117 CD2 
79  1 Y 1 A ARG 139 ? CG  ? A ARG 118 CG  
80  1 Y 1 A ARG 139 ? CD  ? A ARG 118 CD  
81  1 Y 1 A ARG 139 ? NE  ? A ARG 118 NE  
82  1 Y 1 A ARG 139 ? CZ  ? A ARG 118 CZ  
83  1 Y 1 A ARG 139 ? NH1 ? A ARG 118 NH1 
84  1 Y 1 A ARG 139 ? NH2 ? A ARG 118 NH2 
85  1 Y 1 A LYS 140 ? CG  ? A LYS 119 CG  
86  1 Y 1 A LYS 140 ? CD  ? A LYS 119 CD  
87  1 Y 1 A LYS 140 ? CE  ? A LYS 119 CE  
88  1 Y 1 A LYS 140 ? NZ  ? A LYS 119 NZ  
89  1 Y 1 A GLN 143 ? CG  ? A GLN 122 CG  
90  1 Y 1 A GLN 143 ? CD  ? A GLN 122 CD  
91  1 Y 1 A GLN 143 ? OE1 ? A GLN 122 OE1 
92  1 Y 1 A GLN 143 ? NE2 ? A GLN 122 NE2 
93  1 Y 1 A ASP 147 ? CG  ? A ASP 126 CG  
94  1 Y 1 A ASP 147 ? OD1 ? A ASP 126 OD1 
95  1 Y 1 A ASP 147 ? OD2 ? A ASP 126 OD2 
96  1 Y 1 A LYS 151 ? CG  ? A LYS 130 CG  
97  1 Y 1 A LYS 151 ? CD  ? A LYS 130 CD  
98  1 Y 1 A LYS 151 ? CE  ? A LYS 130 CE  
99  1 Y 1 A LYS 151 ? NZ  ? A LYS 130 NZ  
100 1 Y 1 A LEU 154 ? CG  ? A LEU 133 CG  
101 1 Y 1 A LEU 154 ? CD1 ? A LEU 133 CD1 
102 1 Y 1 A LEU 154 ? CD2 ? A LEU 133 CD2 
103 1 Y 1 A LEU 156 ? CG  ? A LEU 135 CG  
104 1 Y 1 A LEU 156 ? CD1 ? A LEU 135 CD1 
105 1 Y 1 A LEU 156 ? CD2 ? A LEU 135 CD2 
106 1 Y 1 A GLU 157 ? CG  ? A GLU 136 CG  
107 1 Y 1 A GLU 157 ? CD  ? A GLU 136 CD  
108 1 Y 1 A GLU 157 ? OE1 ? A GLU 136 OE1 
109 1 Y 1 A GLU 157 ? OE2 ? A GLU 136 OE2 
110 1 Y 1 A PHE 169 ? CG  ? A PHE 148 CG  
111 1 Y 1 A PHE 169 ? CD1 ? A PHE 148 CD1 
112 1 Y 1 A PHE 169 ? CD2 ? A PHE 148 CD2 
113 1 Y 1 A PHE 169 ? CE1 ? A PHE 148 CE1 
114 1 Y 1 A PHE 169 ? CE2 ? A PHE 148 CE2 
115 1 Y 1 A PHE 169 ? CZ  ? A PHE 148 CZ  
116 1 Y 1 A LEU 177 ? CG  ? A LEU 156 CG  
117 1 Y 1 A LEU 177 ? CD1 ? A LEU 156 CD1 
118 1 Y 1 A LEU 177 ? CD2 ? A LEU 156 CD2 
119 1 Y 1 A LYS 214 ? CG  ? A LYS 193 CG  
120 1 Y 1 A LYS 214 ? CD  ? A LYS 193 CD  
121 1 Y 1 A LYS 214 ? CE  ? A LYS 193 CE  
122 1 Y 1 A LYS 214 ? NZ  ? A LYS 193 NZ  
123 1 Y 1 A THR 218 ? OG1 ? A THR 197 OG1 
124 1 Y 1 A THR 218 ? CG2 ? A THR 197 CG2 
125 1 Y 1 A ASP 219 ? CG  ? A ASP 198 CG  
126 1 Y 1 A ASP 219 ? OD1 ? A ASP 198 OD1 
127 1 Y 1 A ASP 219 ? OD2 ? A ASP 198 OD2 
128 1 Y 1 A ASN 220 ? CG  ? A ASN 199 CG  
129 1 Y 1 A ASN 220 ? OD1 ? A ASN 199 OD1 
130 1 Y 1 A ASN 220 ? ND2 ? A ASN 199 ND2 
131 1 Y 1 A LYS 221 ? CG  ? A LYS 200 CG  
132 1 Y 1 A LYS 221 ? CD  ? A LYS 200 CD  
133 1 Y 1 A LYS 221 ? CE  ? A LYS 200 CE  
134 1 Y 1 A LYS 221 ? NZ  ? A LYS 200 NZ  
135 1 Y 1 A PHE 223 ? CG  ? A PHE 202 CG  
136 1 Y 1 A PHE 223 ? CD1 ? A PHE 202 CD1 
137 1 Y 1 A PHE 223 ? CD2 ? A PHE 202 CD2 
138 1 Y 1 A PHE 223 ? CE1 ? A PHE 202 CE1 
139 1 Y 1 A PHE 223 ? CE2 ? A PHE 202 CE2 
140 1 Y 1 A PHE 223 ? CZ  ? A PHE 202 CZ  
141 1 Y 1 A LYS 224 ? CG  ? A LYS 203 CG  
142 1 Y 1 A LYS 224 ? CD  ? A LYS 203 CD  
143 1 Y 1 A LYS 224 ? CE  ? A LYS 203 CE  
144 1 Y 1 A LYS 224 ? NZ  ? A LYS 203 NZ  
145 1 Y 1 A LYS 245 ? CG  ? A LYS 224 CG  
146 1 Y 1 A LYS 245 ? CD  ? A LYS 224 CD  
147 1 Y 1 A LYS 245 ? CE  ? A LYS 224 CE  
148 1 Y 1 A LYS 245 ? NZ  ? A LYS 224 NZ  
149 1 N 1 A OLC 301 ? C18 ? B OLC 1   C18 
150 1 N 1 A OLC 301 ? C17 ? B OLC 1   C17 
151 1 N 1 A OLC 301 ? C16 ? B OLC 1   C16 
# 
loop_
_software.citation_id 
_software.classification 
_software.compiler_name 
_software.compiler_version 
_software.contact_author 
_software.contact_author_email 
_software.date 
_software.description 
_software.dependencies 
_software.hardware 
_software.language 
_software.location 
_software.mods 
_software.name 
_software.os 
_software.os_version 
_software.type 
_software.version 
_software.pdbx_ordinal 
? refinement        ? ? ? ? ? ? ? ? ? ? ? PHENIX      ? ? ? 1.13_2998 1 
? 'data scaling'    ? ? ? ? ? ? ? ? ? ? ? XSCALE      ? ? ? .         2 
? 'data extraction' ? ? ? ? ? ? ? ? ? ? ? PDB_EXTRACT ? ? ? 3.24      3 
? 'data reduction'  ? ? ? ? ? ? ? ? ? ? ? XDS         ? ? ? .         4 
? phasing           ? ? ? ? ? ? ? ? ? ? ? SHARP       ? ? ? .         5 
# 
_cell.angle_alpha                  90.000 
_cell.angle_alpha_esd              ? 
_cell.angle_beta                   90.000 
_cell.angle_beta_esd               ? 
_cell.angle_gamma                  90.000 
_cell.angle_gamma_esd              ? 
_cell.entry_id                     6IU3 
_cell.details                      ? 
_cell.formula_units_Z              ? 
_cell.length_a                     46.900 
_cell.length_a_esd                 ? 
_cell.length_b                     290.240 
_cell.length_b_esd                 ? 
_cell.length_c                     45.860 
_cell.length_c_esd                 ? 
_cell.volume                       ? 
_cell.volume_esd                   ? 
_cell.Z_PDB                        8 
_cell.reciprocal_angle_alpha       ? 
_cell.reciprocal_angle_beta        ? 
_cell.reciprocal_angle_gamma       ? 
_cell.reciprocal_angle_alpha_esd   ? 
_cell.reciprocal_angle_beta_esd    ? 
_cell.reciprocal_angle_gamma_esd   ? 
_cell.reciprocal_length_a          ? 
_cell.reciprocal_length_b          ? 
_cell.reciprocal_length_c          ? 
_cell.reciprocal_length_a_esd      ? 
_cell.reciprocal_length_b_esd      ? 
_cell.reciprocal_length_c_esd      ? 
_cell.pdbx_unique_axis             ? 
# 
_symmetry.entry_id                         6IU3 
_symmetry.cell_setting                     ? 
_symmetry.Int_Tables_number                20 
_symmetry.space_group_name_Hall            ? 
_symmetry.space_group_name_H-M             'C 2 2 21' 
_symmetry.pdbx_full_space_group_name_H-M   ? 
# 
_exptl.absorpt_coefficient_mu     ? 
_exptl.absorpt_correction_T_max   ? 
_exptl.absorpt_correction_T_min   ? 
_exptl.absorpt_correction_type    ? 
_exptl.absorpt_process_details    ? 
_exptl.entry_id                   6IU3 
_exptl.crystals_number            1 
_exptl.details                    ? 
_exptl.method                     'X-RAY DIFFRACTION' 
_exptl.method_details             ? 
# 
_exptl_crystal.colour                      ? 
_exptl_crystal.density_diffrn              ? 
_exptl_crystal.density_Matthews            3.13 
_exptl_crystal.density_method              ? 
_exptl_crystal.density_percent_sol         60.66 
_exptl_crystal.description                 'The entry contains friedel pairs in I_plus/minus columns' 
_exptl_crystal.F_000                       ? 
_exptl_crystal.id                          1 
_exptl_crystal.preparation                 ? 
_exptl_crystal.size_max                    ? 
_exptl_crystal.size_mid                    ? 
_exptl_crystal.size_min                    ? 
_exptl_crystal.size_rad                    ? 
_exptl_crystal.colour_lustre               ? 
_exptl_crystal.colour_modifier             ? 
_exptl_crystal.colour_primary              ? 
_exptl_crystal.density_meas                ? 
_exptl_crystal.density_meas_esd            ? 
_exptl_crystal.density_meas_gt             ? 
_exptl_crystal.density_meas_lt             ? 
_exptl_crystal.density_meas_temp           ? 
_exptl_crystal.density_meas_temp_esd       ? 
_exptl_crystal.density_meas_temp_gt        ? 
_exptl_crystal.density_meas_temp_lt        ? 
_exptl_crystal.pdbx_crystal_image_url      ? 
_exptl_crystal.pdbx_crystal_image_format   ? 
_exptl_crystal.pdbx_mosaicity              ? 
_exptl_crystal.pdbx_mosaicity_esd          ? 
# 
_exptl_crystal_grow.apparatus       ? 
_exptl_crystal_grow.atmosphere      ? 
_exptl_crystal_grow.crystal_id      1 
_exptl_crystal_grow.details         ? 
_exptl_crystal_grow.method          'LIPIDIC CUBIC PHASE' 
_exptl_crystal_grow.method_ref      ? 
_exptl_crystal_grow.pH              7.0 
_exptl_crystal_grow.pressure        ? 
_exptl_crystal_grow.pressure_esd    ? 
_exptl_crystal_grow.seeding         ? 
_exptl_crystal_grow.seeding_ref     ? 
_exptl_crystal_grow.temp            293 
_exptl_crystal_grow.temp_details    ? 
_exptl_crystal_grow.temp_esd        ? 
_exptl_crystal_grow.time            ? 
_exptl_crystal_grow.pdbx_details    
'24-26% PEG 500DME, 0.1 M HEPES pH7.0, 0.25-30 M ammonium sulfate, 0.0004 M zinc cloride, 0.2 M sodium fluoride' 
_exptl_crystal_grow.pdbx_pH_range   ? 
# 
_diffrn.ambient_environment              ? 
_diffrn.ambient_temp                     100 
_diffrn.ambient_temp_details             ? 
_diffrn.ambient_temp_esd                 ? 
_diffrn.crystal_id                       1 
_diffrn.crystal_support                  ? 
_diffrn.crystal_treatment                ? 
_diffrn.details                          ? 
_diffrn.id                               1 
_diffrn.ambient_pressure                 ? 
_diffrn.ambient_pressure_esd             ? 
_diffrn.ambient_pressure_gt              ? 
_diffrn.ambient_pressure_lt              ? 
_diffrn.ambient_temp_gt                  ? 
_diffrn.ambient_temp_lt                  ? 
_diffrn.pdbx_serial_crystal_experiment   N 
# 
_diffrn_detector.details                      ? 
_diffrn_detector.detector                     PIXEL 
_diffrn_detector.diffrn_id                    1 
_diffrn_detector.type                         'DECTRIS EIGER X 9M' 
_diffrn_detector.area_resol_mean              ? 
_diffrn_detector.dtime                        ? 
_diffrn_detector.pdbx_frames_total            ? 
_diffrn_detector.pdbx_collection_time_total   ? 
_diffrn_detector.pdbx_collection_date         2016-09-26 
_diffrn_detector.pdbx_frequency               ? 
# 
_diffrn_radiation.collimation                      ? 
_diffrn_radiation.diffrn_id                        1 
_diffrn_radiation.filter_edge                      ? 
_diffrn_radiation.inhomogeneity                    ? 
_diffrn_radiation.monochromator                    'Si(111)' 
_diffrn_radiation.polarisn_norm                    ? 
_diffrn_radiation.polarisn_ratio                   ? 
_diffrn_radiation.probe                            ? 
_diffrn_radiation.type                             ? 
_diffrn_radiation.xray_symbol                      ? 
_diffrn_radiation.wavelength_id                    1 
_diffrn_radiation.pdbx_monochromatic_or_laue_m_l   M 
_diffrn_radiation.pdbx_wavelength_list             ? 
_diffrn_radiation.pdbx_wavelength                  ? 
_diffrn_radiation.pdbx_diffrn_protocol             'SINGLE WAVELENGTH' 
_diffrn_radiation.pdbx_analyzer                    ? 
_diffrn_radiation.pdbx_scattering_type             x-ray 
# 
_diffrn_radiation_wavelength.id           1 
_diffrn_radiation_wavelength.wavelength   1.0000 
_diffrn_radiation_wavelength.wt           1.0 
# 
_diffrn_source.current                     ? 
_diffrn_source.details                     ? 
_diffrn_source.diffrn_id                   1 
_diffrn_source.power                       ? 
_diffrn_source.size                        ? 
_diffrn_source.source                      SYNCHROTRON 
_diffrn_source.target                      ? 
_diffrn_source.type                        'SPRING-8 BEAMLINE BL32XU' 
_diffrn_source.voltage                     ? 
_diffrn_source.take-off_angle              ? 
_diffrn_source.pdbx_wavelength_list        1.0000 
_diffrn_source.pdbx_wavelength             ? 
_diffrn_source.pdbx_synchrotron_beamline   BL32XU 
_diffrn_source.pdbx_synchrotron_site       SPring-8 
# 
_reflns.B_iso_Wilson_estimate            74.360 
_reflns.entry_id                         6IU3 
_reflns.data_reduction_details           ? 
_reflns.data_reduction_method            ? 
_reflns.d_resolution_high                2.7001 
_reflns.d_resolution_low                 48.3750 
_reflns.details                          ? 
_reflns.limit_h_max                      ? 
_reflns.limit_h_min                      ? 
_reflns.limit_k_max                      ? 
_reflns.limit_k_min                      ? 
_reflns.limit_l_max                      ? 
_reflns.limit_l_min                      ? 
_reflns.number_all                       ? 
_reflns.number_obs                       16510 
_reflns.observed_criterion               ? 
_reflns.observed_criterion_F_max         ? 
_reflns.observed_criterion_F_min         ? 
_reflns.observed_criterion_I_max         ? 
_reflns.observed_criterion_I_min         ? 
_reflns.observed_criterion_sigma_F       ? 
_reflns.observed_criterion_sigma_I       -3 
_reflns.percent_possible_obs             99.6154 
_reflns.R_free_details                   ? 
_reflns.Rmerge_F_all                     ? 
_reflns.Rmerge_F_obs                     ? 
_reflns.Friedel_coverage                 ? 
_reflns.number_gt                        ? 
_reflns.threshold_expression             ? 
_reflns.pdbx_redundancy                  12.7820 
_reflns.pdbx_Rmerge_I_obs                0.1134 
_reflns.pdbx_Rmerge_I_all                ? 
_reflns.pdbx_Rsym_value                  ? 
_reflns.pdbx_netI_over_av_sigmaI         ? 
_reflns.pdbx_netI_over_sigmaI            14.5139 
_reflns.pdbx_res_netI_over_av_sigmaI_2   ? 
_reflns.pdbx_res_netI_over_sigmaI_2      ? 
_reflns.pdbx_chi_squared                 ? 
_reflns.pdbx_scaling_rejects             ? 
_reflns.pdbx_d_res_high_opt              ? 
_reflns.pdbx_d_res_low_opt               ? 
_reflns.pdbx_d_res_opt_method            ? 
_reflns.phase_calculation_details        ? 
_reflns.pdbx_Rrim_I_all                  ? 
_reflns.pdbx_Rpim_I_all                  ? 
_reflns.pdbx_d_opt                       ? 
_reflns.pdbx_number_measured_all         115869 
_reflns.pdbx_diffrn_id                   1 
_reflns.pdbx_ordinal                     1 
_reflns.pdbx_CC_half                     0.9975 
_reflns.pdbx_R_split                     ? 
# 
loop_
_reflns_shell.d_res_high 
_reflns_shell.d_res_low 
_reflns_shell.meanI_over_sigI_all 
_reflns_shell.meanI_over_sigI_obs 
_reflns_shell.number_measured_all 
_reflns_shell.number_measured_obs 
_reflns_shell.number_possible 
_reflns_shell.number_unique_all 
_reflns_shell.number_unique_obs 
_reflns_shell.percent_possible_all 
_reflns_shell.percent_possible_obs 
_reflns_shell.Rmerge_F_all 
_reflns_shell.Rmerge_F_obs 
_reflns_shell.Rmerge_I_all 
_reflns_shell.Rmerge_I_obs 
_reflns_shell.meanI_over_sigI_gt 
_reflns_shell.meanI_over_uI_all 
_reflns_shell.meanI_over_uI_gt 
_reflns_shell.number_measured_gt 
_reflns_shell.number_unique_gt 
_reflns_shell.percent_possible_gt 
_reflns_shell.Rmerge_F_gt 
_reflns_shell.Rmerge_I_gt 
_reflns_shell.pdbx_redundancy 
_reflns_shell.pdbx_Rsym_value 
_reflns_shell.pdbx_chi_squared 
_reflns_shell.pdbx_netI_over_sigmaI_all 
_reflns_shell.pdbx_netI_over_sigmaI_obs 
_reflns_shell.pdbx_Rrim_I_all 
_reflns_shell.pdbx_Rpim_I_all 
_reflns_shell.pdbx_rejects 
_reflns_shell.pdbx_ordinal 
_reflns_shell.pdbx_diffrn_id 
_reflns_shell.pdbx_CC_half 
_reflns_shell.pdbx_R_split 
5.8142 48.3827 ? ? ? 12995 ? ? 993 ? 99.1018  ? ? ? 0.0575 ? ? ? ? ? ? ? ? 13.0866 ? ? ? 41.4791 ? ? ? 1  ? 0.9964 ? 
4.6160 5.8142  ? ? ? 12940 ? ? 929 ? 99.6781  ? ? ? 0.0689 ? ? ? ? ? ? ? ? 13.9290 ? ? ? 32.1120 ? ? ? 2  ? 0.9993 ? 
4.0329 4.6160  ? ? ? 12373 ? ? 905 ? 97.8378  ? ? ? 0.1060 ? ? ? ? ? ? ? ? 13.6718 ? ? ? 26.4377 ? ? ? 3  ? 0.9979 ? 
3.6643 4.0329  ? ? ? 10958 ? ? 900 ? 100.0000 ? ? ? 0.1496 ? ? ? ? ? ? ? ? 12.1756 ? ? ? 15.0151 ? ? ? 4  ? 0.9945 ? 
3.4017 3.6643  ? ? ? 10749 ? ? 909 ? 100.0000 ? ? ? 0.2436 ? ? ? ? ? ? ? ? 11.8251 ? ? ? 9.2944  ? ? ? 5  ? 0.9873 ? 
3.2012 3.4017  ? ? ? 10124 ? ? 898 ? 100.0000 ? ? ? 0.3875 ? ? ? ? ? ? ? ? 11.2739 ? ? ? 5.6743  ? ? ? 6  ? 0.9751 ? 
3.0409 3.2012  ? ? ? 10975 ? ? 883 ? 100.0000 ? ? ? 0.5424 ? ? ? ? ? ? ? ? 12.4292 ? ? ? 3.9096  ? ? ? 7  ? 0.9731 ? 
2.9086 3.0409  ? ? ? 11310 ? ? 881 ? 100.0000 ? ? ? 0.7088 ? ? ? ? ? ? ? ? 12.8377 ? ? ? 3.0327  ? ? ? 8  ? 0.9637 ? 
2.7966 2.9086  ? ? ? 11713 ? ? 894 ? 99.6656  ? ? ? 0.9458 ? ? ? ? ? ? ? ? 13.1018 ? ? ? 2.2529  ? ? ? 9  ? 0.9313 ? 
2.7001 2.7966  ? ? ? 11732 ? ? 873 ? 100.0000 ? ? ? 1.3778 ? ? ? ? ? ? ? ? 13.4387 ? ? ? 1.6334  ? ? ? 10 ? 0.8977 ? 
# 
_refine.aniso_B[1][1]                            ? 
_refine.aniso_B[1][2]                            ? 
_refine.aniso_B[1][3]                            ? 
_refine.aniso_B[2][2]                            ? 
_refine.aniso_B[2][3]                            ? 
_refine.aniso_B[3][3]                            ? 
_refine.B_iso_max                                425.400 
_refine.B_iso_mean                               114.0346 
_refine.B_iso_min                                43.010 
_refine.correlation_coeff_Fo_to_Fc               ? 
_refine.correlation_coeff_Fo_to_Fc_free          ? 
_refine.details                                  'The entry contains friedel pairs in I_plus/minus columns' 
_refine.diff_density_max                         ? 
_refine.diff_density_max_esd                     ? 
_refine.diff_density_min                         ? 
_refine.diff_density_min_esd                     ? 
_refine.diff_density_rms                         ? 
_refine.diff_density_rms_esd                     ? 
_refine.entry_id                                 6IU3 
_refine.pdbx_refine_id                           'X-RAY DIFFRACTION' 
_refine.ls_abs_structure_details                 ? 
_refine.ls_abs_structure_Flack                   ? 
_refine.ls_abs_structure_Flack_esd               ? 
_refine.ls_abs_structure_Rogers                  ? 
_refine.ls_abs_structure_Rogers_esd              ? 
_refine.ls_d_res_high                            2.7000 
_refine.ls_d_res_low                             48.3730 
_refine.ls_extinction_coef                       ? 
_refine.ls_extinction_coef_esd                   ? 
_refine.ls_extinction_expression                 ? 
_refine.ls_extinction_method                     ? 
_refine.ls_goodness_of_fit_all                   ? 
_refine.ls_goodness_of_fit_all_esd               ? 
_refine.ls_goodness_of_fit_obs                   ? 
_refine.ls_goodness_of_fit_obs_esd               ? 
_refine.ls_hydrogen_treatment                    ? 
_refine.ls_matrix_type                           ? 
_refine.ls_number_constraints                    ? 
_refine.ls_number_parameters                     ? 
_refine.ls_number_reflns_all                     ? 
_refine.ls_number_reflns_obs                     16510 
_refine.ls_number_reflns_R_free                  1643 
_refine.ls_number_reflns_R_work                  14867 
_refine.ls_number_restraints                     ? 
_refine.ls_percent_reflns_obs                    99.3600 
_refine.ls_percent_reflns_R_free                 9.9500 
_refine.ls_R_factor_all                          ? 
_refine.ls_R_factor_obs                          0.2796 
_refine.ls_R_factor_R_free                       0.3050 
_refine.ls_R_factor_R_free_error                 ? 
_refine.ls_R_factor_R_free_error_details         ? 
_refine.ls_R_factor_R_work                       0.2768 
_refine.ls_R_Fsqd_factor_obs                     ? 
_refine.ls_R_I_factor_obs                        ? 
_refine.ls_redundancy_reflns_all                 ? 
_refine.ls_redundancy_reflns_obs                 ? 
_refine.ls_restrained_S_all                      ? 
_refine.ls_restrained_S_obs                      ? 
_refine.ls_shift_over_esd_max                    ? 
_refine.ls_shift_over_esd_mean                   ? 
_refine.ls_structure_factor_coef                 ? 
_refine.ls_weighting_details                     ? 
_refine.ls_weighting_scheme                      ? 
_refine.ls_wR_factor_all                         ? 
_refine.ls_wR_factor_obs                         ? 
_refine.ls_wR_factor_R_free                      ? 
_refine.ls_wR_factor_R_work                      ? 
_refine.occupancy_max                            ? 
_refine.occupancy_min                            ? 
_refine.solvent_model_details                    'FLAT BULK SOLVENT MODEL' 
_refine.solvent_model_param_bsol                 ? 
_refine.solvent_model_param_ksol                 ? 
_refine.ls_R_factor_gt                           ? 
_refine.ls_goodness_of_fit_gt                    ? 
_refine.ls_goodness_of_fit_ref                   ? 
_refine.ls_shift_over_su_max                     ? 
_refine.ls_shift_over_su_max_lt                  ? 
_refine.ls_shift_over_su_mean                    ? 
_refine.ls_shift_over_su_mean_lt                 ? 
_refine.pdbx_ls_sigma_I                          ? 
_refine.pdbx_ls_sigma_F                          1.340 
_refine.pdbx_ls_sigma_Fsqd                       ? 
_refine.pdbx_data_cutoff_high_absF               ? 
_refine.pdbx_data_cutoff_high_rms_absF           ? 
_refine.pdbx_data_cutoff_low_absF                ? 
_refine.pdbx_isotropic_thermal_model             ? 
_refine.pdbx_ls_cross_valid_method               THROUGHOUT 
_refine.pdbx_method_to_determine_struct          SAD 
_refine.pdbx_starting_model                      ? 
_refine.pdbx_stereochemistry_target_values       ML 
_refine.pdbx_R_Free_selection_details            ? 
_refine.pdbx_stereochem_target_val_spec_case     ? 
_refine.pdbx_overall_ESU_R                       ? 
_refine.pdbx_overall_ESU_R_Free                  ? 
_refine.pdbx_solvent_vdw_probe_radii             1.1100 
_refine.pdbx_solvent_ion_probe_radii             ? 
_refine.pdbx_solvent_shrinkage_radii             0.9000 
_refine.pdbx_real_space_R                        ? 
_refine.pdbx_density_correlation                 ? 
_refine.pdbx_pd_number_of_powder_patterns        ? 
_refine.pdbx_pd_number_of_points                 ? 
_refine.pdbx_pd_meas_number_of_points            ? 
_refine.pdbx_pd_proc_ls_prof_R_factor            ? 
_refine.pdbx_pd_proc_ls_prof_wR_factor           ? 
_refine.pdbx_pd_Marquardt_correlation_coeff      ? 
_refine.pdbx_pd_Fsqrd_R_factor                   ? 
_refine.pdbx_pd_ls_matrix_band_width             ? 
_refine.pdbx_overall_phase_error                 37.1300 
_refine.pdbx_overall_SU_R_free_Cruickshank_DPI   ? 
_refine.pdbx_overall_SU_R_free_Blow_DPI          ? 
_refine.pdbx_overall_SU_R_Blow_DPI               ? 
_refine.pdbx_TLS_residual_ADP_flag               ? 
_refine.pdbx_diffrn_id                           1 
_refine.overall_SU_B                             ? 
_refine.overall_SU_ML                            0.5100 
_refine.overall_SU_R_Cruickshank_DPI             ? 
_refine.overall_SU_R_free                        ? 
_refine.overall_FOM_free_R_set                   ? 
_refine.overall_FOM_work_R_set                   ? 
_refine.pdbx_average_fsc_overall                 ? 
_refine.pdbx_average_fsc_work                    ? 
_refine.pdbx_average_fsc_free                    ? 
# 
_refine_hist.cycle_id                         final 
_refine_hist.pdbx_refine_id                   'X-RAY DIFFRACTION' 
_refine_hist.d_res_high                       2.7000 
_refine_hist.d_res_low                        48.3730 
_refine_hist.pdbx_number_atoms_ligand         25 
_refine_hist.number_atoms_solvent             0 
_refine_hist.number_atoms_total               1556 
_refine_hist.pdbx_number_residues_total       224 
_refine_hist.pdbx_B_iso_mean_ligand           141.48 
_refine_hist.pdbx_number_atoms_protein        1531 
_refine_hist.pdbx_number_atoms_nucleic_acid   0 
# 
loop_
_refine_ls_shell.pdbx_refine_id 
_refine_ls_shell.d_res_high 
_refine_ls_shell.d_res_low 
_refine_ls_shell.number_reflns_all 
_refine_ls_shell.number_reflns_obs 
_refine_ls_shell.number_reflns_R_free 
_refine_ls_shell.number_reflns_R_work 
_refine_ls_shell.percent_reflns_obs 
_refine_ls_shell.percent_reflns_R_free 
_refine_ls_shell.R_factor_all 
_refine_ls_shell.R_factor_obs 
_refine_ls_shell.R_factor_R_free 
_refine_ls_shell.R_factor_R_free_error 
_refine_ls_shell.R_factor_R_work 
_refine_ls_shell.redundancy_reflns_all 
_refine_ls_shell.redundancy_reflns_obs 
_refine_ls_shell.wR_factor_all 
_refine_ls_shell.wR_factor_obs 
_refine_ls_shell.wR_factor_R_free 
_refine_ls_shell.wR_factor_R_work 
_refine_ls_shell.pdbx_total_number_of_bins_used 
_refine_ls_shell.pdbx_phase_error 
_refine_ls_shell.pdbx_fsc_work 
_refine_ls_shell.pdbx_fsc_free 
'X-RAY DIFFRACTION' 2.7000 2.7795  1341 . 131 1210 99.0000  . . . 0.4173 0.0000 0.3247 . . . . . . 12 . . . 
'X-RAY DIFFRACTION' 2.7795 2.8692  1387 . 140 1247 99.0000  . . . 0.3830 0.0000 0.3414 . . . . . . 12 . . . 
'X-RAY DIFFRACTION' 2.8692 2.9717  1353 . 133 1220 99.0000  . . . 0.3891 0.0000 0.3362 . . . . . . 12 . . . 
'X-RAY DIFFRACTION' 2.9717 3.0907  1412 . 133 1279 100.0000 . . . 0.4532 0.0000 0.3275 . . . . . . 12 . . . 
'X-RAY DIFFRACTION' 3.0907 3.2313  1352 . 133 1219 99.0000  . . . 0.3897 0.0000 0.3355 . . . . . . 12 . . . 
'X-RAY DIFFRACTION' 3.2313 3.4016  1383 . 138 1245 100.0000 . . . 0.3693 0.0000 0.3263 . . . . . . 12 . . . 
'X-RAY DIFFRACTION' 3.4016 3.6147  1392 . 144 1248 100.0000 . . . 0.3366 0.0000 0.3423 . . . . . . 12 . . . 
'X-RAY DIFFRACTION' 3.6147 3.8937  1384 . 137 1247 100.0000 . . . 0.3767 0.0000 0.3024 . . . . . . 12 . . . 
'X-RAY DIFFRACTION' 3.8937 4.2853  1389 . 141 1248 100.0000 . . . 0.3741 0.0000 0.2680 . . . . . . 12 . . . 
'X-RAY DIFFRACTION' 4.2853 4.9049  1329 . 133 1196 97.0000  . . . 0.2377 0.0000 0.2436 . . . . . . 12 . . . 
'X-RAY DIFFRACTION' 4.9049 6.1776  1395 . 142 1253 100.0000 . . . 0.3129 0.0000 0.2927 . . . . . . 12 . . . 
'X-RAY DIFFRACTION' 6.1776 48.3811 1393 . 138 1255 100.0000 . . . 0.2128 0.0000 0.2205 . . . . . . 12 . . . 
# 
_struct.entry_id                     6IU3 
_struct.title                        'Crystal structure of iron transporter VIT1 with zinc ions' 
_struct.pdbx_model_details           ? 
_struct.pdbx_formula_weight          ? 
_struct.pdbx_formula_weight_method   ? 
_struct.pdbx_model_type_details      ? 
_struct.pdbx_CASP_flag               N 
# 
_struct_keywords.entry_id        6IU3 
_struct_keywords.text            'membrane protein, METAL TRANSPORT' 
_struct_keywords.pdbx_keywords   'METAL TRANSPORT' 
# 
loop_
_struct_asym.id 
_struct_asym.pdbx_blank_PDB_chainid_flag 
_struct_asym.pdbx_modified 
_struct_asym.entity_id 
_struct_asym.details 
A N N 1 ? 
B N N 2 ? 
C N N 3 ? 
D N N 3 ? 
E N N 3 ? 
# 
_struct_ref.id                         1 
_struct_ref.db_name                    PDB 
_struct_ref.db_code                    6IU3 
_struct_ref.pdbx_db_accession          6IU3 
_struct_ref.pdbx_db_isoform            ? 
_struct_ref.entity_id                  1 
_struct_ref.pdbx_seq_one_letter_code   ? 
_struct_ref.pdbx_align_begin           1 
# 
_struct_ref_seq.align_id                      1 
_struct_ref_seq.ref_id                        1 
_struct_ref_seq.pdbx_PDB_id_code              6IU3 
_struct_ref_seq.pdbx_strand_id                A 
_struct_ref_seq.seq_align_beg                 1 
_struct_ref_seq.pdbx_seq_align_beg_ins_code   ? 
_struct_ref_seq.seq_align_end                 234 
_struct_ref_seq.pdbx_seq_align_end_ins_code   ? 
_struct_ref_seq.pdbx_db_accession             6IU3 
_struct_ref_seq.db_align_beg                  22 
_struct_ref_seq.pdbx_db_align_beg_ins_code    ? 
_struct_ref_seq.db_align_end                  255 
_struct_ref_seq.pdbx_db_align_end_ins_code    ? 
_struct_ref_seq.pdbx_auth_seq_align_beg       22 
_struct_ref_seq.pdbx_auth_seq_align_end       255 
# 
_pdbx_struct_assembly.id                   1 
_pdbx_struct_assembly.details              author_and_software_defined_assembly 
_pdbx_struct_assembly.method_details       PISA 
_pdbx_struct_assembly.oligomeric_details   dimeric 
_pdbx_struct_assembly.oligomeric_count     2 
# 
loop_
_pdbx_struct_assembly_prop.biol_id 
_pdbx_struct_assembly_prop.type 
_pdbx_struct_assembly_prop.value 
_pdbx_struct_assembly_prop.details 
1 'ABSA (A^2)' 4310  ? 
1 MORE         -226  ? 
1 'SSA (A^2)'  22530 ? 
# 
_pdbx_struct_assembly_gen.assembly_id       1 
_pdbx_struct_assembly_gen.oper_expression   1,2 
_pdbx_struct_assembly_gen.asym_id_list      A,B,C,D,E 
# 
_pdbx_struct_assembly_auth_evidence.id                     1 
_pdbx_struct_assembly_auth_evidence.assembly_id            1 
_pdbx_struct_assembly_auth_evidence.experimental_support   'gel filtration' 
_pdbx_struct_assembly_auth_evidence.details                ? 
# 
loop_
_pdbx_struct_oper_list.id 
_pdbx_struct_oper_list.type 
_pdbx_struct_oper_list.name 
_pdbx_struct_oper_list.symmetry_operation 
_pdbx_struct_oper_list.matrix[1][1] 
_pdbx_struct_oper_list.matrix[1][2] 
_pdbx_struct_oper_list.matrix[1][3] 
_pdbx_struct_oper_list.vector[1] 
_pdbx_struct_oper_list.matrix[2][1] 
_pdbx_struct_oper_list.matrix[2][2] 
_pdbx_struct_oper_list.matrix[2][3] 
_pdbx_struct_oper_list.vector[2] 
_pdbx_struct_oper_list.matrix[3][1] 
_pdbx_struct_oper_list.matrix[3][2] 
_pdbx_struct_oper_list.matrix[3][3] 
_pdbx_struct_oper_list.vector[3] 
1 'identity operation'         1_555 x,y,z       1.0000000000  0.0000000000 0.0000000000  0.0000000000 0.0000000000 1.0000000000  0.0000000000  0.0000000000  0.0000000000  0.0000000000  1.0000000000 0.0000000000 
2 'crystal symmetry operation' 3_555 -x,y,-z+1/2 -0.5945394405 0.4760047290 -0.6480295916 5.7543424707 0.4760047290 -0.4411774542 -0.7607772025 -0.4115460136 -0.6480295916 -0.7607772025 0.0357168948 3.2980917793 
# 
loop_
_struct_conf.conf_type_id 
_struct_conf.id 
_struct_conf.pdbx_PDB_helix_id 
_struct_conf.beg_label_comp_id 
_struct_conf.beg_label_asym_id 
_struct_conf.beg_label_seq_id 
_struct_conf.pdbx_beg_PDB_ins_code 
_struct_conf.end_label_comp_id 
_struct_conf.end_label_asym_id 
_struct_conf.end_label_seq_id 
_struct_conf.pdbx_end_PDB_ins_code 
_struct_conf.beg_auth_comp_id 
_struct_conf.beg_auth_asym_id 
_struct_conf.beg_auth_seq_id 
_struct_conf.end_auth_comp_id 
_struct_conf.end_auth_asym_id 
_struct_conf.end_auth_seq_id 
_struct_conf.pdbx_PDB_helix_class 
_struct_conf.details 
_struct_conf.pdbx_PDB_helix_length 
HELX_P HELX_P1  AA1 GLU A 11  ? GLY A 19  ? GLU A 32  GLY A 40  1 ? 9  
HELX_P HELX_P2  AA2 GLY A 19  ? LEU A 24  ? GLY A 40  LEU A 45  1 ? 6  
HELX_P HELX_P3  AA3 THR A 25  ? ALA A 37  ? THR A 46  ALA A 58  1 ? 13 
HELX_P HELX_P4  AA4 SER A 40  ? VAL A 88  ? SER A 61  VAL A 109 1 ? 49 
HELX_P HELX_P5  AA5 VAL A 88  ? TYR A 103 ? VAL A 109 TYR A 124 1 ? 16 
HELX_P HELX_P6  AA6 GLU A 106 ? LYS A 120 ? GLU A 127 LYS A 141 1 ? 15 
HELX_P HELX_P7  AA7 LYS A 120 ? LEU A 133 ? LYS A 141 LEU A 154 1 ? 14 
HELX_P HELX_P8  AA8 ASP A 139 ? ILE A 168 ? ASP A 160 ILE A 189 1 ? 30 
HELX_P HELX_P9  AA9 VAL A 170 ? PHE A 196 ? VAL A 191 PHE A 217 1 ? 27 
HELX_P HELX_P10 AB1 LYS A 200 ? GLN A 227 ? LYS A 221 GLN A 248 1 ? 28 
# 
_struct_conf_type.id          HELX_P 
_struct_conf_type.criteria    ? 
_struct_conf_type.reference   ? 
# 
loop_
_struct_conn.id 
_struct_conn.conn_type_id 
_struct_conn.pdbx_leaving_atom_flag 
_struct_conn.pdbx_PDB_id 
_struct_conn.ptnr1_label_asym_id 
_struct_conn.ptnr1_label_comp_id 
_struct_conn.ptnr1_label_seq_id 
_struct_conn.ptnr1_label_atom_id 
_struct_conn.pdbx_ptnr1_label_alt_id 
_struct_conn.pdbx_ptnr1_PDB_ins_code 
_struct_conn.pdbx_ptnr1_standard_comp_id 
_struct_conn.ptnr1_symmetry 
_struct_conn.ptnr2_label_asym_id 
_struct_conn.ptnr2_label_comp_id 
_struct_conn.ptnr2_label_seq_id 
_struct_conn.ptnr2_label_atom_id 
_struct_conn.pdbx_ptnr2_label_alt_id 
_struct_conn.pdbx_ptnr2_PDB_ins_code 
_struct_conn.ptnr1_auth_asym_id 
_struct_conn.ptnr1_auth_comp_id 
_struct_conn.ptnr1_auth_seq_id 
_struct_conn.ptnr2_auth_asym_id 
_struct_conn.ptnr2_auth_comp_id 
_struct_conn.ptnr2_auth_seq_id 
_struct_conn.ptnr2_symmetry 
_struct_conn.pdbx_ptnr3_label_atom_id 
_struct_conn.pdbx_ptnr3_label_seq_id 
_struct_conn.pdbx_ptnr3_label_comp_id 
_struct_conn.pdbx_ptnr3_label_asym_id 
_struct_conn.pdbx_ptnr3_label_alt_id 
_struct_conn.pdbx_ptnr3_PDB_ins_code 
_struct_conn.details 
_struct_conn.pdbx_dist_value 
_struct_conn.pdbx_value_order 
_struct_conn.pdbx_role 
metalc1  metalc ? ? A GLU 81  OE2 ? ? ? 1_555 D ZN . ZN ? ? A GLU 102 A ZN 303 1_555 ? ? ? ? ? ? ? 1.962 ? ? 
metalc2  metalc ? ? A GLU 84  OE1 ? ? ? 1_555 C ZN . ZN ? ? A GLU 105 A ZN 302 1_555 ? ? ? ? ? ? ? 2.034 ? ? 
metalc3  metalc ? ? A GLU 84  OE2 ? ? ? 1_555 E ZN . ZN ? ? A GLU 105 A ZN 304 1_555 ? ? ? ? ? ? ? 1.965 ? ? 
metalc4  metalc ? ? A GLU 92  OE1 ? ? ? 1_555 D ZN . ZN ? ? A GLU 113 A ZN 303 1_555 ? ? ? ? ? ? ? 2.321 ? ? 
metalc5  metalc ? ? A GLU 92  OE2 ? ? ? 1_555 D ZN . ZN ? ? A GLU 113 A ZN 303 1_555 ? ? ? ? ? ? ? 2.081 ? ? 
metalc6  metalc ? ? A GLU 92  OE1 ? ? ? 1_555 E ZN . ZN ? ? A GLU 113 A ZN 304 1_555 ? ? ? ? ? ? ? 2.255 ? ? 
metalc7  metalc ? ? A GLU 95  OE1 ? ? ? 1_555 D ZN . ZN ? ? A GLU 116 A ZN 303 1_555 ? ? ? ? ? ? ? 1.990 ? ? 
metalc8  metalc ? ? A GLU 95  OE2 ? ? ? 1_555 D ZN . ZN ? ? A GLU 116 A ZN 303 1_555 ? ? ? ? ? ? ? 2.622 ? ? 
metalc9  metalc ? ? A GLU 95  OE2 ? ? ? 1_555 E ZN . ZN ? ? A GLU 116 A ZN 304 1_555 ? ? ? ? ? ? ? 2.201 ? ? 
metalc10 metalc ? ? A MET 128 SD  ? ? ? 1_555 D ZN . ZN ? ? A MET 149 A ZN 303 1_555 ? ? ? ? ? ? ? 1.915 ? ? 
# 
_struct_conn_type.id          metalc 
_struct_conn_type.criteria    ? 
_struct_conn_type.reference   ? 
# 
loop_
_pdbx_struct_conn_angle.id 
_pdbx_struct_conn_angle.ptnr1_label_atom_id 
_pdbx_struct_conn_angle.ptnr1_label_alt_id 
_pdbx_struct_conn_angle.ptnr1_label_asym_id 
_pdbx_struct_conn_angle.ptnr1_label_comp_id 
_pdbx_struct_conn_angle.ptnr1_label_seq_id 
_pdbx_struct_conn_angle.ptnr1_auth_atom_id 
_pdbx_struct_conn_angle.ptnr1_auth_asym_id 
_pdbx_struct_conn_angle.ptnr1_auth_comp_id 
_pdbx_struct_conn_angle.ptnr1_auth_seq_id 
_pdbx_struct_conn_angle.ptnr1_PDB_ins_code 
_pdbx_struct_conn_angle.ptnr1_symmetry 
_pdbx_struct_conn_angle.ptnr2_label_atom_id 
_pdbx_struct_conn_angle.ptnr2_label_alt_id 
_pdbx_struct_conn_angle.ptnr2_label_asym_id 
_pdbx_struct_conn_angle.ptnr2_label_comp_id 
_pdbx_struct_conn_angle.ptnr2_label_seq_id 
_pdbx_struct_conn_angle.ptnr2_auth_atom_id 
_pdbx_struct_conn_angle.ptnr2_auth_asym_id 
_pdbx_struct_conn_angle.ptnr2_auth_comp_id 
_pdbx_struct_conn_angle.ptnr2_auth_seq_id 
_pdbx_struct_conn_angle.ptnr2_PDB_ins_code 
_pdbx_struct_conn_angle.ptnr2_symmetry 
_pdbx_struct_conn_angle.ptnr3_label_atom_id 
_pdbx_struct_conn_angle.ptnr3_label_alt_id 
_pdbx_struct_conn_angle.ptnr3_label_asym_id 
_pdbx_struct_conn_angle.ptnr3_label_comp_id 
_pdbx_struct_conn_angle.ptnr3_label_seq_id 
_pdbx_struct_conn_angle.ptnr3_auth_atom_id 
_pdbx_struct_conn_angle.ptnr3_auth_asym_id 
_pdbx_struct_conn_angle.ptnr3_auth_comp_id 
_pdbx_struct_conn_angle.ptnr3_auth_seq_id 
_pdbx_struct_conn_angle.ptnr3_PDB_ins_code 
_pdbx_struct_conn_angle.ptnr3_symmetry 
_pdbx_struct_conn_angle.value 
_pdbx_struct_conn_angle.value_esd 
1  OE2 ? A GLU 81 ? A GLU 102 ? 1_555 ZN ? D ZN . ? A ZN 303 ? 1_555 OE1 ? A GLU 92  ? A GLU 113 ? 1_555 77.9  ? 
2  OE2 ? A GLU 81 ? A GLU 102 ? 1_555 ZN ? D ZN . ? A ZN 303 ? 1_555 OE2 ? A GLU 92  ? A GLU 113 ? 1_555 54.6  ? 
3  OE1 ? A GLU 92 ? A GLU 113 ? 1_555 ZN ? D ZN . ? A ZN 303 ? 1_555 OE2 ? A GLU 92  ? A GLU 113 ? 1_555 59.4  ? 
4  OE2 ? A GLU 81 ? A GLU 102 ? 1_555 ZN ? D ZN . ? A ZN 303 ? 1_555 OE1 ? A GLU 95  ? A GLU 116 ? 1_555 93.7  ? 
5  OE1 ? A GLU 92 ? A GLU 113 ? 1_555 ZN ? D ZN . ? A ZN 303 ? 1_555 OE1 ? A GLU 95  ? A GLU 116 ? 1_555 158.4 ? 
6  OE2 ? A GLU 92 ? A GLU 113 ? 1_555 ZN ? D ZN . ? A ZN 303 ? 1_555 OE1 ? A GLU 95  ? A GLU 116 ? 1_555 130.8 ? 
7  OE2 ? A GLU 81 ? A GLU 102 ? 1_555 ZN ? D ZN . ? A ZN 303 ? 1_555 OE2 ? A GLU 95  ? A GLU 116 ? 1_555 113.6 ? 
8  OE1 ? A GLU 92 ? A GLU 113 ? 1_555 ZN ? D ZN . ? A ZN 303 ? 1_555 OE2 ? A GLU 95  ? A GLU 116 ? 1_555 110.2 ? 
9  OE2 ? A GLU 92 ? A GLU 113 ? 1_555 ZN ? D ZN . ? A ZN 303 ? 1_555 OE2 ? A GLU 95  ? A GLU 116 ? 1_555 164.2 ? 
10 OE1 ? A GLU 95 ? A GLU 116 ? 1_555 ZN ? D ZN . ? A ZN 303 ? 1_555 OE2 ? A GLU 95  ? A GLU 116 ? 1_555 54.7  ? 
11 OE2 ? A GLU 81 ? A GLU 102 ? 1_555 ZN ? D ZN . ? A ZN 303 ? 1_555 SD  ? A MET 128 ? A MET 149 ? 1_555 65.9  ? 
12 OE1 ? A GLU 92 ? A GLU 113 ? 1_555 ZN ? D ZN . ? A ZN 303 ? 1_555 SD  ? A MET 128 ? A MET 149 ? 1_555 131.7 ? 
13 OE2 ? A GLU 92 ? A GLU 113 ? 1_555 ZN ? D ZN . ? A ZN 303 ? 1_555 SD  ? A MET 128 ? A MET 149 ? 1_555 73.4  ? 
14 OE1 ? A GLU 95 ? A GLU 116 ? 1_555 ZN ? D ZN . ? A ZN 303 ? 1_555 SD  ? A MET 128 ? A MET 149 ? 1_555 58.5  ? 
15 OE2 ? A GLU 95 ? A GLU 116 ? 1_555 ZN ? D ZN . ? A ZN 303 ? 1_555 SD  ? A MET 128 ? A MET 149 ? 1_555 113.1 ? 
16 OE2 ? A GLU 84 ? A GLU 105 ? 1_555 ZN ? E ZN . ? A ZN 304 ? 1_555 OE1 ? A GLU 92  ? A GLU 113 ? 1_555 98.4  ? 
17 OE2 ? A GLU 84 ? A GLU 105 ? 1_555 ZN ? E ZN . ? A ZN 304 ? 1_555 OE2 ? A GLU 95  ? A GLU 116 ? 1_555 130.0 ? 
18 OE1 ? A GLU 92 ? A GLU 113 ? 1_555 ZN ? E ZN . ? A ZN 304 ? 1_555 OE2 ? A GLU 95  ? A GLU 116 ? 1_555 131.2 ? 
# 
loop_
_struct_site.id 
_struct_site.pdbx_evidence_code 
_struct_site.pdbx_auth_asym_id 
_struct_site.pdbx_auth_comp_id 
_struct_site.pdbx_auth_seq_id 
_struct_site.pdbx_auth_ins_code 
_struct_site.pdbx_num_residues 
_struct_site.details 
AC1 Software A OLC 301 ? 3 'binding site for residue OLC A 301' 
AC2 Software A ZN  302 ? 7 'binding site for residue ZN A 302'  
AC3 Software A ZN  303 ? 6 'binding site for residue ZN A 303'  
AC4 Software A ZN  304 ? 6 'binding site for residue ZN A 304'  
# 
loop_
_struct_site_gen.id 
_struct_site_gen.site_id 
_struct_site_gen.pdbx_num_res 
_struct_site_gen.label_comp_id 
_struct_site_gen.label_asym_id 
_struct_site_gen.label_seq_id 
_struct_site_gen.pdbx_auth_ins_code 
_struct_site_gen.auth_comp_id 
_struct_site_gen.auth_asym_id 
_struct_site_gen.auth_seq_id 
_struct_site_gen.label_atom_id 
_struct_site_gen.label_alt_id 
_struct_site_gen.symmetry 
_struct_site_gen.details 
1  AC1 3 LEU A 187 ? LEU A 208 . ? 1_555 ? 
2  AC1 3 TYR A 191 ? TYR A 212 . ? 1_555 ? 
3  AC1 3 ALA A 205 ? ALA A 226 . ? 1_555 ? 
4  AC2 7 GLU A 81  ? GLU A 102 . ? 1_555 ? 
5  AC2 7 GLU A 84  ? GLU A 105 . ? 1_555 ? 
6  AC2 7 GLU A 92  ? GLU A 113 . ? 1_555 ? 
7  AC2 7 GLU A 95  ? GLU A 116 . ? 1_555 ? 
8  AC2 7 GLU A 132 ? GLU A 153 . ? 1_555 ? 
9  AC2 7 ZN  D .   ? ZN  A 303 . ? 1_555 ? 
10 AC2 7 ZN  E .   ? ZN  A 304 . ? 1_555 ? 
11 AC3 6 GLU A 81  ? GLU A 102 . ? 1_555 ? 
12 AC3 6 GLU A 92  ? GLU A 113 . ? 1_555 ? 
13 AC3 6 GLU A 95  ? GLU A 116 . ? 1_555 ? 
14 AC3 6 MET A 128 ? MET A 149 . ? 1_555 ? 
15 AC3 6 ZN  C .   ? ZN  A 302 . ? 1_555 ? 
16 AC3 6 ZN  E .   ? ZN  A 304 . ? 1_555 ? 
17 AC4 6 GLU A 81  ? GLU A 102 . ? 1_555 ? 
18 AC4 6 GLU A 84  ? GLU A 105 . ? 1_555 ? 
19 AC4 6 GLU A 92  ? GLU A 113 . ? 1_555 ? 
20 AC4 6 GLU A 95  ? GLU A 116 . ? 1_555 ? 
21 AC4 6 ZN  C .   ? ZN  A 302 . ? 1_555 ? 
22 AC4 6 ZN  D .   ? ZN  A 303 . ? 1_555 ? 
# 
loop_
_pdbx_validate_close_contact.id 
_pdbx_validate_close_contact.PDB_model_num 
_pdbx_validate_close_contact.auth_atom_id_1 
_pdbx_validate_close_contact.auth_asym_id_1 
_pdbx_validate_close_contact.auth_comp_id_1 
_pdbx_validate_close_contact.auth_seq_id_1 
_pdbx_validate_close_contact.PDB_ins_code_1 
_pdbx_validate_close_contact.label_alt_id_1 
_pdbx_validate_close_contact.auth_atom_id_2 
_pdbx_validate_close_contact.auth_asym_id_2 
_pdbx_validate_close_contact.auth_comp_id_2 
_pdbx_validate_close_contact.auth_seq_id_2 
_pdbx_validate_close_contact.PDB_ins_code_2 
_pdbx_validate_close_contact.label_alt_id_2 
_pdbx_validate_close_contact.dist 
1 1 OE1 A GLU 102 ? ? ZN  A ZN  302 ? ? 1.68 
2 1 OE2 A GLU 102 ? ? OE2 A GLU 113 ? ? 1.86 
3 1 OE1 A GLU 116 ? ? SD  A MET 149 ? ? 1.91 
4 1 OE2 A GLU 102 ? ? SD  A MET 149 ? ? 2.11 
# 
loop_
_pdbx_validate_torsion.id 
_pdbx_validate_torsion.PDB_model_num 
_pdbx_validate_torsion.auth_comp_id 
_pdbx_validate_torsion.auth_asym_id 
_pdbx_validate_torsion.auth_seq_id 
_pdbx_validate_torsion.PDB_ins_code 
_pdbx_validate_torsion.label_alt_id 
_pdbx_validate_torsion.phi 
_pdbx_validate_torsion.psi 
1 1 TYR A 124 ? ? -89.86 37.18   
2 1 THR A 218 ? ? 60.36  -128.73 
3 1 ASN A 220 ? ? -78.20 -162.87 
4 1 LYS A 221 ? ? 55.64  71.57   
# 
loop_
_pdbx_unobs_or_zero_occ_residues.id 
_pdbx_unobs_or_zero_occ_residues.PDB_model_num 
_pdbx_unobs_or_zero_occ_residues.polymer_flag 
_pdbx_unobs_or_zero_occ_residues.occupancy_flag 
_pdbx_unobs_or_zero_occ_residues.auth_asym_id 
_pdbx_unobs_or_zero_occ_residues.auth_comp_id 
_pdbx_unobs_or_zero_occ_residues.auth_seq_id 
_pdbx_unobs_or_zero_occ_residues.PDB_ins_code 
_pdbx_unobs_or_zero_occ_residues.label_asym_id 
_pdbx_unobs_or_zero_occ_residues.label_comp_id 
_pdbx_unobs_or_zero_occ_residues.label_seq_id 
1  1 Y 1 A MET 22 ? A MET 1  
2  1 Y 1 A HIS 23 ? A HIS 2  
3  1 Y 1 A LYS 24 ? A LYS 3  
4  1 Y 1 A GLU 25 ? A GLU 4  
5  1 Y 1 A ALA 26 ? A ALA 5  
6  1 Y 1 A HIS 27 ? A HIS 6  
7  1 Y 1 A PHE 28 ? A PHE 7  
8  1 Y 1 A THR 29 ? A THR 8  
9  1 Y 1 A ALA 30 ? A ALA 9  
10 1 Y 1 A GLY 31 ? A GLY 10 
# 
loop_
_chem_comp_atom.comp_id 
_chem_comp_atom.atom_id 
_chem_comp_atom.type_symbol 
_chem_comp_atom.pdbx_aromatic_flag 
_chem_comp_atom.pdbx_stereo_config 
_chem_comp_atom.pdbx_ordinal 
ALA N    N  N N 1   
ALA CA   C  N S 2   
ALA C    C  N N 3   
ALA O    O  N N 4   
ALA CB   C  N N 5   
ALA OXT  O  N N 6   
ALA H    H  N N 7   
ALA H2   H  N N 8   
ALA HA   H  N N 9   
ALA HB1  H  N N 10  
ALA HB2  H  N N 11  
ALA HB3  H  N N 12  
ALA HXT  H  N N 13  
ARG N    N  N N 14  
ARG CA   C  N S 15  
ARG C    C  N N 16  
ARG O    O  N N 17  
ARG CB   C  N N 18  
ARG CG   C  N N 19  
ARG CD   C  N N 20  
ARG NE   N  N N 21  
ARG CZ   C  N N 22  
ARG NH1  N  N N 23  
ARG NH2  N  N N 24  
ARG OXT  O  N N 25  
ARG H    H  N N 26  
ARG H2   H  N N 27  
ARG HA   H  N N 28  
ARG HB2  H  N N 29  
ARG HB3  H  N N 30  
ARG HG2  H  N N 31  
ARG HG3  H  N N 32  
ARG HD2  H  N N 33  
ARG HD3  H  N N 34  
ARG HE   H  N N 35  
ARG HH11 H  N N 36  
ARG HH12 H  N N 37  
ARG HH21 H  N N 38  
ARG HH22 H  N N 39  
ARG HXT  H  N N 40  
ASN N    N  N N 41  
ASN CA   C  N S 42  
ASN C    C  N N 43  
ASN O    O  N N 44  
ASN CB   C  N N 45  
ASN CG   C  N N 46  
ASN OD1  O  N N 47  
ASN ND2  N  N N 48  
ASN OXT  O  N N 49  
ASN H    H  N N 50  
ASN H2   H  N N 51  
ASN HA   H  N N 52  
ASN HB2  H  N N 53  
ASN HB3  H  N N 54  
ASN HD21 H  N N 55  
ASN HD22 H  N N 56  
ASN HXT  H  N N 57  
ASP N    N  N N 58  
ASP CA   C  N S 59  
ASP C    C  N N 60  
ASP O    O  N N 61  
ASP CB   C  N N 62  
ASP CG   C  N N 63  
ASP OD1  O  N N 64  
ASP OD2  O  N N 65  
ASP OXT  O  N N 66  
ASP H    H  N N 67  
ASP H2   H  N N 68  
ASP HA   H  N N 69  
ASP HB2  H  N N 70  
ASP HB3  H  N N 71  
ASP HD2  H  N N 72  
ASP HXT  H  N N 73  
GLN N    N  N N 74  
GLN CA   C  N S 75  
GLN C    C  N N 76  
GLN O    O  N N 77  
GLN CB   C  N N 78  
GLN CG   C  N N 79  
GLN CD   C  N N 80  
GLN OE1  O  N N 81  
GLN NE2  N  N N 82  
GLN OXT  O  N N 83  
GLN H    H  N N 84  
GLN H2   H  N N 85  
GLN HA   H  N N 86  
GLN HB2  H  N N 87  
GLN HB3  H  N N 88  
GLN HG2  H  N N 89  
GLN HG3  H  N N 90  
GLN HE21 H  N N 91  
GLN HE22 H  N N 92  
GLN HXT  H  N N 93  
GLU N    N  N N 94  
GLU CA   C  N S 95  
GLU C    C  N N 96  
GLU O    O  N N 97  
GLU CB   C  N N 98  
GLU CG   C  N N 99  
GLU CD   C  N N 100 
GLU OE1  O  N N 101 
GLU OE2  O  N N 102 
GLU OXT  O  N N 103 
GLU H    H  N N 104 
GLU H2   H  N N 105 
GLU HA   H  N N 106 
GLU HB2  H  N N 107 
GLU HB3  H  N N 108 
GLU HG2  H  N N 109 
GLU HG3  H  N N 110 
GLU HE2  H  N N 111 
GLU HXT  H  N N 112 
GLY N    N  N N 113 
GLY CA   C  N N 114 
GLY C    C  N N 115 
GLY O    O  N N 116 
GLY OXT  O  N N 117 
GLY H    H  N N 118 
GLY H2   H  N N 119 
GLY HA2  H  N N 120 
GLY HA3  H  N N 121 
GLY HXT  H  N N 122 
HIS N    N  N N 123 
HIS CA   C  N S 124 
HIS C    C  N N 125 
HIS O    O  N N 126 
HIS CB   C  N N 127 
HIS CG   C  Y N 128 
HIS ND1  N  Y N 129 
HIS CD2  C  Y N 130 
HIS CE1  C  Y N 131 
HIS NE2  N  Y N 132 
HIS OXT  O  N N 133 
HIS H    H  N N 134 
HIS H2   H  N N 135 
HIS HA   H  N N 136 
HIS HB2  H  N N 137 
HIS HB3  H  N N 138 
HIS HD1  H  N N 139 
HIS HD2  H  N N 140 
HIS HE1  H  N N 141 
HIS HE2  H  N N 142 
HIS HXT  H  N N 143 
ILE N    N  N N 144 
ILE CA   C  N S 145 
ILE C    C  N N 146 
ILE O    O  N N 147 
ILE CB   C  N S 148 
ILE CG1  C  N N 149 
ILE CG2  C  N N 150 
ILE CD1  C  N N 151 
ILE OXT  O  N N 152 
ILE H    H  N N 153 
ILE H2   H  N N 154 
ILE HA   H  N N 155 
ILE HB   H  N N 156 
ILE HG12 H  N N 157 
ILE HG13 H  N N 158 
ILE HG21 H  N N 159 
ILE HG22 H  N N 160 
ILE HG23 H  N N 161 
ILE HD11 H  N N 162 
ILE HD12 H  N N 163 
ILE HD13 H  N N 164 
ILE HXT  H  N N 165 
LEU N    N  N N 166 
LEU CA   C  N S 167 
LEU C    C  N N 168 
LEU O    O  N N 169 
LEU CB   C  N N 170 
LEU CG   C  N N 171 
LEU CD1  C  N N 172 
LEU CD2  C  N N 173 
LEU OXT  O  N N 174 
LEU H    H  N N 175 
LEU H2   H  N N 176 
LEU HA   H  N N 177 
LEU HB2  H  N N 178 
LEU HB3  H  N N 179 
LEU HG   H  N N 180 
LEU HD11 H  N N 181 
LEU HD12 H  N N 182 
LEU HD13 H  N N 183 
LEU HD21 H  N N 184 
LEU HD22 H  N N 185 
LEU HD23 H  N N 186 
LEU HXT  H  N N 187 
LYS N    N  N N 188 
LYS CA   C  N S 189 
LYS C    C  N N 190 
LYS O    O  N N 191 
LYS CB   C  N N 192 
LYS CG   C  N N 193 
LYS CD   C  N N 194 
LYS CE   C  N N 195 
LYS NZ   N  N N 196 
LYS OXT  O  N N 197 
LYS H    H  N N 198 
LYS H2   H  N N 199 
LYS HA   H  N N 200 
LYS HB2  H  N N 201 
LYS HB3  H  N N 202 
LYS HG2  H  N N 203 
LYS HG3  H  N N 204 
LYS HD2  H  N N 205 
LYS HD3  H  N N 206 
LYS HE2  H  N N 207 
LYS HE3  H  N N 208 
LYS HZ1  H  N N 209 
LYS HZ2  H  N N 210 
LYS HZ3  H  N N 211 
LYS HXT  H  N N 212 
MET N    N  N N 213 
MET CA   C  N S 214 
MET C    C  N N 215 
MET O    O  N N 216 
MET CB   C  N N 217 
MET CG   C  N N 218 
MET SD   S  N N 219 
MET CE   C  N N 220 
MET OXT  O  N N 221 
MET H    H  N N 222 
MET H2   H  N N 223 
MET HA   H  N N 224 
MET HB2  H  N N 225 
MET HB3  H  N N 226 
MET HG2  H  N N 227 
MET HG3  H  N N 228 
MET HE1  H  N N 229 
MET HE2  H  N N 230 
MET HE3  H  N N 231 
MET HXT  H  N N 232 
OLC C18  C  N N 233 
OLC C10  C  N N 234 
OLC C9   C  N N 235 
OLC C17  C  N N 236 
OLC C11  C  N N 237 
OLC C8   C  N N 238 
OLC C24  C  N N 239 
OLC C16  C  N N 240 
OLC C12  C  N N 241 
OLC C7   C  N N 242 
OLC C15  C  N N 243 
OLC C13  C  N N 244 
OLC C6   C  N N 245 
OLC C14  C  N N 246 
OLC C5   C  N N 247 
OLC C4   C  N N 248 
OLC C3   C  N N 249 
OLC C2   C  N N 250 
OLC C21  C  N N 251 
OLC C1   C  N N 252 
OLC C22  C  N R 253 
OLC O19  O  N N 254 
OLC O25  O  N N 255 
OLC O23  O  N N 256 
OLC O20  O  N N 257 
OLC H18  H  N N 258 
OLC H18A H  N N 259 
OLC H18B H  N N 260 
OLC H10  H  N N 261 
OLC H9   H  N N 262 
OLC H17  H  N N 263 
OLC H17A H  N N 264 
OLC H11  H  N N 265 
OLC H11A H  N N 266 
OLC H8   H  N N 267 
OLC H8A  H  N N 268 
OLC H24  H  N N 269 
OLC H24A H  N N 270 
OLC H16  H  N N 271 
OLC H16A H  N N 272 
OLC H12  H  N N 273 
OLC H12A H  N N 274 
OLC H7   H  N N 275 
OLC H7A  H  N N 276 
OLC H15  H  N N 277 
OLC H15A H  N N 278 
OLC H13  H  N N 279 
OLC H13A H  N N 280 
OLC H6   H  N N 281 
OLC H6A  H  N N 282 
OLC H14  H  N N 283 
OLC H14A H  N N 284 
OLC H5   H  N N 285 
OLC H5A  H  N N 286 
OLC H4   H  N N 287 
OLC H4A  H  N N 288 
OLC H3   H  N N 289 
OLC H3A  H  N N 290 
OLC H2   H  N N 291 
OLC H2A  H  N N 292 
OLC H21  H  N N 293 
OLC H21A H  N N 294 
OLC H22  H  N N 295 
OLC HO25 H  N N 296 
OLC HO23 H  N N 297 
PHE N    N  N N 298 
PHE CA   C  N S 299 
PHE C    C  N N 300 
PHE O    O  N N 301 
PHE CB   C  N N 302 
PHE CG   C  Y N 303 
PHE CD1  C  Y N 304 
PHE CD2  C  Y N 305 
PHE CE1  C  Y N 306 
PHE CE2  C  Y N 307 
PHE CZ   C  Y N 308 
PHE OXT  O  N N 309 
PHE H    H  N N 310 
PHE H2   H  N N 311 
PHE HA   H  N N 312 
PHE HB2  H  N N 313 
PHE HB3  H  N N 314 
PHE HD1  H  N N 315 
PHE HD2  H  N N 316 
PHE HE1  H  N N 317 
PHE HE2  H  N N 318 
PHE HZ   H  N N 319 
PHE HXT  H  N N 320 
PRO N    N  N N 321 
PRO CA   C  N S 322 
PRO C    C  N N 323 
PRO O    O  N N 324 
PRO CB   C  N N 325 
PRO CG   C  N N 326 
PRO CD   C  N N 327 
PRO OXT  O  N N 328 
PRO H    H  N N 329 
PRO HA   H  N N 330 
PRO HB2  H  N N 331 
PRO HB3  H  N N 332 
PRO HG2  H  N N 333 
PRO HG3  H  N N 334 
PRO HD2  H  N N 335 
PRO HD3  H  N N 336 
PRO HXT  H  N N 337 
SER N    N  N N 338 
SER CA   C  N S 339 
SER C    C  N N 340 
SER O    O  N N 341 
SER CB   C  N N 342 
SER OG   O  N N 343 
SER OXT  O  N N 344 
SER H    H  N N 345 
SER H2   H  N N 346 
SER HA   H  N N 347 
SER HB2  H  N N 348 
SER HB3  H  N N 349 
SER HG   H  N N 350 
SER HXT  H  N N 351 
THR N    N  N N 352 
THR CA   C  N S 353 
THR C    C  N N 354 
THR O    O  N N 355 
THR CB   C  N R 356 
THR OG1  O  N N 357 
THR CG2  C  N N 358 
THR OXT  O  N N 359 
THR H    H  N N 360 
THR H2   H  N N 361 
THR HA   H  N N 362 
THR HB   H  N N 363 
THR HG1  H  N N 364 
THR HG21 H  N N 365 
THR HG22 H  N N 366 
THR HG23 H  N N 367 
THR HXT  H  N N 368 
TRP N    N  N N 369 
TRP CA   C  N S 370 
TRP C    C  N N 371 
TRP O    O  N N 372 
TRP CB   C  N N 373 
TRP CG   C  Y N 374 
TRP CD1  C  Y N 375 
TRP CD2  C  Y N 376 
TRP NE1  N  Y N 377 
TRP CE2  C  Y N 378 
TRP CE3  C  Y N 379 
TRP CZ2  C  Y N 380 
TRP CZ3  C  Y N 381 
TRP CH2  C  Y N 382 
TRP OXT  O  N N 383 
TRP H    H  N N 384 
TRP H2   H  N N 385 
TRP HA   H  N N 386 
TRP HB2  H  N N 387 
TRP HB3  H  N N 388 
TRP HD1  H  N N 389 
TRP HE1  H  N N 390 
TRP HE3  H  N N 391 
TRP HZ2  H  N N 392 
TRP HZ3  H  N N 393 
TRP HH2  H  N N 394 
TRP HXT  H  N N 395 
TYR N    N  N N 396 
TYR CA   C  N S 397 
TYR C    C  N N 398 
TYR O    O  N N 399 
TYR CB   C  N N 400 
TYR CG   C  Y N 401 
TYR CD1  C  Y N 402 
TYR CD2  C  Y N 403 
TYR CE1  C  Y N 404 
TYR CE2  C  Y N 405 
TYR CZ   C  Y N 406 
TYR OH   O  N N 407 
TYR OXT  O  N N 408 
TYR H    H  N N 409 
TYR H2   H  N N 410 
TYR HA   H  N N 411 
TYR HB2  H  N N 412 
TYR HB3  H  N N 413 
TYR HD1  H  N N 414 
TYR HD2  H  N N 415 
TYR HE1  H  N N 416 
TYR HE2  H  N N 417 
TYR HH   H  N N 418 
TYR HXT  H  N N 419 
VAL N    N  N N 420 
VAL CA   C  N S 421 
VAL C    C  N N 422 
VAL O    O  N N 423 
VAL CB   C  N N 424 
VAL CG1  C  N N 425 
VAL CG2  C  N N 426 
VAL OXT  O  N N 427 
VAL H    H  N N 428 
VAL H2   H  N N 429 
VAL HA   H  N N 430 
VAL HB   H  N N 431 
VAL HG11 H  N N 432 
VAL HG12 H  N N 433 
VAL HG13 H  N N 434 
VAL HG21 H  N N 435 
VAL HG22 H  N N 436 
VAL HG23 H  N N 437 
VAL HXT  H  N N 438 
ZN  ZN   ZN N N 439 
# 
loop_
_chem_comp_bond.comp_id 
_chem_comp_bond.atom_id_1 
_chem_comp_bond.atom_id_2 
_chem_comp_bond.value_order 
_chem_comp_bond.pdbx_aromatic_flag 
_chem_comp_bond.pdbx_stereo_config 
_chem_comp_bond.pdbx_ordinal 
ALA N   CA   sing N N 1   
ALA N   H    sing N N 2   
ALA N   H2   sing N N 3   
ALA CA  C    sing N N 4   
ALA CA  CB   sing N N 5   
ALA CA  HA   sing N N 6   
ALA C   O    doub N N 7   
ALA C   OXT  sing N N 8   
ALA CB  HB1  sing N N 9   
ALA CB  HB2  sing N N 10  
ALA CB  HB3  sing N N 11  
ALA OXT HXT  sing N N 12  
ARG N   CA   sing N N 13  
ARG N   H    sing N N 14  
ARG N   H2   sing N N 15  
ARG CA  C    sing N N 16  
ARG CA  CB   sing N N 17  
ARG CA  HA   sing N N 18  
ARG C   O    doub N N 19  
ARG C   OXT  sing N N 20  
ARG CB  CG   sing N N 21  
ARG CB  HB2  sing N N 22  
ARG CB  HB3  sing N N 23  
ARG CG  CD   sing N N 24  
ARG CG  HG2  sing N N 25  
ARG CG  HG3  sing N N 26  
ARG CD  NE   sing N N 27  
ARG CD  HD2  sing N N 28  
ARG CD  HD3  sing N N 29  
ARG NE  CZ   sing N N 30  
ARG NE  HE   sing N N 31  
ARG CZ  NH1  sing N N 32  
ARG CZ  NH2  doub N N 33  
ARG NH1 HH11 sing N N 34  
ARG NH1 HH12 sing N N 35  
ARG NH2 HH21 sing N N 36  
ARG NH2 HH22 sing N N 37  
ARG OXT HXT  sing N N 38  
ASN N   CA   sing N N 39  
ASN N   H    sing N N 40  
ASN N   H2   sing N N 41  
ASN CA  C    sing N N 42  
ASN CA  CB   sing N N 43  
ASN CA  HA   sing N N 44  
ASN C   O    doub N N 45  
ASN C   OXT  sing N N 46  
ASN CB  CG   sing N N 47  
ASN CB  HB2  sing N N 48  
ASN CB  HB3  sing N N 49  
ASN CG  OD1  doub N N 50  
ASN CG  ND2  sing N N 51  
ASN ND2 HD21 sing N N 52  
ASN ND2 HD22 sing N N 53  
ASN OXT HXT  sing N N 54  
ASP N   CA   sing N N 55  
ASP N   H    sing N N 56  
ASP N   H2   sing N N 57  
ASP CA  C    sing N N 58  
ASP CA  CB   sing N N 59  
ASP CA  HA   sing N N 60  
ASP C   O    doub N N 61  
ASP C   OXT  sing N N 62  
ASP CB  CG   sing N N 63  
ASP CB  HB2  sing N N 64  
ASP CB  HB3  sing N N 65  
ASP CG  OD1  doub N N 66  
ASP CG  OD2  sing N N 67  
ASP OD2 HD2  sing N N 68  
ASP OXT HXT  sing N N 69  
GLN N   CA   sing N N 70  
GLN N   H    sing N N 71  
GLN N   H2   sing N N 72  
GLN CA  C    sing N N 73  
GLN CA  CB   sing N N 74  
GLN CA  HA   sing N N 75  
GLN C   O    doub N N 76  
GLN C   OXT  sing N N 77  
GLN CB  CG   sing N N 78  
GLN CB  HB2  sing N N 79  
GLN CB  HB3  sing N N 80  
GLN CG  CD   sing N N 81  
GLN CG  HG2  sing N N 82  
GLN CG  HG3  sing N N 83  
GLN CD  OE1  doub N N 84  
GLN CD  NE2  sing N N 85  
GLN NE2 HE21 sing N N 86  
GLN NE2 HE22 sing N N 87  
GLN OXT HXT  sing N N 88  
GLU N   CA   sing N N 89  
GLU N   H    sing N N 90  
GLU N   H2   sing N N 91  
GLU CA  C    sing N N 92  
GLU CA  CB   sing N N 93  
GLU CA  HA   sing N N 94  
GLU C   O    doub N N 95  
GLU C   OXT  sing N N 96  
GLU CB  CG   sing N N 97  
GLU CB  HB2  sing N N 98  
GLU CB  HB3  sing N N 99  
GLU CG  CD   sing N N 100 
GLU CG  HG2  sing N N 101 
GLU CG  HG3  sing N N 102 
GLU CD  OE1  doub N N 103 
GLU CD  OE2  sing N N 104 
GLU OE2 HE2  sing N N 105 
GLU OXT HXT  sing N N 106 
GLY N   CA   sing N N 107 
GLY N   H    sing N N 108 
GLY N   H2   sing N N 109 
GLY CA  C    sing N N 110 
GLY CA  HA2  sing N N 111 
GLY CA  HA3  sing N N 112 
GLY C   O    doub N N 113 
GLY C   OXT  sing N N 114 
GLY OXT HXT  sing N N 115 
HIS N   CA   sing N N 116 
HIS N   H    sing N N 117 
HIS N   H2   sing N N 118 
HIS CA  C    sing N N 119 
HIS CA  CB   sing N N 120 
HIS CA  HA   sing N N 121 
HIS C   O    doub N N 122 
HIS C   OXT  sing N N 123 
HIS CB  CG   sing N N 124 
HIS CB  HB2  sing N N 125 
HIS CB  HB3  sing N N 126 
HIS CG  ND1  sing Y N 127 
HIS CG  CD2  doub Y N 128 
HIS ND1 CE1  doub Y N 129 
HIS ND1 HD1  sing N N 130 
HIS CD2 NE2  sing Y N 131 
HIS CD2 HD2  sing N N 132 
HIS CE1 NE2  sing Y N 133 
HIS CE1 HE1  sing N N 134 
HIS NE2 HE2  sing N N 135 
HIS OXT HXT  sing N N 136 
ILE N   CA   sing N N 137 
ILE N   H    sing N N 138 
ILE N   H2   sing N N 139 
ILE CA  C    sing N N 140 
ILE CA  CB   sing N N 141 
ILE CA  HA   sing N N 142 
ILE C   O    doub N N 143 
ILE C   OXT  sing N N 144 
ILE CB  CG1  sing N N 145 
ILE CB  CG2  sing N N 146 
ILE CB  HB   sing N N 147 
ILE CG1 CD1  sing N N 148 
ILE CG1 HG12 sing N N 149 
ILE CG1 HG13 sing N N 150 
ILE CG2 HG21 sing N N 151 
ILE CG2 HG22 sing N N 152 
ILE CG2 HG23 sing N N 153 
ILE CD1 HD11 sing N N 154 
ILE CD1 HD12 sing N N 155 
ILE CD1 HD13 sing N N 156 
ILE OXT HXT  sing N N 157 
LEU N   CA   sing N N 158 
LEU N   H    sing N N 159 
LEU N   H2   sing N N 160 
LEU CA  C    sing N N 161 
LEU CA  CB   sing N N 162 
LEU CA  HA   sing N N 163 
LEU C   O    doub N N 164 
LEU C   OXT  sing N N 165 
LEU CB  CG   sing N N 166 
LEU CB  HB2  sing N N 167 
LEU CB  HB3  sing N N 168 
LEU CG  CD1  sing N N 169 
LEU CG  CD2  sing N N 170 
LEU CG  HG   sing N N 171 
LEU CD1 HD11 sing N N 172 
LEU CD1 HD12 sing N N 173 
LEU CD1 HD13 sing N N 174 
LEU CD2 HD21 sing N N 175 
LEU CD2 HD22 sing N N 176 
LEU CD2 HD23 sing N N 177 
LEU OXT HXT  sing N N 178 
LYS N   CA   sing N N 179 
LYS N   H    sing N N 180 
LYS N   H2   sing N N 181 
LYS CA  C    sing N N 182 
LYS CA  CB   sing N N 183 
LYS CA  HA   sing N N 184 
LYS C   O    doub N N 185 
LYS C   OXT  sing N N 186 
LYS CB  CG   sing N N 187 
LYS CB  HB2  sing N N 188 
LYS CB  HB3  sing N N 189 
LYS CG  CD   sing N N 190 
LYS CG  HG2  sing N N 191 
LYS CG  HG3  sing N N 192 
LYS CD  CE   sing N N 193 
LYS CD  HD2  sing N N 194 
LYS CD  HD3  sing N N 195 
LYS CE  NZ   sing N N 196 
LYS CE  HE2  sing N N 197 
LYS CE  HE3  sing N N 198 
LYS NZ  HZ1  sing N N 199 
LYS NZ  HZ2  sing N N 200 
LYS NZ  HZ3  sing N N 201 
LYS OXT HXT  sing N N 202 
MET N   CA   sing N N 203 
MET N   H    sing N N 204 
MET N   H2   sing N N 205 
MET CA  C    sing N N 206 
MET CA  CB   sing N N 207 
MET CA  HA   sing N N 208 
MET C   O    doub N N 209 
MET C   OXT  sing N N 210 
MET CB  CG   sing N N 211 
MET CB  HB2  sing N N 212 
MET CB  HB3  sing N N 213 
MET CG  SD   sing N N 214 
MET CG  HG2  sing N N 215 
MET CG  HG3  sing N N 216 
MET SD  CE   sing N N 217 
MET CE  HE1  sing N N 218 
MET CE  HE2  sing N N 219 
MET CE  HE3  sing N N 220 
MET OXT HXT  sing N N 221 
OLC C18 C17  sing N N 222 
OLC C10 C9   doub N N 223 
OLC C10 C11  sing N N 224 
OLC C9  C8   sing N N 225 
OLC C17 C16  sing N Z 226 
OLC C11 C12  sing N N 227 
OLC C8  C7   sing N N 228 
OLC C24 C22  sing N N 229 
OLC C24 O25  sing N N 230 
OLC C16 C15  sing N N 231 
OLC C12 C13  sing N N 232 
OLC C7  C6   sing N N 233 
OLC C15 C14  sing N N 234 
OLC C13 C14  sing N N 235 
OLC C6  C5   sing N N 236 
OLC C5  C4   sing N N 237 
OLC C4  C3   sing N N 238 
OLC C3  C2   sing N N 239 
OLC C2  C1   sing N N 240 
OLC C21 C22  sing N N 241 
OLC C21 O20  sing N N 242 
OLC C1  O19  doub N N 243 
OLC C1  O20  sing N N 244 
OLC C22 O23  sing N N 245 
OLC C18 H18  sing N N 246 
OLC C18 H18A sing N N 247 
OLC C18 H18B sing N N 248 
OLC C10 H10  sing N N 249 
OLC C9  H9   sing N N 250 
OLC C17 H17  sing N N 251 
OLC C17 H17A sing N N 252 
OLC C11 H11  sing N N 253 
OLC C11 H11A sing N N 254 
OLC C8  H8   sing N N 255 
OLC C8  H8A  sing N N 256 
OLC C24 H24  sing N N 257 
OLC C24 H24A sing N N 258 
OLC C16 H16  sing N N 259 
OLC C16 H16A sing N N 260 
OLC C12 H12  sing N N 261 
OLC C12 H12A sing N N 262 
OLC C7  H7   sing N N 263 
OLC C7  H7A  sing N N 264 
OLC C15 H15  sing N N 265 
OLC C15 H15A sing N N 266 
OLC C13 H13  sing N N 267 
OLC C13 H13A sing N N 268 
OLC C6  H6   sing N N 269 
OLC C6  H6A  sing N N 270 
OLC C14 H14  sing N N 271 
OLC C14 H14A sing N N 272 
OLC C5  H5   sing N N 273 
OLC C5  H5A  sing N N 274 
OLC C4  H4   sing N N 275 
OLC C4  H4A  sing N N 276 
OLC C3  H3   sing N N 277 
OLC C3  H3A  sing N N 278 
OLC C2  H2   sing N N 279 
OLC C2  H2A  sing N N 280 
OLC C21 H21  sing N N 281 
OLC C21 H21A sing N N 282 
OLC C22 H22  sing N N 283 
OLC O25 HO25 sing N N 284 
OLC O23 HO23 sing N N 285 
PHE N   CA   sing N N 286 
PHE N   H    sing N N 287 
PHE N   H2   sing N N 288 
PHE CA  C    sing N N 289 
PHE CA  CB   sing N N 290 
PHE CA  HA   sing N N 291 
PHE C   O    doub N N 292 
PHE C   OXT  sing N N 293 
PHE CB  CG   sing N N 294 
PHE CB  HB2  sing N N 295 
PHE CB  HB3  sing N N 296 
PHE CG  CD1  doub Y N 297 
PHE CG  CD2  sing Y N 298 
PHE CD1 CE1  sing Y N 299 
PHE CD1 HD1  sing N N 300 
PHE CD2 CE2  doub Y N 301 
PHE CD2 HD2  sing N N 302 
PHE CE1 CZ   doub Y N 303 
PHE CE1 HE1  sing N N 304 
PHE CE2 CZ   sing Y N 305 
PHE CE2 HE2  sing N N 306 
PHE CZ  HZ   sing N N 307 
PHE OXT HXT  sing N N 308 
PRO N   CA   sing N N 309 
PRO N   CD   sing N N 310 
PRO N   H    sing N N 311 
PRO CA  C    sing N N 312 
PRO CA  CB   sing N N 313 
PRO CA  HA   sing N N 314 
PRO C   O    doub N N 315 
PRO C   OXT  sing N N 316 
PRO CB  CG   sing N N 317 
PRO CB  HB2  sing N N 318 
PRO CB  HB3  sing N N 319 
PRO CG  CD   sing N N 320 
PRO CG  HG2  sing N N 321 
PRO CG  HG3  sing N N 322 
PRO CD  HD2  sing N N 323 
PRO CD  HD3  sing N N 324 
PRO OXT HXT  sing N N 325 
SER N   CA   sing N N 326 
SER N   H    sing N N 327 
SER N   H2   sing N N 328 
SER CA  C    sing N N 329 
SER CA  CB   sing N N 330 
SER CA  HA   sing N N 331 
SER C   O    doub N N 332 
SER C   OXT  sing N N 333 
SER CB  OG   sing N N 334 
SER CB  HB2  sing N N 335 
SER CB  HB3  sing N N 336 
SER OG  HG   sing N N 337 
SER OXT HXT  sing N N 338 
THR N   CA   sing N N 339 
THR N   H    sing N N 340 
THR N   H2   sing N N 341 
THR CA  C    sing N N 342 
THR CA  CB   sing N N 343 
THR CA  HA   sing N N 344 
THR C   O    doub N N 345 
THR C   OXT  sing N N 346 
THR CB  OG1  sing N N 347 
THR CB  CG2  sing N N 348 
THR CB  HB   sing N N 349 
THR OG1 HG1  sing N N 350 
THR CG2 HG21 sing N N 351 
THR CG2 HG22 sing N N 352 
THR CG2 HG23 sing N N 353 
THR OXT HXT  sing N N 354 
TRP N   CA   sing N N 355 
TRP N   H    sing N N 356 
TRP N   H2   sing N N 357 
TRP CA  C    sing N N 358 
TRP CA  CB   sing N N 359 
TRP CA  HA   sing N N 360 
TRP C   O    doub N N 361 
TRP C   OXT  sing N N 362 
TRP CB  CG   sing N N 363 
TRP CB  HB2  sing N N 364 
TRP CB  HB3  sing N N 365 
TRP CG  CD1  doub Y N 366 
TRP CG  CD2  sing Y N 367 
TRP CD1 NE1  sing Y N 368 
TRP CD1 HD1  sing N N 369 
TRP CD2 CE2  doub Y N 370 
TRP CD2 CE3  sing Y N 371 
TRP NE1 CE2  sing Y N 372 
TRP NE1 HE1  sing N N 373 
TRP CE2 CZ2  sing Y N 374 
TRP CE3 CZ3  doub Y N 375 
TRP CE3 HE3  sing N N 376 
TRP CZ2 CH2  doub Y N 377 
TRP CZ2 HZ2  sing N N 378 
TRP CZ3 CH2  sing Y N 379 
TRP CZ3 HZ3  sing N N 380 
TRP CH2 HH2  sing N N 381 
TRP OXT HXT  sing N N 382 
TYR N   CA   sing N N 383 
TYR N   H    sing N N 384 
TYR N   H2   sing N N 385 
TYR CA  C    sing N N 386 
TYR CA  CB   sing N N 387 
TYR CA  HA   sing N N 388 
TYR C   O    doub N N 389 
TYR C   OXT  sing N N 390 
TYR CB  CG   sing N N 391 
TYR CB  HB2  sing N N 392 
TYR CB  HB3  sing N N 393 
TYR CG  CD1  doub Y N 394 
TYR CG  CD2  sing Y N 395 
TYR CD1 CE1  sing Y N 396 
TYR CD1 HD1  sing N N 397 
TYR CD2 CE2  doub Y N 398 
TYR CD2 HD2  sing N N 399 
TYR CE1 CZ   doub Y N 400 
TYR CE1 HE1  sing N N 401 
TYR CE2 CZ   sing Y N 402 
TYR CE2 HE2  sing N N 403 
TYR CZ  OH   sing N N 404 
TYR OH  HH   sing N N 405 
TYR OXT HXT  sing N N 406 
VAL N   CA   sing N N 407 
VAL N   H    sing N N 408 
VAL N   H2   sing N N 409 
VAL CA  C    sing N N 410 
VAL CA  CB   sing N N 411 
VAL CA  HA   sing N N 412 
VAL C   O    doub N N 413 
VAL C   OXT  sing N N 414 
VAL CB  CG1  sing N N 415 
VAL CB  CG2  sing N N 416 
VAL CB  HB   sing N N 417 
VAL CG1 HG11 sing N N 418 
VAL CG1 HG12 sing N N 419 
VAL CG1 HG13 sing N N 420 
VAL CG2 HG21 sing N N 421 
VAL CG2 HG22 sing N N 422 
VAL CG2 HG23 sing N N 423 
VAL OXT HXT  sing N N 424 
# 
_pdbx_related_exp_data_set.data_reference       10.5281/zenodo.2532136 
_pdbx_related_exp_data_set.data_set_type        'diffraction image data' 
_pdbx_related_exp_data_set.details              ? 
_pdbx_related_exp_data_set.metadata_reference   ? 
_pdbx_related_exp_data_set.ordinal              1 
# 
_atom_sites.entry_id                    6IU3 
_atom_sites.fract_transf_matrix[1][1]   0.00386670 
_atom_sites.fract_transf_matrix[1][2]   -0.01798040 
_atom_sites.fract_transf_matrix[1][3]   -0.01078803 
_atom_sites.fract_transf_matrix[2][1]   0.00155113 
_atom_sites.fract_transf_matrix[2][2]   0.00182101 
_atom_sites.fract_transf_matrix[2][3]   -0.00247910 
_atom_sites.fract_transf_matrix[3][1]   0.01906389 
_atom_sites.fract_transf_matrix[3][2]   -0.00212180 
_atom_sites.fract_transf_matrix[3][3]   0.01036939 
_atom_sites.fract_transf_vector[1]      0.002965 
_atom_sites.fract_transf_vector[2]      0.134188 
_atom_sites.fract_transf_vector[3]      0.177608 
# 
loop_
_atom_type.symbol 
C  
N  
O  
S  
ZN 
# 
loop_
_atom_site.group_PDB 
_atom_site.id 
_atom_site.type_symbol 
_atom_site.label_atom_id 
_atom_site.label_alt_id 
_atom_site.label_comp_id 
_atom_site.label_asym_id 
_atom_site.label_entity_id 
_atom_site.label_seq_id 
_atom_site.pdbx_PDB_ins_code 
_atom_site.Cartn_x 
_atom_site.Cartn_y 
_atom_site.Cartn_z 
_atom_site.occupancy 
_atom_site.B_iso_or_equiv 
_atom_site.pdbx_formal_charge 
_atom_site.auth_seq_id 
_atom_site.auth_comp_id 
_atom_site.auth_asym_id 
_atom_site.auth_atom_id 
_atom_site.pdbx_PDB_model_num 
ATOM   1    N  N   . GLU A 1 11  ? -10.227 -4.198  1.116   1.00 148.23 ? 32  GLU A N   1 
ATOM   2    C  CA  . GLU A 1 11  ? -8.876  -4.556  0.707   1.00 148.43 ? 32  GLU A CA  1 
ATOM   3    C  C   . GLU A 1 11  ? -8.619  -4.135  -0.732  1.00 148.96 ? 32  GLU A C   1 
ATOM   4    O  O   . GLU A 1 11  ? -7.762  -3.293  -0.979  1.00 152.35 ? 32  GLU A O   1 
ATOM   5    C  CB  . GLU A 1 11  ? -8.634  -6.058  0.854   1.00 150.04 ? 32  GLU A CB  1 
ATOM   6    C  CG  . GLU A 1 11  ? -7.192  -6.464  0.632   1.00 148.73 ? 32  GLU A CG  1 
ATOM   7    C  CD  . GLU A 1 11  ? -6.304  -6.025  1.775   1.00 151.79 ? 32  GLU A CD  1 
ATOM   8    O  OE1 . GLU A 1 11  ? -6.682  -6.275  2.940   1.00 152.60 ? 32  GLU A OE1 1 
ATOM   9    O  OE2 . GLU A 1 11  ? -5.244  -5.420  1.511   1.00 151.09 ? 32  GLU A OE2 1 
ATOM   10   N  N   . ILE A 1 12  ? -9.357  -4.727  -1.679  1.00 151.14 ? 33  ILE A N   1 
ATOM   11   C  CA  . ILE A 1 12  ? -9.200  -4.358  -3.087  1.00 148.33 ? 33  ILE A CA  1 
ATOM   12   C  C   . ILE A 1 12  ? -9.643  -2.919  -3.331  1.00 147.15 ? 33  ILE A C   1 
ATOM   13   O  O   . ILE A 1 12  ? -9.108  -2.245  -4.220  1.00 143.97 ? 33  ILE A O   1 
ATOM   14   C  CB  . ILE A 1 12  ? -9.968  -5.332  -3.998  1.00 146.44 ? 33  ILE A CB  1 
ATOM   15   C  CG1 . ILE A 1 12  ? -11.416 -5.461  -3.519  1.00 147.10 ? 33  ILE A CG1 1 
ATOM   16   C  CG2 . ILE A 1 12  ? -9.250  -6.677  -4.073  1.00 146.09 ? 33  ILE A CG2 1 
ATOM   17   C  CD1 . ILE A 1 12  ? -12.275 -6.337  -4.383  1.00 147.55 ? 33  ILE A CD1 1 
ATOM   18   N  N   . VAL A 1 13  ? -10.625 -2.423  -2.571  1.00 149.97 ? 34  VAL A N   1 
ATOM   19   C  CA  . VAL A 1 13  ? -10.976 -1.006  -2.658  1.00 149.81 ? 34  VAL A CA  1 
ATOM   20   C  C   . VAL A 1 13  ? -9.825  -0.145  -2.133  1.00 146.60 ? 34  VAL A C   1 
ATOM   21   O  O   . VAL A 1 13  ? -9.521  0.916   -2.694  1.00 139.99 ? 34  VAL A O   1 
ATOM   22   C  CB  . VAL A 1 13  ? -12.309 -0.740  -1.923  1.00 143.88 ? 34  VAL A CB  1 
ATOM   23   C  CG1 . VAL A 1 13  ? -12.579 0.753   -1.755  1.00 136.21 ? 34  VAL A CG1 1 
ATOM   24   C  CG2 . VAL A 1 13  ? -13.472 -1.393  -2.680  1.00 143.30 ? 34  VAL A CG2 1 
ATOM   25   N  N   . ARG A 1 14  ? -9.135  -0.616  -1.085  1.00 147.25 ? 35  ARG A N   1 
ATOM   26   C  CA  . ARG A 1 14  ? -7.987  0.111   -0.544  1.00 143.33 ? 35  ARG A CA  1 
ATOM   27   C  C   . ARG A 1 14  ? -6.786  0.042   -1.481  1.00 141.50 ? 35  ARG A C   1 
ATOM   28   O  O   . ARG A 1 14  ? -6.099  1.048   -1.687  1.00 141.88 ? 35  ARG A O   1 
ATOM   29   C  CB  . ARG A 1 14  ? -7.615  -0.445  0.831   1.00 149.97 ? 35  ARG A CB  1 
ATOM   30   N  N   . ASP A 1 15  ? -6.520  -1.138  -2.052  1.00 141.02 ? 36  ASP A N   1 
ATOM   31   C  CA  . ASP A 1 15  ? -5.390  -1.311  -2.966  1.00 139.63 ? 36  ASP A CA  1 
ATOM   32   C  C   . ASP A 1 15  ? -5.529  -0.453  -4.218  1.00 136.45 ? 36  ASP A C   1 
ATOM   33   O  O   . ASP A 1 15  ? -4.531  0.074   -4.726  1.00 130.77 ? 36  ASP A O   1 
ATOM   34   C  CB  . ASP A 1 15  ? -5.251  -2.784  -3.352  1.00 134.04 ? 36  ASP A CB  1 
ATOM   35   C  CG  . ASP A 1 15  ? -4.885  -3.654  -2.174  1.00 139.46 ? 36  ASP A CG  1 
ATOM   36   O  OD1 . ASP A 1 15  ? -4.623  -3.085  -1.095  1.00 142.86 ? 36  ASP A OD1 1 
ATOM   37   O  OD2 . ASP A 1 15  ? -4.863  -4.897  -2.324  1.00 139.75 ? 36  ASP A OD2 1 
ATOM   38   N  N   . ILE A 1 16  ? -6.751  -0.319  -4.746  1.00 137.91 ? 37  ILE A N   1 
ATOM   39   C  CA  . ILE A 1 16  ? -6.956  0.488   -5.948  1.00 133.34 ? 37  ILE A CA  1 
ATOM   40   C  C   . ILE A 1 16  ? -7.017  1.975   -5.654  1.00 129.97 ? 37  ILE A C   1 
ATOM   41   O  O   . ILE A 1 16  ? -6.799  2.779   -6.562  1.00 128.79 ? 37  ILE A O   1 
ATOM   42   C  CB  . ILE A 1 16  ? -8.234  0.092   -6.697  1.00 129.66 ? 37  ILE A CB  1 
ATOM   43   C  CG1 . ILE A 1 16  ? -9.465  0.433   -5.866  1.00 137.43 ? 37  ILE A CG1 1 
ATOM   44   C  CG2 . ILE A 1 16  ? -8.212  -1.394  -7.039  1.00 125.98 ? 37  ILE A CG2 1 
ATOM   45   C  CD1 . ILE A 1 16  ? -10.750 -0.117  -6.425  1.00 142.49 ? 37  ILE A CD1 1 
ATOM   46   N  N   . ILE A 1 17  ? -7.304  2.372   -4.422  1.00 131.63 ? 38  ILE A N   1 
ATOM   47   C  CA  . ILE A 1 17  ? -7.264  3.785   -4.082  1.00 125.54 ? 38  ILE A CA  1 
ATOM   48   C  C   . ILE A 1 17  ? -5.936  4.143   -3.428  1.00 126.02 ? 38  ILE A C   1 
ATOM   49   O  O   . ILE A 1 17  ? -5.399  5.226   -3.671  1.00 128.28 ? 38  ILE A O   1 
ATOM   50   C  CB  . ILE A 1 17  ? -8.470  4.159   -3.190  1.00 136.24 ? 38  ILE A CB  1 
ATOM   51   C  CG1 . ILE A 1 17  ? -9.787  4.065   -3.979  1.00 137.42 ? 38  ILE A CG1 1 
ATOM   52   C  CG2 . ILE A 1 17  ? -8.319  5.564   -2.601  1.00 128.97 ? 38  ILE A CG2 1 
ATOM   53   C  CD1 . ILE A 1 17  ? -11.051 4.238   -3.123  1.00 126.58 ? 38  ILE A CD1 1 
ATOM   54   N  N   . ILE A 1 18  ? -5.352  3.249   -2.622  1.00 125.59 ? 39  ILE A N   1 
ATOM   55   C  CA  . ILE A 1 18  ? -4.038  3.572   -2.070  1.00 124.75 ? 39  ILE A CA  1 
ATOM   56   C  C   . ILE A 1 18  ? -2.972  3.481   -3.150  1.00 120.89 ? 39  ILE A C   1 
ATOM   57   O  O   . ILE A 1 18  ? -1.952  4.177   -3.084  1.00 117.89 ? 39  ILE A O   1 
ATOM   58   C  CB  . ILE A 1 18  ? -3.701  2.672   -0.870  1.00 133.94 ? 39  ILE A CB  1 
ATOM   59   N  N   . GLY A 1 19  ? -3.199  2.644   -4.166  1.00 126.14 ? 40  GLY A N   1 
ATOM   60   C  CA  . GLY A 1 19  ? -2.315  2.616   -5.318  1.00 112.37 ? 40  GLY A CA  1 
ATOM   61   C  C   . GLY A 1 19  ? -2.487  3.799   -6.254  1.00 108.93 ? 40  GLY A C   1 
ATOM   62   O  O   . GLY A 1 19  ? -1.540  4.176   -6.955  1.00 104.97 ? 40  GLY A O   1 
ATOM   63   N  N   . VAL A 1 20  ? -3.683  4.400   -6.296  1.00 108.78 ? 41  VAL A N   1 
ATOM   64   C  CA  . VAL A 1 20  ? -3.846  5.580   -7.143  1.00 105.88 ? 41  VAL A CA  1 
ATOM   65   C  C   . VAL A 1 20  ? -3.122  6.768   -6.533  1.00 100.04 ? 41  VAL A C   1 
ATOM   66   O  O   . VAL A 1 20  ? -2.465  7.533   -7.247  1.00 96.53  ? 41  VAL A O   1 
ATOM   67   C  CB  . VAL A 1 20  ? -5.328  5.902   -7.408  1.00 103.47 ? 41  VAL A CB  1 
ATOM   68   C  CG1 . VAL A 1 20  ? -5.452  7.325   -7.910  1.00 99.53  ? 41  VAL A CG1 1 
ATOM   69   C  CG2 . VAL A 1 20  ? -5.888  4.971   -8.459  1.00 95.56  ? 41  VAL A CG2 1 
ATOM   70   N  N   . SER A 1 21  ? -3.201  6.924   -5.207  1.00 98.95  ? 42  SER A N   1 
ATOM   71   C  CA  . SER A 1 21  ? -2.591  8.073   -4.538  1.00 99.92  ? 42  SER A CA  1 
ATOM   72   C  C   . SER A 1 21  ? -1.062  8.075   -4.567  1.00 94.88  ? 42  SER A C   1 
ATOM   73   O  O   . SER A 1 21  ? -0.461  9.086   -4.191  1.00 86.25  ? 42  SER A O   1 
ATOM   74   C  CB  . SER A 1 21  ? -3.079  8.153   -3.089  1.00 103.31 ? 42  SER A CB  1 
ATOM   75   O  OG  . SER A 1 21  ? -4.444  8.530   -3.037  1.00 102.89 ? 42  SER A OG  1 
ATOM   76   N  N   . ASP A 1 22  ? -0.417  6.981   -4.974  1.00 94.74  ? 43  ASP A N   1 
ATOM   77   C  CA  . ASP A 1 22  ? 1.032   6.994   -5.160  1.00 94.61  ? 43  ASP A CA  1 
ATOM   78   C  C   . ASP A 1 22  ? 1.399   7.427   -6.565  1.00 93.31  ? 43  ASP A C   1 
ATOM   79   O  O   . ASP A 1 22  ? 2.285   8.270   -6.754  1.00 82.14  ? 43  ASP A O   1 
ATOM   80   C  CB  . ASP A 1 22  ? 1.625   5.612   -4.901  1.00 98.04  ? 43  ASP A CB  1 
ATOM   81   C  CG  . ASP A 1 22  ? 1.576   5.233   -3.449  1.00 113.08 ? 43  ASP A CG  1 
ATOM   82   O  OD1 . ASP A 1 22  ? 1.781   6.159   -2.629  1.00 120.82 ? 43  ASP A OD1 1 
ATOM   83   O  OD2 . ASP A 1 22  ? 1.314   4.041   -3.123  1.00 110.99 ? 43  ASP A OD2 1 
ATOM   84   N  N   . GLY A 1 23  ? 0.721   6.854   -7.554  1.00 92.39  ? 44  GLY A N   1 
ATOM   85   C  CA  . GLY A 1 23  ? 0.927   7.276   -8.911  1.00 78.99  ? 44  GLY A CA  1 
ATOM   86   C  C   . GLY A 1 23  ? 0.379   8.648   -9.218  1.00 79.15  ? 44  GLY A C   1 
ATOM   87   O  O   . GLY A 1 23  ? 0.646   9.169   -10.304 1.00 84.11  ? 44  GLY A O   1 
ATOM   88   N  N   . LEU A 1 24  ? -0.405  9.238   -8.324  1.00 75.99  ? 45  LEU A N   1 
ATOM   89   C  CA  . LEU A 1 24  ? -0.817  10.620  -8.532  1.00 77.66  ? 45  LEU A CA  1 
ATOM   90   C  C   . LEU A 1 24  ? 0.191   11.610  -7.981  1.00 76.79  ? 45  LEU A C   1 
ATOM   91   O  O   . LEU A 1 24  ? 0.255   12.751  -8.455  1.00 78.87  ? 45  LEU A O   1 
ATOM   92   C  CB  . LEU A 1 24  ? -2.175  10.898  -7.892  1.00 76.71  ? 45  LEU A CB  1 
ATOM   93   C  CG  . LEU A 1 24  ? -3.476  10.513  -8.594  1.00 79.92  ? 45  LEU A CG  1 
ATOM   94   C  CD1 . LEU A 1 24  ? -4.708  10.869  -7.729  1.00 80.29  ? 45  LEU A CD1 1 
ATOM   95   C  CD2 . LEU A 1 24  ? -3.571  11.151  -9.958  1.00 70.01  ? 45  LEU A CD2 1 
ATOM   96   N  N   . THR A 1 25  ? 0.999   11.205  -7.013  1.00 73.04  ? 46  THR A N   1 
ATOM   97   C  CA  . THR A 1 25  ? 1.806   12.203  -6.337  1.00 75.93  ? 46  THR A CA  1 
ATOM   98   C  C   . THR A 1 25  ? 3.216   12.290  -6.912  1.00 76.70  ? 46  THR A C   1 
ATOM   99   O  O   . THR A 1 25  ? 3.688   13.376  -7.263  1.00 70.79  ? 46  THR A O   1 
ATOM   100  C  CB  . THR A 1 25  ? 1.820   11.903  -4.848  1.00 67.85  ? 46  THR A CB  1 
ATOM   101  O  OG1 . THR A 1 25  ? 0.465   11.899  -4.399  1.00 84.74  ? 46  THR A OG1 1 
ATOM   102  C  CG2 . THR A 1 25  ? 2.566   12.976  -4.108  1.00 71.67  ? 46  THR A CG2 1 
ATOM   103  N  N   . VAL A 1 26  ? 3.890   11.155  -7.014  1.00 74.15  ? 47  VAL A N   1 
ATOM   104  C  CA  . VAL A 1 26  ? 5.279   11.125  -7.423  1.00 66.89  ? 47  VAL A CA  1 
ATOM   105  C  C   . VAL A 1 26  ? 5.400   11.390  -8.922  1.00 72.61  ? 47  VAL A C   1 
ATOM   106  O  O   . VAL A 1 26  ? 6.296   12.143  -9.331  1.00 70.06  ? 47  VAL A O   1 
ATOM   107  C  CB  . VAL A 1 26  ? 5.926   9.798   -7.005  1.00 64.19  ? 47  VAL A CB  1 
ATOM   108  C  CG1 . VAL A 1 26  ? 7.167   9.564   -7.800  1.00 70.26  ? 47  VAL A CG1 1 
ATOM   109  C  CG2 . VAL A 1 26  ? 6.253   9.863   -5.538  1.00 64.85  ? 47  VAL A CG2 1 
ATOM   110  N  N   . PRO A 1 27  ? 4.559   10.793  -9.775  1.00 71.86  ? 48  PRO A N   1 
ATOM   111  C  CA  . PRO A 1 27  ? 4.603   11.166  -11.203 1.00 75.52  ? 48  PRO A CA  1 
ATOM   112  C  C   . PRO A 1 27  ? 4.337   12.629  -11.448 1.00 71.40  ? 48  PRO A C   1 
ATOM   113  O  O   . PRO A 1 27  ? 4.901   13.206  -12.382 1.00 65.89  ? 48  PRO A O   1 
ATOM   114  C  CB  . PRO A 1 27  ? 3.511   10.288  -11.816 1.00 76.30  ? 48  PRO A CB  1 
ATOM   115  C  CG  . PRO A 1 27  ? 3.575   9.086   -10.999 1.00 65.59  ? 48  PRO A CG  1 
ATOM   116  C  CD  . PRO A 1 27  ? 3.834   9.529   -9.591  1.00 71.03  ? 48  PRO A CD  1 
ATOM   117  N  N   . PHE A 1 28  ? 3.475   13.237  -10.624 1.00 75.34  ? 49  PHE A N   1 
ATOM   118  C  CA  . PHE A 1 28  ? 3.238   14.672  -10.702 1.00 71.27  ? 49  PHE A CA  1 
ATOM   119  C  C   . PHE A 1 28  ? 4.445   15.466  -10.192 1.00 66.93  ? 49  PHE A C   1 
ATOM   120  O  O   . PHE A 1 28  ? 4.839   16.478  -10.791 1.00 61.02  ? 49  PHE A O   1 
ATOM   121  C  CB  . PHE A 1 28  ? 1.972   15.014  -9.900  1.00 70.05  ? 49  PHE A CB  1 
ATOM   122  C  CG  . PHE A 1 28  ? 1.797   16.479  -9.677  1.00 69.97  ? 49  PHE A CG  1 
ATOM   123  C  CD1 . PHE A 1 28  ? 1.207   17.286  -10.645 1.00 72.05  ? 49  PHE A CD1 1 
ATOM   124  C  CD2 . PHE A 1 28  ? 2.253   17.058  -8.516  1.00 68.74  ? 49  PHE A CD2 1 
ATOM   125  C  CE1 . PHE A 1 28  ? 1.068   18.646  -10.454 1.00 69.36  ? 49  PHE A CE1 1 
ATOM   126  C  CE2 . PHE A 1 28  ? 2.129   18.411  -8.312  1.00 71.81  ? 49  PHE A CE2 1 
ATOM   127  C  CZ  . PHE A 1 28  ? 1.531   19.217  -9.276  1.00 71.98  ? 49  PHE A CZ  1 
ATOM   128  N  N   . ALA A 1 29  ? 5.044   15.017  -9.087  1.00 62.75  ? 50  ALA A N   1 
ATOM   129  C  CA  . ALA A 1 29  ? 6.061   15.816  -8.427  1.00 61.69  ? 50  ALA A CA  1 
ATOM   130  C  C   . ALA A 1 29  ? 7.308   15.937  -9.298  1.00 62.34  ? 50  ALA A C   1 
ATOM   131  O  O   . ALA A 1 29  ? 7.908   17.007  -9.404  1.00 59.78  ? 50  ALA A O   1 
ATOM   132  C  CB  . ALA A 1 29  ? 6.397   15.215  -7.066  1.00 53.52  ? 50  ALA A CB  1 
ATOM   133  N  N   . LEU A 1 30  ? 7.713   14.832  -9.901  1.00 60.56  ? 51  LEU A N   1 
ATOM   134  C  CA  . LEU A 1 30  ? 8.837   14.818  -10.812 1.00 57.33  ? 51  LEU A CA  1 
ATOM   135  C  C   . LEU A 1 30  ? 8.535   15.645  -12.049 1.00 59.39  ? 51  LEU A C   1 
ATOM   136  O  O   . LEU A 1 30  ? 9.338   16.484  -12.458 1.00 64.66  ? 51  LEU A O   1 
ATOM   137  C  CB  . LEU A 1 30  ? 9.124   13.370  -11.182 1.00 60.51  ? 51  LEU A CB  1 
ATOM   138  C  CG  . LEU A 1 30  ? 9.869   12.968  -12.425 1.00 57.02  ? 51  LEU A CG  1 
ATOM   139  C  CD1 . LEU A 1 30  ? 11.262  12.565  -12.019 1.00 54.02  ? 51  LEU A CD1 1 
ATOM   140  C  CD2 . LEU A 1 30  ? 9.127   11.838  -13.092 1.00 52.71  ? 51  LEU A CD2 1 
ATOM   141  N  N   . ALA A 1 31  ? 7.361   15.426  -12.638 1.00 57.61  ? 52  ALA A N   1 
ATOM   142  C  CA  . ALA A 1 31  ? 6.937   16.149  -13.825 1.00 56.03  ? 52  ALA A CA  1 
ATOM   143  C  C   . ALA A 1 31  ? 6.952   17.660  -13.611 1.00 63.86  ? 52  ALA A C   1 
ATOM   144  O  O   . ALA A 1 31  ? 7.414   18.419  -14.477 1.00 63.38  ? 52  ALA A O   1 
ATOM   145  C  CB  . ALA A 1 31  ? 5.540   15.686  -14.239 1.00 53.50  ? 52  ALA A CB  1 
ATOM   146  N  N   . ALA A 1 32  ? 6.418   18.115  -12.476 1.00 62.88  ? 53  ALA A N   1 
ATOM   147  C  CA  . ALA A 1 32  ? 6.455   19.541  -12.161 1.00 61.68  ? 53  ALA A CA  1 
ATOM   148  C  C   . ALA A 1 32  ? 7.882   19.998  -11.920 1.00 61.46  ? 53  ALA A C   1 
ATOM   149  O  O   . ALA A 1 32  ? 8.292   21.057  -12.407 1.00 63.07  ? 53  ALA A O   1 
ATOM   150  C  CB  . ALA A 1 32  ? 5.571   19.854  -10.939 1.00 56.34  ? 53  ALA A CB  1 
ATOM   151  N  N   . GLY A 1 33  ? 8.655   19.203  -11.183 1.00 57.43  ? 54  GLY A N   1 
ATOM   152  C  CA  . GLY A 1 33  ? 10.046  19.536  -10.956 1.00 62.55  ? 54  GLY A CA  1 
ATOM   153  C  C   . GLY A 1 33  ? 10.837  19.641  -12.257 1.00 67.75  ? 54  GLY A C   1 
ATOM   154  O  O   . GLY A 1 33  ? 11.664  20.542  -12.429 1.00 65.15  ? 54  GLY A O   1 
ATOM   155  N  N   . LEU A 1 34  ? 10.582  18.732  -13.195 1.00 64.03  ? 55  LEU A N   1 
ATOM   156  C  CA  . LEU A 1 34  ? 11.290  18.805  -14.456 1.00 63.45  ? 55  LEU A CA  1 
ATOM   157  C  C   . LEU A 1 34  ? 10.837  20.012  -15.244 1.00 69.04  ? 55  LEU A C   1 
ATOM   158  O  O   . LEU A 1 34  ? 11.669  20.754  -15.779 1.00 67.49  ? 55  LEU A O   1 
ATOM   159  C  CB  . LEU A 1 34  ? 11.084  17.516  -15.241 1.00 60.39  ? 55  LEU A CB  1 
ATOM   160  C  CG  . LEU A 1 34  ? 11.919  16.433  -14.561 1.00 55.93  ? 55  LEU A CG  1 
ATOM   161  C  CD1 . LEU A 1 34  ? 11.901  15.115  -15.305 1.00 54.12  ? 55  LEU A CD1 1 
ATOM   162  C  CD2 . LEU A 1 34  ? 13.310  16.959  -14.401 1.00 57.96  ? 55  LEU A CD2 1 
ATOM   163  N  N   . SER A 1 35  ? 9.524   20.255  -15.283 1.00 65.98  ? 56  SER A N   1 
ATOM   164  C  CA  . SER A 1 35  ? 9.015   21.473  -15.901 1.00 61.55  ? 56  SER A CA  1 
ATOM   165  C  C   . SER A 1 35  ? 9.647   22.725  -15.295 1.00 73.15  ? 56  SER A C   1 
ATOM   166  O  O   . SER A 1 35  ? 10.013  23.671  -16.020 1.00 73.42  ? 56  SER A O   1 
ATOM   167  C  CB  . SER A 1 35  ? 7.501   21.539  -15.758 1.00 66.23  ? 56  SER A CB  1 
ATOM   168  O  OG  . SER A 1 35  ? 6.869   20.765  -16.758 1.00 61.49  ? 56  SER A OG  1 
ATOM   169  N  N   . GLY A 1 36  ? 9.814   22.728  -13.971 1.00 72.14  ? 57  GLY A N   1 
ATOM   170  C  CA  . GLY A 1 36  ? 10.338  23.901  -13.302 1.00 74.01  ? 57  GLY A CA  1 
ATOM   171  C  C   . GLY A 1 36  ? 11.780  24.194  -13.647 1.00 72.86  ? 57  GLY A C   1 
ATOM   172  O  O   . GLY A 1 36  ? 12.190  25.357  -13.657 1.00 78.13  ? 57  GLY A O   1 
ATOM   173  N  N   . ALA A 1 37  ? 12.569  23.154  -13.916 1.00 72.95  ? 58  ALA A N   1 
ATOM   174  C  CA  . ALA A 1 37  ? 13.966  23.296  -14.306 1.00 74.76  ? 58  ALA A CA  1 
ATOM   175  C  C   . ALA A 1 37  ? 14.126  23.571  -15.800 1.00 73.65  ? 58  ALA A C   1 
ATOM   176  O  O   . ALA A 1 37  ? 15.226  23.393  -16.345 1.00 74.91  ? 58  ALA A O   1 
ATOM   177  C  CB  . ALA A 1 37  ? 14.754  22.049  -13.906 1.00 61.47  ? 58  ALA A CB  1 
ATOM   178  N  N   . ASN A 1 38  ? 13.053  23.995  -16.468 1.00 72.24  ? 59  ASN A N   1 
ATOM   179  C  CA  . ASN A 1 38  ? 13.083  24.294  -17.894 1.00 82.69  ? 59  ASN A CA  1 
ATOM   180  C  C   . ASN A 1 38  ? 13.486  23.052  -18.682 1.00 76.73  ? 59  ASN A C   1 
ATOM   181  O  O   . ASN A 1 38  ? 14.520  23.009  -19.325 1.00 84.57  ? 59  ASN A O   1 
ATOM   182  C  CB  . ASN A 1 38  ? 14.023  25.483  -18.205 1.00 88.70  ? 59  ASN A CB  1 
ATOM   183  C  CG  . ASN A 1 38  ? 13.627  26.754  -17.466 1.00 90.84  ? 59  ASN A CG  1 
ATOM   184  O  OD1 . ASN A 1 38  ? 12.458  27.159  -17.487 1.00 96.49  ? 59  ASN A OD1 1 
ATOM   185  N  ND2 . ASN A 1 38  ? 14.595  27.380  -16.799 1.00 96.02  ? 59  ASN A ND2 1 
ATOM   186  N  N   . ALA A 1 39  ? 12.648  22.030  -18.601 1.00 72.55  ? 60  ALA A N   1 
ATOM   187  C  CA  . ALA A 1 39  ? 12.860  20.807  -19.358 1.00 63.64  ? 60  ALA A CA  1 
ATOM   188  C  C   . ALA A 1 39  ? 11.702  20.655  -20.323 1.00 59.74  ? 60  ALA A C   1 
ATOM   189  O  O   . ALA A 1 39  ? 10.621  21.177  -20.086 1.00 62.15  ? 60  ALA A O   1 
ATOM   190  C  CB  . ALA A 1 39  ? 12.979  19.583  -18.460 1.00 61.24  ? 60  ALA A CB  1 
ATOM   191  N  N   . SER A 1 40  ? 11.951  19.998  -21.442 1.00 63.06  ? 61  SER A N   1 
ATOM   192  C  CA  . SER A 1 40  ? 10.946  19.930  -22.488 1.00 62.67  ? 61  SER A CA  1 
ATOM   193  C  C   . SER A 1 40  ? 9.861   18.951  -22.094 1.00 61.24  ? 61  SER A C   1 
ATOM   194  O  O   . SER A 1 40  ? 10.136  17.960  -21.420 1.00 64.14  ? 61  SER A O   1 
ATOM   195  C  CB  . SER A 1 40  ? 11.584  19.489  -23.801 1.00 55.31  ? 61  SER A CB  1 
ATOM   196  O  OG  . SER A 1 40  ? 13.011  19.527  -23.684 1.00 71.16  ? 61  SER A OG  1 
ATOM   197  N  N   . SER A 1 41  ? 8.624   19.239  -22.494 1.00 60.60  ? 62  SER A N   1 
ATOM   198  C  CA  . SER A 1 41  ? 7.571   18.258  -22.312 1.00 54.19  ? 62  SER A CA  1 
ATOM   199  C  C   . SER A 1 41  ? 8.077   16.858  -22.605 1.00 60.47  ? 62  SER A C   1 
ATOM   200  O  O   . SER A 1 41  ? 7.969   15.959  -21.759 1.00 66.44  ? 62  SER A O   1 
ATOM   201  C  CB  . SER A 1 41  ? 6.365   18.586  -23.181 1.00 54.77  ? 62  SER A CB  1 
ATOM   202  O  OG  . SER A 1 41  ? 5.499   19.507  -22.527 1.00 49.20  ? 62  SER A OG  1 
ATOM   203  N  N   . SER A 1 42  ? 8.748   16.686  -23.744 1.00 62.31  ? 63  SER A N   1 
ATOM   204  C  CA  . SER A 1 42  ? 9.155   15.348  -24.167 1.00 59.46  ? 63  SER A CA  1 
ATOM   205  C  C   . SER A 1 42  ? 10.086  14.706  -23.146 1.00 56.19  ? 63  SER A C   1 
ATOM   206  O  O   . SER A 1 42  ? 10.018  13.491  -22.920 1.00 52.01  ? 63  SER A O   1 
ATOM   207  C  CB  . SER A 1 42  ? 9.796   15.419  -25.563 1.00 53.95  ? 63  SER A CB  1 
ATOM   208  O  OG  . SER A 1 42  ? 11.023  14.730  -25.649 1.00 55.84  ? 63  SER A OG  1 
ATOM   209  N  N   . ILE A 1 43  ? 10.967  15.510  -22.540 1.00 55.97  ? 64  ILE A N   1 
ATOM   210  C  CA  . ILE A 1 43  ? 11.831  15.022  -21.464 1.00 56.48  ? 64  ILE A CA  1 
ATOM   211  C  C   . ILE A 1 43  ? 11.007  14.739  -20.218 1.00 60.10  ? 64  ILE A C   1 
ATOM   212  O  O   . ILE A 1 43  ? 11.365  13.875  -19.417 1.00 62.84  ? 64  ILE A O   1 
ATOM   213  C  CB  . ILE A 1 43  ? 12.964  16.027  -21.169 1.00 56.89  ? 64  ILE A CB  1 
ATOM   214  C  CG1 . ILE A 1 43  ? 13.867  16.153  -22.382 1.00 58.37  ? 64  ILE A CG1 1 
ATOM   215  C  CG2 . ILE A 1 43  ? 13.782  15.628  -19.968 1.00 50.50  ? 64  ILE A CG2 1 
ATOM   216  C  CD1 . ILE A 1 43  ? 15.132  16.958  -22.140 1.00 60.19  ? 64  ILE A CD1 1 
ATOM   217  N  N   . VAL A 1 44  ? 9.900   15.450  -20.022 1.00 53.99  ? 65  VAL A N   1 
ATOM   218  C  CA  . VAL A 1 44  ? 9.133   15.218  -18.819 1.00 60.23  ? 65  VAL A CA  1 
ATOM   219  C  C   . VAL A 1 44  ? 8.359   13.926  -18.951 1.00 61.64  ? 65  VAL A C   1 
ATOM   220  O  O   . VAL A 1 44  ? 8.141   13.207  -17.966 1.00 60.54  ? 65  VAL A O   1 
ATOM   221  C  CB  . VAL A 1 44  ? 8.201   16.401  -18.544 1.00 66.63  ? 65  VAL A CB  1 
ATOM   222  C  CG1 . VAL A 1 44  ? 7.339   16.077  -17.332 1.00 55.69  ? 65  VAL A CG1 1 
ATOM   223  C  CG2 . VAL A 1 44  ? 9.028   17.766  -18.451 1.00 62.77  ? 65  VAL A CG2 1 
ATOM   224  N  N   . LEU A 1 45  ? 7.931   13.614  -20.173 1.00 55.13  ? 66  LEU A N   1 
ATOM   225  C  CA  . LEU A 1 45  ? 7.275   12.338  -20.421 1.00 62.27  ? 66  LEU A CA  1 
ATOM   226  C  C   . LEU A 1 45  ? 8.253   11.172  -20.304 1.00 62.13  ? 66  LEU A C   1 
ATOM   227  O  O   . LEU A 1 45  ? 7.954   10.146  -19.671 1.00 60.53  ? 66  LEU A O   1 
ATOM   228  C  CB  . LEU A 1 45  ? 6.631   12.337  -21.794 1.00 49.90  ? 66  LEU A CB  1 
ATOM   229  C  CG  . LEU A 1 45  ? 5.298   13.064  -21.800 1.00 61.23  ? 66  LEU A CG  1 
ATOM   230  C  CD1 . LEU A 1 45  ? 4.755   13.154  -23.197 1.00 71.38  ? 66  LEU A CD1 1 
ATOM   231  C  CD2 . LEU A 1 45  ? 4.364   12.301  -20.945 1.00 69.23  ? 66  LEU A CD2 1 
ATOM   232  N  N   . THR A 1 46  ? 9.432   11.318  -20.872 1.00 54.98  ? 67  THR A N   1 
ATOM   233  C  CA  . THR A 1 46  ? 10.317  10.177  -20.891 1.00 58.53  ? 67  THR A CA  1 
ATOM   234  C  C   . THR A 1 46  ? 10.708  9.817   -19.468 1.00 56.25  ? 67  THR A C   1 
ATOM   235  O  O   . THR A 1 46  ? 10.835  8.639   -19.131 1.00 58.10  ? 67  THR A O   1 
ATOM   236  C  CB  . THR A 1 46  ? 11.539  10.423  -21.823 1.00 55.16  ? 67  THR A CB  1 
ATOM   237  O  OG1 . THR A 1 46  ? 12.304  11.532  -21.355 1.00 54.77  ? 67  THR A OG1 1 
ATOM   238  C  CG2 . THR A 1 46  ? 11.092  10.720  -23.206 1.00 48.60  ? 67  THR A CG2 1 
ATOM   239  N  N   . ALA A 1 47  ? 10.887  10.803  -18.610 1.00 57.66  ? 68  ALA A N   1 
ATOM   240  C  CA  . ALA A 1 47  ? 11.165  10.434  -17.232 1.00 56.27  ? 68  ALA A CA  1 
ATOM   241  C  C   . ALA A 1 47  ? 9.906   9.874   -16.574 1.00 59.82  ? 68  ALA A C   1 
ATOM   242  O  O   . ALA A 1 47  ? 9.955   8.828   -15.922 1.00 61.44  ? 68  ALA A O   1 
ATOM   243  C  CB  . ALA A 1 47  ? 11.723  11.623  -16.452 1.00 49.65  ? 68  ALA A CB  1 
ATOM   244  N  N   . GLY A 1 48  ? 8.759   10.510  -16.807 1.00 57.49  ? 69  GLY A N   1 
ATOM   245  C  CA  . GLY A 1 48  ? 7.567   10.154  -16.067 1.00 56.34  ? 69  GLY A CA  1 
ATOM   246  C  C   . GLY A 1 48  ? 7.049   8.781   -16.425 1.00 55.76  ? 69  GLY A C   1 
ATOM   247  O  O   . GLY A 1 48  ? 6.687   7.998   -15.560 1.00 65.08  ? 69  GLY A O   1 
ATOM   248  N  N   . ILE A 1 49  ? 7.031   8.472   -17.713 1.00 60.45  ? 70  ILE A N   1 
ATOM   249  C  CA  . ILE A 1 49  ? 6.603   7.157   -18.158 1.00 56.55  ? 70  ILE A CA  1 
ATOM   250  C  C   . ILE A 1 49  ? 7.626   6.106   -17.750 1.00 57.37  ? 70  ILE A C   1 
ATOM   251  O  O   . ILE A 1 49  ? 7.266   4.967   -17.419 1.00 60.82  ? 70  ILE A O   1 
ATOM   252  C  CB  . ILE A 1 49  ? 6.366   7.171   -19.678 1.00 60.41  ? 70  ILE A CB  1 
ATOM   253  C  CG1 . ILE A 1 49  ? 5.292   8.195   -20.023 1.00 58.42  ? 70  ILE A CG1 1 
ATOM   254  C  CG2 . ILE A 1 49  ? 5.962   5.805   -20.186 1.00 66.08  ? 70  ILE A CG2 1 
ATOM   255  C  CD1 . ILE A 1 49  ? 4.450   7.805   -21.215 1.00 66.62  ? 70  ILE A CD1 1 
ATOM   256  N  N   . ALA A 1 50  ? 8.914   6.460   -17.755 1.00 57.50  ? 71  ALA A N   1 
ATOM   257  C  CA  . ALA A 1 50  ? 9.891   5.526   -17.205 1.00 57.92  ? 71  ALA A CA  1 
ATOM   258  C  C   . ALA A 1 50  ? 9.599   5.276   -15.728 1.00 60.40  ? 71  ALA A C   1 
ATOM   259  O  O   . ALA A 1 50  ? 9.814   4.176   -15.216 1.00 60.04  ? 71  ALA A O   1 
ATOM   260  C  CB  . ALA A 1 50  ? 11.321  6.038   -17.397 1.00 43.01  ? 71  ALA A CB  1 
ATOM   261  N  N   . GLU A 1 51  ? 9.093   6.290   -15.040 1.00 59.22  ? 72  GLU A N   1 
ATOM   262  C  CA  . GLU A 1 51  ? 8.902   6.186   -13.612 1.00 59.61  ? 72  GLU A CA  1 
ATOM   263  C  C   . GLU A 1 51  ? 7.614   5.434   -13.289 1.00 60.70  ? 72  GLU A C   1 
ATOM   264  O  O   . GLU A 1 51  ? 7.600   4.590   -12.397 1.00 63.63  ? 72  GLU A O   1 
ATOM   265  C  CB  . GLU A 1 51  ? 8.885   7.582   -13.010 1.00 57.18  ? 72  GLU A CB  1 
ATOM   266  C  CG  . GLU A 1 51  ? 9.122   7.601   -11.513 1.00 68.29  ? 72  GLU A CG  1 
ATOM   267  C  CD  . GLU A 1 51  ? 7.929   7.080   -10.711 1.00 69.86  ? 72  GLU A CD  1 
ATOM   268  O  OE1 . GLU A 1 51  ? 6.777   7.353   -11.111 1.00 71.35  ? 72  GLU A OE1 1 
ATOM   269  O  OE2 . GLU A 1 51  ? 8.146   6.388   -9.691  1.00 68.82  ? 72  GLU A OE2 1 
ATOM   270  N  N   . VAL A 1 52  ? 6.533   5.733   -14.005 1.00 56.78  ? 73  VAL A N   1 
ATOM   271  C  CA  . VAL A 1 52  ? 5.282   5.028   -13.796 1.00 61.92  ? 73  VAL A CA  1 
ATOM   272  C  C   . VAL A 1 52  ? 5.469   3.536   -14.017 1.00 63.58  ? 73  VAL A C   1 
ATOM   273  O  O   . VAL A 1 52  ? 5.113   2.720   -13.163 1.00 72.46  ? 73  VAL A O   1 
ATOM   274  C  CB  . VAL A 1 52  ? 4.180   5.593   -14.704 1.00 62.50  ? 73  VAL A CB  1 
ATOM   275  C  CG1 . VAL A 1 52  ? 2.976   4.674   -14.653 1.00 68.23  ? 73  VAL A CG1 1 
ATOM   276  C  CG2 . VAL A 1 52  ? 3.823   6.999   -14.254 1.00 58.62  ? 73  VAL A CG2 1 
ATOM   277  N  N   . ALA A 1 53  ? 6.012   3.149   -15.165 1.00 66.75  ? 74  ALA A N   1 
ATOM   278  C  CA  . ALA A 1 53  ? 6.185   1.727   -15.426 1.00 60.50  ? 74  ALA A CA  1 
ATOM   279  C  C   . ALA A 1 53  ? 7.145   1.112   -14.418 1.00 61.78  ? 74  ALA A C   1 
ATOM   280  O  O   . ALA A 1 53  ? 6.895   0.010   -13.912 1.00 73.75  ? 74  ALA A O   1 
ATOM   281  C  CB  . ALA A 1 53  ? 6.652   1.473   -16.861 1.00 51.46  ? 74  ALA A CB  1 
ATOM   282  N  N   . ALA A 1 54  ? 8.205   1.818   -14.056 1.00 54.87  ? 75  ALA A N   1 
ATOM   283  C  CA  . ALA A 1 54  ? 9.131   1.210   -13.109 1.00 61.44  ? 75  ALA A CA  1 
ATOM   284  C  C   . ALA A 1 54  ? 8.503   1.112   -11.724 1.00 67.58  ? 75  ALA A C   1 
ATOM   285  O  O   . ALA A 1 54  ? 8.944   0.302   -10.893 1.00 67.87  ? 75  ALA A O   1 
ATOM   286  C  CB  . ALA A 1 54  ? 10.444  1.986   -13.055 1.00 54.27  ? 75  ALA A CB  1 
ATOM   287  N  N   . GLY A 1 55  ? 7.467   1.920   -11.475 1.00 67.57  ? 76  GLY A N   1 
ATOM   288  C  CA  . GLY A 1 55  ? 6.767   1.896   -10.216 1.00 71.70  ? 76  GLY A CA  1 
ATOM   289  C  C   . GLY A 1 55  ? 5.836   0.705   -10.201 1.00 77.60  ? 76  GLY A C   1 
ATOM   290  O  O   . GLY A 1 55  ? 5.802   -0.054  -9.229  1.00 76.94  ? 76  GLY A O   1 
ATOM   291  N  N   . ALA A 1 56  ? 5.077   0.543   -11.287 1.00 71.08  ? 77  ALA A N   1 
ATOM   292  C  CA  . ALA A 1 56  ? 4.052   -0.491  -11.341 1.00 77.85  ? 77  ALA A CA  1 
ATOM   293  C  C   . ALA A 1 56  ? 4.650   -1.890  -11.228 1.00 83.14  ? 77  ALA A C   1 
ATOM   294  O  O   . ALA A 1 56  ? 4.060   -2.771  -10.587 1.00 80.04  ? 77  ALA A O   1 
ATOM   295  C  CB  . ALA A 1 56  ? 3.262   -0.340  -12.638 1.00 83.83  ? 77  ALA A CB  1 
ATOM   296  N  N   . ILE A 1 57  ? 5.793   -2.125  -11.885 1.00 76.37  ? 78  ILE A N   1 
ATOM   297  C  CA  . ILE A 1 57  ? 6.484   -3.401  -11.743 1.00 72.95  ? 78  ILE A CA  1 
ATOM   298  C  C   . ILE A 1 57  ? 6.932   -3.603  -10.300 1.00 77.29  ? 78  ILE A C   1 
ATOM   299  O  O   . ILE A 1 57  ? 6.762   -4.684  -9.726  1.00 83.80  ? 78  ILE A O   1 
ATOM   300  C  CB  . ILE A 1 57  ? 7.671   -3.468  -12.721 1.00 72.43  ? 78  ILE A CB  1 
ATOM   301  C  CG1 . ILE A 1 57  ? 7.229   -3.155  -14.148 1.00 68.17  ? 78  ILE A CG1 1 
ATOM   302  C  CG2 . ILE A 1 57  ? 8.389   -4.798  -12.633 1.00 67.37  ? 78  ILE A CG2 1 
ATOM   303  C  CD1 . ILE A 1 57  ? 6.068   -3.922  -14.596 1.00 72.09  ? 78  ILE A CD1 1 
ATOM   304  N  N   . SER A 1 58  ? 7.487   -2.564  -9.685  1.00 74.81  ? 79  SER A N   1 
ATOM   305  C  CA  . SER A 1 58  ? 8.004   -2.679  -8.325  1.00 76.27  ? 79  SER A CA  1 
ATOM   306  C  C   . SER A 1 58  ? 6.890   -2.988  -7.316  1.00 82.62  ? 79  SER A C   1 
ATOM   307  O  O   . SER A 1 58  ? 7.068   -3.832  -6.427  1.00 84.46  ? 79  SER A O   1 
ATOM   308  C  CB  . SER A 1 58  ? 8.770   -1.397  -7.967  1.00 75.43  ? 79  SER A CB  1 
ATOM   309  O  OG  . SER A 1 58  ? 8.990   -1.224  -6.580  1.00 77.49  ? 79  SER A OG  1 
ATOM   310  N  N   . MET A 1 59  ? 5.729   -2.334  -7.438  1.00 84.62  ? 80  MET A N   1 
ATOM   311  C  CA  . MET A 1 59  ? 4.607   -2.690  -6.569  1.00 82.37  ? 80  MET A CA  1 
ATOM   312  C  C   . MET A 1 59  ? 3.907   -3.947  -7.063  1.00 84.11  ? 80  MET A C   1 
ATOM   313  O  O   . MET A 1 59  ? 3.344   -4.702  -6.269  1.00 88.55  ? 80  MET A O   1 
ATOM   314  C  CB  . MET A 1 59  ? 3.576   -1.564  -6.470  1.00 86.85  ? 80  MET A CB  1 
ATOM   315  C  CG  . MET A 1 59  ? 4.060   -0.174  -6.753  1.00 90.89  ? 80  MET A CG  1 
ATOM   316  S  SD  . MET A 1 59  ? 4.867   0.618   -5.370  1.00 107.97 ? 80  MET A SD  1 
ATOM   317  C  CE  . MET A 1 59  ? 4.943   2.301   -6.025  1.00 87.52  ? 80  MET A CE  1 
ATOM   318  N  N   . GLY A 1 60  ? 3.882   -4.165  -8.373  1.00 87.28  ? 81  GLY A N   1 
ATOM   319  C  CA  . GLY A 1 60  ? 3.246   -5.371  -8.878  1.00 88.49  ? 81  GLY A CA  1 
ATOM   320  C  C   . GLY A 1 60  ? 3.875   -6.621  -8.298  1.00 84.61  ? 81  GLY A C   1 
ATOM   321  O  O   . GLY A 1 60  ? 3.189   -7.473  -7.731  1.00 85.51  ? 81  GLY A O   1 
ATOM   322  N  N   . LEU A 1 61  ? 5.202   -6.718  -8.388  1.00 83.95  ? 82  LEU A N   1 
ATOM   323  C  CA  . LEU A 1 61  ? 5.906   -7.898  -7.913  1.00 86.63  ? 82  LEU A CA  1 
ATOM   324  C  C   . LEU A 1 61  ? 6.135   -7.843  -6.404  1.00 93.13  ? 82  LEU A C   1 
ATOM   325  O  O   . LEU A 1 61  ? 6.108   -8.882  -5.728  1.00 93.62  ? 82  LEU A O   1 
ATOM   326  C  CB  . LEU A 1 61  ? 7.229   -8.049  -8.668  1.00 80.16  ? 82  LEU A CB  1 
ATOM   327  C  CG  . LEU A 1 61  ? 7.128   -8.053  -10.201 1.00 75.20  ? 82  LEU A CG  1 
ATOM   328  C  CD1 . LEU A 1 61  ? 8.487   -8.257  -10.837 1.00 78.40  ? 82  LEU A CD1 1 
ATOM   329  C  CD2 . LEU A 1 61  ? 6.163   -9.097  -10.673 1.00 71.61  ? 82  LEU A CD2 1 
ATOM   330  N  N   . GLY A 1 62  ? 6.366   -6.647  -5.858  1.00 90.39  ? 83  GLY A N   1 
ATOM   331  C  CA  . GLY A 1 62  ? 6.416   -6.517  -4.411  1.00 90.09  ? 83  GLY A CA  1 
ATOM   332  C  C   . GLY A 1 62  ? 5.132   -6.969  -3.736  1.00 93.01  ? 83  GLY A C   1 
ATOM   333  O  O   . GLY A 1 62  ? 5.159   -7.545  -2.651  1.00 88.55  ? 83  GLY A O   1 
ATOM   334  N  N   . GLY A 1 63  ? 3.993   -6.719  -4.372  1.00 92.89  ? 84  GLY A N   1 
ATOM   335  C  CA  . GLY A 1 63  ? 2.738   -7.167  -3.806  1.00 91.57  ? 84  GLY A CA  1 
ATOM   336  C  C   . GLY A 1 63  ? 2.589   -8.673  -3.845  1.00 95.70  ? 84  GLY A C   1 
ATOM   337  O  O   . GLY A 1 63  ? 2.062   -9.272  -2.910  1.00 101.68 ? 84  GLY A O   1 
ATOM   338  N  N   . TYR A 1 64  ? 3.044   -9.308  -4.922  1.00 95.10  ? 85  TYR A N   1 
ATOM   339  C  CA  . TYR A 1 64  ? 2.919   -10.759 -5.026  1.00 95.56  ? 85  TYR A CA  1 
ATOM   340  C  C   . TYR A 1 64  ? 4.135   -11.498 -4.500  1.00 99.85  ? 85  TYR A C   1 
ATOM   341  O  O   . TYR A 1 64  ? 4.167   -12.730 -4.580  1.00 101.78 ? 85  TYR A O   1 
ATOM   342  C  CB  . TYR A 1 64  ? 2.649   -11.179 -6.471  1.00 91.94  ? 85  TYR A CB  1 
ATOM   343  N  N   . LEU A 1 65  ? 5.137   -10.781 -3.990  1.00 103.51 ? 86  LEU A N   1 
ATOM   344  C  CA  . LEU A 1 65  ? 6.227   -11.420 -3.258  1.00 106.01 ? 86  LEU A CA  1 
ATOM   345  C  C   . LEU A 1 65  ? 5.976   -11.406 -1.756  1.00 110.34 ? 86  LEU A C   1 
ATOM   346  O  O   . LEU A 1 65  ? 6.425   -12.316 -1.053  1.00 117.17 ? 86  LEU A O   1 
ATOM   347  C  CB  . LEU A 1 65  ? 7.555   -10.740 -3.585  1.00 100.73 ? 86  LEU A CB  1 
ATOM   348  N  N   . ALA A 1 66  ? 5.223   -10.421 -1.263  1.00 103.38 ? 87  ALA A N   1 
ATOM   349  C  CA  . ALA A 1 66  ? 4.823   -10.416 0.136   1.00 107.80 ? 87  ALA A CA  1 
ATOM   350  C  C   . ALA A 1 66  ? 3.593   -11.297 0.357   1.00 117.09 ? 87  ALA A C   1 
ATOM   351  O  O   . ALA A 1 66  ? 3.532   -12.046 1.336   1.00 117.23 ? 87  ALA A O   1 
ATOM   352  C  CB  . ALA A 1 66  ? 4.563   -8.981  0.601   1.00 95.86  ? 87  ALA A CB  1 
ATOM   353  N  N   . ALA A 1 67  ? 2.621   -11.233 -0.554  1.00 111.95 ? 88  ALA A N   1 
ATOM   354  C  CA  . ALA A 1 67  ? 1.432   -12.069 -0.441  1.00 113.39 ? 88  ALA A CA  1 
ATOM   355  C  C   . ALA A 1 67  ? 1.779   -13.544 -0.584  1.00 123.88 ? 88  ALA A C   1 
ATOM   356  O  O   . ALA A 1 67  ? 1.312   -14.378 0.197   1.00 130.25 ? 88  ALA A O   1 
ATOM   357  C  CB  . ALA A 1 67  ? 0.392   -11.664 -1.485  1.00 107.15 ? 88  ALA A CB  1 
ATOM   358  N  N   . LYS A 1 68  ? 2.589   -13.893 -1.587  1.00 120.60 ? 89  LYS A N   1 
ATOM   359  C  CA  . LYS A 1 68  ? 2.955   -15.296 -1.765  1.00 123.80 ? 89  LYS A CA  1 
ATOM   360  C  C   . LYS A 1 68  ? 3.941   -15.777 -0.709  1.00 131.51 ? 89  LYS A C   1 
ATOM   361  O  O   . LYS A 1 68  ? 4.111   -16.991 -0.547  1.00 138.21 ? 89  LYS A O   1 
ATOM   362  C  CB  . LYS A 1 68  ? 3.532   -15.531 -3.162  1.00 112.54 ? 89  LYS A CB  1 
ATOM   363  N  N   . SER A 1 69  ? 4.587   -14.863 0.020   1.00 129.14 ? 90  SER A N   1 
ATOM   364  C  CA  . SER A 1 69  ? 5.464   -15.257 1.119   1.00 134.69 ? 90  SER A CA  1 
ATOM   365  C  C   . SER A 1 69  ? 4.699   -15.433 2.419   1.00 138.91 ? 90  SER A C   1 
ATOM   366  O  O   . SER A 1 69  ? 5.020   -16.328 3.206   1.00 141.90 ? 90  SER A O   1 
ATOM   367  C  CB  . SER A 1 69  ? 6.572   -14.225 1.318   1.00 130.27 ? 90  SER A CB  1 
ATOM   368  N  N   . GLU A 1 70  ? 3.682   -14.598 2.642   1.00 138.89 ? 91  GLU A N   1 
ATOM   369  C  CA  . GLU A 1 70  ? 2.853   -14.722 3.837   1.00 144.35 ? 91  GLU A CA  1 
ATOM   370  C  C   . GLU A 1 70  ? 1.842   -15.853 3.697   1.00 147.58 ? 91  GLU A C   1 
ATOM   371  O  O   . GLU A 1 70  ? 1.519   -16.530 4.677   1.00 149.99 ? 91  GLU A O   1 
ATOM   372  C  CB  . GLU A 1 70  ? 2.150   -13.398 4.125   1.00 141.24 ? 91  GLU A CB  1 
ATOM   373  C  CG  . GLU A 1 70  ? 3.124   -12.294 4.438   1.00 147.68 ? 91  GLU A CG  1 
ATOM   374  C  CD  . GLU A 1 70  ? 4.247   -12.779 5.327   1.00 150.51 ? 91  GLU A CD  1 
ATOM   375  O  OE1 . GLU A 1 70  ? 4.003   -12.951 6.540   1.00 153.68 ? 91  GLU A OE1 1 
ATOM   376  O  OE2 . GLU A 1 70  ? 5.364   -13.015 4.813   1.00 148.91 ? 91  GLU A OE2 1 
ATOM   377  N  N   . ALA A 1 71  ? 1.327   -16.073 2.488   1.00 144.21 ? 92  ALA A N   1 
ATOM   378  C  CA  . ALA A 1 71  ? 0.509   -17.255 2.245   1.00 146.22 ? 92  ALA A CA  1 
ATOM   379  C  C   . ALA A 1 71  ? 1.268   -18.525 2.616   1.00 151.73 ? 92  ALA A C   1 
ATOM   380  O  O   . ALA A 1 71  ? 0.732   -19.411 3.293   1.00 159.11 ? 92  ALA A O   1 
ATOM   381  C  CB  . ALA A 1 71  ? 0.068   -17.294 0.782   1.00 142.86 ? 92  ALA A CB  1 
ATOM   382  N  N   . ASP A 1 72  ? 2.534   -18.618 2.197   1.00 147.52 ? 93  ASP A N   1 
ATOM   383  C  CA  . ASP A 1 72  ? 3.362   -19.758 2.574   1.00 151.54 ? 93  ASP A CA  1 
ATOM   384  C  C   . ASP A 1 72  ? 3.725   -19.723 4.054   1.00 153.72 ? 93  ASP A C   1 
ATOM   385  O  O   . ASP A 1 72  ? 3.693   -20.755 4.731   1.00 157.45 ? 93  ASP A O   1 
ATOM   386  C  CB  . ASP A 1 72  ? 4.623   -19.790 1.718   1.00 152.03 ? 93  ASP A CB  1 
ATOM   387  C  CG  . ASP A 1 72  ? 4.344   -20.224 0.298   1.00 155.30 ? 93  ASP A CG  1 
ATOM   388  O  OD1 . ASP A 1 72  ? 3.173   -20.550 -0.007  1.00 155.93 ? 93  ASP A OD1 1 
ATOM   389  O  OD2 . ASP A 1 72  ? 5.297   -20.243 -0.513  1.00 154.01 ? 93  ASP A OD2 1 
ATOM   390  N  N   . ASN A 1 73  ? 4.072   -18.542 4.577   1.00 151.61 ? 94  ASN A N   1 
ATOM   391  C  CA  . ASN A 1 73  ? 4.555   -18.454 5.954   1.00 154.34 ? 94  ASN A CA  1 
ATOM   392  C  C   . ASN A 1 73  ? 3.460   -18.803 6.964   1.00 160.26 ? 94  ASN A C   1 
ATOM   393  O  O   . ASN A 1 73  ? 3.700   -19.568 7.905   1.00 163.03 ? 94  ASN A O   1 
ATOM   394  C  CB  . ASN A 1 73  ? 5.125   -17.055 6.224   1.00 156.09 ? 94  ASN A CB  1 
ATOM   395  C  CG  . ASN A 1 73  ? 5.217   -16.720 7.713   1.00 158.61 ? 94  ASN A CG  1 
ATOM   396  O  OD1 . ASN A 1 73  ? 5.720   -17.501 8.516   1.00 157.20 ? 94  ASN A OD1 1 
ATOM   397  N  ND2 . ASN A 1 73  ? 4.727   -15.540 8.079   1.00 160.64 ? 94  ASN A ND2 1 
ATOM   398  N  N   . TYR A 1 74  ? 2.249   -18.263 6.792   1.00 159.80 ? 95  TYR A N   1 
ATOM   399  C  CA  . TYR A 1 74  ? 1.208   -18.504 7.791   1.00 159.20 ? 95  TYR A CA  1 
ATOM   400  C  C   . TYR A 1 74  ? 0.701   -19.936 7.725   1.00 159.78 ? 95  TYR A C   1 
ATOM   401  O  O   . TYR A 1 74  ? 0.298   -20.501 8.746   1.00 164.38 ? 95  TYR A O   1 
ATOM   402  C  CB  . TYR A 1 74  ? 0.052   -17.522 7.618   1.00 164.06 ? 95  TYR A CB  1 
ATOM   403  C  CG  . TYR A 1 74  ? 0.384   -16.100 8.022   1.00 166.50 ? 95  TYR A CG  1 
ATOM   404  C  CD1 . TYR A 1 74  ? 0.928   -15.206 7.110   1.00 159.22 ? 95  TYR A CD1 1 
ATOM   405  C  CD2 . TYR A 1 74  ? 0.150   -15.649 9.313   1.00 169.56 ? 95  TYR A CD2 1 
ATOM   406  C  CE1 . TYR A 1 74  ? 1.236   -13.915 7.463   1.00 160.35 ? 95  TYR A CE1 1 
ATOM   407  C  CE2 . TYR A 1 74  ? 0.458   -14.344 9.680   1.00 171.45 ? 95  TYR A CE2 1 
ATOM   408  C  CZ  . TYR A 1 74  ? 1.004   -13.484 8.744   1.00 165.35 ? 95  TYR A CZ  1 
ATOM   409  O  OH  . TYR A 1 74  ? 1.321   -12.184 9.072   1.00 165.40 ? 95  TYR A OH  1 
ATOM   410  N  N   . ALA A 1 75  ? 0.698   -20.534 6.534   1.00 158.79 ? 96  ALA A N   1 
ATOM   411  C  CA  . ALA A 1 75  ? 0.418   -21.962 6.432   1.00 160.17 ? 96  ALA A CA  1 
ATOM   412  C  C   . ALA A 1 75  ? 1.564   -22.783 7.012   1.00 162.46 ? 96  ALA A C   1 
ATOM   413  O  O   . ALA A 1 75  ? 1.338   -23.831 7.625   1.00 168.22 ? 96  ALA A O   1 
ATOM   414  C  CB  . ALA A 1 75  ? 0.156   -22.349 4.978   1.00 157.65 ? 96  ALA A CB  1 
ATOM   415  N  N   . ARG A 1 76  ? 2.801   -22.319 6.840   1.00 160.62 ? 97  ARG A N   1 
ATOM   416  C  CA  . ARG A 1 76  ? 3.925   -22.986 7.489   1.00 162.03 ? 97  ARG A CA  1 
ATOM   417  C  C   . ARG A 1 76  ? 3.903   -22.748 8.991   1.00 164.48 ? 97  ARG A C   1 
ATOM   418  O  O   . ARG A 1 76  ? 4.170   -23.666 9.775   1.00 167.62 ? 97  ARG A O   1 
ATOM   419  C  CB  . ARG A 1 76  ? 5.247   -22.509 6.898   1.00 165.06 ? 97  ARG A CB  1 
ATOM   420  N  N   . GLU A 1 77  ? 3.590   -21.523 9.415   1.00 162.85 ? 98  GLU A N   1 
ATOM   421  C  CA  . GLU A 1 77  ? 3.429   -21.277 10.840  1.00 164.37 ? 98  GLU A CA  1 
ATOM   422  C  C   . GLU A 1 77  ? 2.230   -22.029 11.386  1.00 168.97 ? 98  GLU A C   1 
ATOM   423  O  O   . GLU A 1 77  ? 2.237   -22.446 12.549  1.00 175.57 ? 98  GLU A O   1 
ATOM   424  C  CB  . GLU A 1 77  ? 3.300   -19.778 11.108  1.00 163.54 ? 98  GLU A CB  1 
ATOM   425  C  CG  . GLU A 1 77  ? 3.125   -19.384 12.568  1.00 165.16 ? 98  GLU A CG  1 
ATOM   426  C  CD  . GLU A 1 77  ? 4.389   -19.535 13.396  1.00 164.75 ? 98  GLU A CD  1 
ATOM   427  O  OE1 . GLU A 1 77  ? 5.296   -20.288 12.991  1.00 162.64 ? 98  GLU A OE1 1 
ATOM   428  O  OE2 . GLU A 1 77  ? 4.480   -18.892 14.461  1.00 177.65 ? 98  GLU A OE2 1 
ATOM   429  N  N   . LEU A 1 78  ? 1.201   -22.224 10.561  1.00 167.76 ? 99  LEU A N   1 
ATOM   430  C  CA  . LEU A 1 78  ? 0.082   -23.064 10.970  1.00 167.71 ? 99  LEU A CA  1 
ATOM   431  C  C   . LEU A 1 78  ? 0.552   -24.464 11.332  1.00 174.84 ? 99  LEU A C   1 
ATOM   432  O  O   . LEU A 1 78  ? 0.087   -25.042 12.318  1.00 180.83 ? 99  LEU A O   1 
ATOM   433  C  CB  . LEU A 1 78  ? -0.968  -23.093 9.865   1.00 167.03 ? 99  LEU A CB  1 
ATOM   434  C  CG  . LEU A 1 78  ? -2.278  -23.853 10.032  1.00 167.66 ? 99  LEU A CG  1 
ATOM   435  C  CD1 . LEU A 1 78  ? -2.994  -23.459 11.294  1.00 167.74 ? 99  LEU A CD1 1 
ATOM   436  C  CD2 . LEU A 1 78  ? -3.158  -23.585 8.828   1.00 170.46 ? 99  LEU A CD2 1 
ATOM   437  N  N   . LYS A 1 79  ? 1.520   -24.994 10.581  1.00 172.74 ? 100 LYS A N   1 
ATOM   438  C  CA  . LYS A 1 79  ? 1.998   -26.360 10.798  1.00 174.66 ? 100 LYS A CA  1 
ATOM   439  C  C   . LYS A 1 79  ? 2.921   -26.463 12.013  1.00 180.14 ? 100 LYS A C   1 
ATOM   440  O  O   . LYS A 1 79  ? 2.815   -27.407 12.806  1.00 182.21 ? 100 LYS A O   1 
ATOM   441  C  CB  . LYS A 1 79  ? 2.714   -26.868 9.547   1.00 169.20 ? 100 LYS A CB  1 
ATOM   442  C  CG  . LYS A 1 79  ? 2.778   -28.371 9.405   1.00 165.78 ? 100 LYS A CG  1 
ATOM   443  C  CD  . LYS A 1 79  ? 3.218   -28.740 8.004   1.00 158.79 ? 100 LYS A CD  1 
ATOM   444  C  CE  . LYS A 1 79  ? 2.685   -30.091 7.613   1.00 158.15 ? 100 LYS A CE  1 
ATOM   445  N  NZ  . LYS A 1 79  ? 2.965   -31.090 8.679   1.00 162.53 ? 100 LYS A NZ  1 
ATOM   446  N  N   . ARG A 1 80  ? 3.839   -25.508 12.172  1.00 180.87 ? 101 ARG A N   1 
ATOM   447  C  CA  . ARG A 1 80  ? 4.789   -25.563 13.281  1.00 183.20 ? 101 ARG A CA  1 
ATOM   448  C  C   . ARG A 1 80  ? 4.078   -25.566 14.626  1.00 191.49 ? 101 ARG A C   1 
ATOM   449  O  O   . ARG A 1 80  ? 4.479   -26.285 15.548  1.00 195.47 ? 101 ARG A O   1 
ATOM   450  C  CB  . ARG A 1 80  ? 5.767   -24.393 13.204  1.00 179.55 ? 101 ARG A CB  1 
ATOM   451  N  N   . GLU A 1 81  ? 3.008   -24.784 14.757  1.00 195.23 ? 102 GLU A N   1 
ATOM   452  C  CA  . GLU A 1 81  ? 2.297   -24.740 16.030  1.00 209.88 ? 102 GLU A CA  1 
ATOM   453  C  C   . GLU A 1 81  ? 1.457   -25.982 16.251  1.00 202.70 ? 102 GLU A C   1 
ATOM   454  O  O   . GLU A 1 81  ? 1.239   -26.381 17.399  1.00 209.24 ? 102 GLU A O   1 
ATOM   455  C  CB  . GLU A 1 81  ? 1.407   -23.515 16.111  1.00 227.34 ? 102 GLU A CB  1 
ATOM   456  C  CG  . GLU A 1 81  ? 0.657   -23.394 17.413  1.00 244.95 ? 102 GLU A CG  1 
ATOM   457  C  CD  . GLU A 1 81  ? 1.542   -22.947 18.564  1.00 266.12 ? 102 GLU A CD  1 
ATOM   458  O  OE1 . GLU A 1 81  ? 2.776   -23.109 18.486  1.00 303.93 ? 102 GLU A OE1 1 
ATOM   459  O  OE2 . GLU A 1 81  ? 0.998   -22.427 19.562  1.00 266.44 ? 102 GLU A OE2 1 
ATOM   460  N  N   . GLN A 1 82  ? 0.976   -26.601 15.173  1.00 191.96 ? 103 GLN A N   1 
ATOM   461  C  CA  . GLN A 1 82  ? 0.301   -27.885 15.309  1.00 189.53 ? 103 GLN A CA  1 
ATOM   462  C  C   . GLN A 1 82  ? 1.273   -28.966 15.770  1.00 191.14 ? 103 GLN A C   1 
ATOM   463  O  O   . GLN A 1 82  ? 0.909   -29.844 16.564  1.00 190.45 ? 103 GLN A O   1 
ATOM   464  C  CB  . GLN A 1 82  ? -0.351  -28.281 13.986  1.00 182.91 ? 103 GLN A CB  1 
ATOM   465  C  CG  . GLN A 1 82  ? -1.419  -27.320 13.496  1.00 177.49 ? 103 GLN A CG  1 
ATOM   466  C  CD  . GLN A 1 82  ? -2.702  -28.028 13.133  1.00 175.27 ? 103 GLN A CD  1 
ATOM   467  O  OE1 . GLN A 1 82  ? -3.251  -28.777 13.939  1.00 179.31 ? 103 GLN A OE1 1 
ATOM   468  N  NE2 . GLN A 1 82  ? -3.190  -27.799 11.918  1.00 170.54 ? 103 GLN A NE2 1 
ATOM   469  N  N   . GLU A 1 83  ? 2.518   -28.916 15.284  1.00 191.70 ? 104 GLU A N   1 
ATOM   470  C  CA  . GLU A 1 83  ? 3.522   -29.887 15.716  1.00 189.95 ? 104 GLU A CA  1 
ATOM   471  C  C   . GLU A 1 83  ? 3.932   -29.670 17.164  1.00 191.37 ? 104 GLU A C   1 
ATOM   472  O  O   . GLU A 1 83  ? 4.283   -30.632 17.856  1.00 187.41 ? 104 GLU A O   1 
ATOM   473  C  CB  . GLU A 1 83  ? 4.750   -29.824 14.809  1.00 186.64 ? 104 GLU A CB  1 
ATOM   474  C  CG  . GLU A 1 83  ? 4.448   -30.169 13.370  1.00 182.60 ? 104 GLU A CG  1 
ATOM   475  C  CD  . GLU A 1 83  ? 3.630   -31.433 13.251  1.00 181.85 ? 104 GLU A CD  1 
ATOM   476  O  OE1 . GLU A 1 83  ? 3.901   -32.401 14.001  1.00 181.72 ? 104 GLU A OE1 1 
ATOM   477  O  OE2 . GLU A 1 83  ? 2.706   -31.450 12.414  1.00 180.28 ? 104 GLU A OE2 1 
ATOM   478  N  N   . GLU A 1 84  ? 3.919   -28.417 17.629  1.00 198.09 ? 105 GLU A N   1 
ATOM   479  C  CA  . GLU A 1 84  ? 4.077   -28.153 19.054  1.00 205.15 ? 105 GLU A CA  1 
ATOM   480  C  C   . GLU A 1 84  ? 2.827   -28.548 19.830  1.00 199.20 ? 105 GLU A C   1 
ATOM   481  O  O   . GLU A 1 84  ? 2.926   -28.984 20.979  1.00 196.97 ? 105 GLU A O   1 
ATOM   482  C  CB  . GLU A 1 84  ? 4.406   -26.679 19.290  1.00 225.09 ? 105 GLU A CB  1 
ATOM   483  C  CG  . GLU A 1 84  ? 4.679   -26.327 20.747  1.00 237.15 ? 105 GLU A CG  1 
ATOM   484  C  CD  . GLU A 1 84  ? 4.896   -24.845 20.961  1.00 261.03 ? 105 GLU A CD  1 
ATOM   485  O  OE1 . GLU A 1 84  ? 5.173   -24.144 19.971  1.00 275.06 ? 105 GLU A OE1 1 
ATOM   486  O  OE2 . GLU A 1 84  ? 4.789   -24.382 22.115  1.00 263.95 ? 105 GLU A OE2 1 
ATOM   487  N  N   . ILE A 1 85  ? 1.646   -28.421 19.222  1.00 196.33 ? 106 ILE A N   1 
ATOM   488  C  CA  . ILE A 1 85  ? 0.436   -28.873 19.895  1.00 192.59 ? 106 ILE A CA  1 
ATOM   489  C  C   . ILE A 1 85  ? 0.400   -30.386 19.965  1.00 187.48 ? 106 ILE A C   1 
ATOM   490  O  O   . ILE A 1 85  ? -0.218  -30.954 20.871  1.00 186.27 ? 106 ILE A O   1 
ATOM   491  C  CB  . ILE A 1 85  ? -0.812  -28.322 19.187  1.00 196.73 ? 106 ILE A CB  1 
ATOM   492  N  N   . ILE A 1 86  ? 1.061   -31.067 19.030  1.00 187.28 ? 107 ILE A N   1 
ATOM   493  C  CA  . ILE A 1 86  ? 1.014   -32.525 18.949  1.00 186.94 ? 107 ILE A CA  1 
ATOM   494  C  C   . ILE A 1 86  ? 2.079   -33.161 19.845  1.00 184.34 ? 107 ILE A C   1 
ATOM   495  O  O   . ILE A 1 86  ? 1.750   -33.895 20.785  1.00 180.10 ? 107 ILE A O   1 
ATOM   496  C  CB  . ILE A 1 86  ? 1.174   -32.993 17.487  1.00 188.54 ? 107 ILE A CB  1 
ATOM   497  N  N   . ARG A 1 87  ? 3.358   -32.878 19.568  1.00 185.18 ? 108 ARG A N   1 
ATOM   498  C  CA  . ARG A 1 87  ? 4.452   -33.571 20.251  1.00 179.04 ? 108 ARG A CA  1 
ATOM   499  C  C   . ARG A 1 87  ? 4.401   -33.374 21.764  1.00 176.03 ? 108 ARG A C   1 
ATOM   500  O  O   . ARG A 1 87  ? 4.618   -34.326 22.523  1.00 174.91 ? 108 ARG A O   1 
ATOM   501  C  CB  . ARG A 1 87  ? 5.802   -33.097 19.700  1.00 175.88 ? 108 ARG A CB  1 
ATOM   502  N  N   . VAL A 1 88  ? 4.127   -32.155 22.223  1.00 174.65 ? 109 VAL A N   1 
ATOM   503  C  CA  . VAL A 1 88  ? 4.102   -31.878 23.657  1.00 172.07 ? 109 VAL A CA  1 
ATOM   504  C  C   . VAL A 1 88  ? 2.801   -31.158 23.989  1.00 171.92 ? 109 VAL A C   1 
ATOM   505  O  O   . VAL A 1 88  ? 2.802   -29.938 24.203  1.00 172.77 ? 109 VAL A O   1 
ATOM   506  C  CB  . VAL A 1 88  ? 5.329   -31.061 24.084  1.00 174.29 ? 109 VAL A CB  1 
ATOM   507  N  N   . PRO A 1 89  ? 1.683   -31.887 24.075  1.00 170.66 ? 110 PRO A N   1 
ATOM   508  C  CA  . PRO A 1 89  ? 0.371   -31.229 24.182  1.00 173.18 ? 110 PRO A CA  1 
ATOM   509  C  C   . PRO A 1 89  ? 0.255   -30.254 25.334  1.00 174.03 ? 110 PRO A C   1 
ATOM   510  O  O   . PRO A 1 89  ? -0.439  -29.239 25.217  1.00 177.30 ? 110 PRO A O   1 
ATOM   511  C  CB  . PRO A 1 89  ? -0.587  -32.413 24.357  1.00 168.20 ? 110 PRO A CB  1 
ATOM   512  C  CG  . PRO A 1 89  ? 0.114   -33.560 23.735  1.00 167.30 ? 110 PRO A CG  1 
ATOM   513  C  CD  . PRO A 1 89  ? 1.562   -33.352 24.039  1.00 169.82 ? 110 PRO A CD  1 
ATOM   514  N  N   . ASP A 1 90  ? 0.908   -30.534 26.454  1.00 172.52 ? 111 ASP A N   1 
ATOM   515  C  CA  . ASP A 1 90  ? 0.776   -29.636 27.589  1.00 174.78 ? 111 ASP A CA  1 
ATOM   516  C  C   . ASP A 1 90  ? 1.533   -28.333 27.361  1.00 178.51 ? 111 ASP A C   1 
ATOM   517  O  O   . ASP A 1 90  ? 1.092   -27.279 27.834  1.00 178.50 ? 111 ASP A O   1 
ATOM   518  C  CB  . ASP A 1 90  ? 1.249   -30.334 28.864  1.00 176.92 ? 111 ASP A CB  1 
ATOM   519  N  N   . THR A 1 91  ? 2.659   -28.381 26.633  1.00 179.81 ? 112 THR A N   1 
ATOM   520  C  CA  . THR A 1 91  ? 3.425   -27.163 26.369  1.00 183.14 ? 112 THR A CA  1 
ATOM   521  C  C   . THR A 1 91  ? 2.613   -26.176 25.543  1.00 193.63 ? 112 THR A C   1 
ATOM   522  O  O   . THR A 1 91  ? 2.677   -24.962 25.769  1.00 197.37 ? 112 THR A O   1 
ATOM   523  C  CB  . THR A 1 91  ? 4.733   -27.485 25.641  1.00 179.97 ? 112 THR A CB  1 
ATOM   524  O  OG1 . THR A 1 91  ? 4.434   -28.175 24.425  1.00 183.03 ? 112 THR A OG1 1 
ATOM   525  C  CG2 . THR A 1 91  ? 5.645   -28.343 26.495  1.00 180.07 ? 112 THR A CG2 1 
ATOM   526  N  N   . GLU A 1 92  ? 1.858   -26.684 24.565  1.00 197.17 ? 113 GLU A N   1 
ATOM   527  C  CA  . GLU A 1 92  ? 0.947   -25.839 23.805  1.00 206.69 ? 113 GLU A CA  1 
ATOM   528  C  C   . GLU A 1 92  ? -0.273  -25.451 24.633  1.00 195.58 ? 113 GLU A C   1 
ATOM   529  O  O   . GLU A 1 92  ? -0.822  -24.357 24.460  1.00 194.90 ? 113 GLU A O   1 
ATOM   530  C  CB  . GLU A 1 92  ? 0.533   -26.563 22.523  1.00 211.61 ? 113 GLU A CB  1 
ATOM   531  C  CG  . GLU A 1 92  ? -0.263  -25.723 21.543  1.00 229.46 ? 113 GLU A CG  1 
ATOM   532  C  CD  . GLU A 1 92  ? 0.523   -24.554 20.974  1.00 250.12 ? 113 GLU A CD  1 
ATOM   533  O  OE1 . GLU A 1 92  ? 1.773   -24.546 21.061  1.00 253.11 ? 113 GLU A OE1 1 
ATOM   534  O  OE2 . GLU A 1 92  ? -0.117  -23.629 20.432  1.00 254.74 ? 113 GLU A OE2 1 
ATOM   535  N  N   . ALA A 1 93  ? -0.706  -26.325 25.541  1.00 185.51 ? 114 ALA A N   1 
ATOM   536  C  CA  . ALA A 1 93  ? -1.821  -25.983 26.414  1.00 179.43 ? 114 ALA A CA  1 
ATOM   537  C  C   . ALA A 1 93  ? -1.480  -24.793 27.300  1.00 176.17 ? 114 ALA A C   1 
ATOM   538  O  O   . ALA A 1 93  ? -2.301  -23.885 27.473  1.00 170.62 ? 114 ALA A O   1 
ATOM   539  C  CB  . ALA A 1 93  ? -2.210  -27.193 27.261  1.00 169.35 ? 114 ALA A CB  1 
ATOM   540  N  N   . ALA A 1 94  ? -0.257  -24.778 27.840  1.00 177.77 ? 115 ALA A N   1 
ATOM   541  C  CA  . ALA A 1 94  ? 0.172   -23.736 28.768  1.00 175.69 ? 115 ALA A CA  1 
ATOM   542  C  C   . ALA A 1 94  ? 0.245   -22.383 28.087  1.00 175.86 ? 115 ALA A C   1 
ATOM   543  O  O   . ALA A 1 94  ? -0.100  -21.356 28.683  1.00 172.30 ? 115 ALA A O   1 
ATOM   544  C  CB  . ALA A 1 94  ? 1.539   -24.088 29.351  1.00 174.58 ? 115 ALA A CB  1 
ATOM   545  N  N   . GLU A 1 95  ? 0.688   -22.358 26.835  1.00 184.63 ? 116 GLU A N   1 
ATOM   546  C  CA  . GLU A 1 95  ? 0.746   -21.092 26.114  1.00 192.94 ? 116 GLU A CA  1 
ATOM   547  C  C   . GLU A 1 95  ? -0.653  -20.492 25.905  1.00 179.91 ? 116 GLU A C   1 
ATOM   548  O  O   . GLU A 1 95  ? -0.811  -19.262 25.948  1.00 175.36 ? 116 GLU A O   1 
ATOM   549  C  CB  . GLU A 1 95  ? 1.488   -21.307 24.789  1.00 215.49 ? 116 GLU A CB  1 
ATOM   550  C  CG  . GLU A 1 95  ? 1.584   -20.102 23.900  1.00 230.48 ? 116 GLU A CG  1 
ATOM   551  C  CD  . GLU A 1 95  ? 2.035   -20.496 22.521  1.00 259.04 ? 116 GLU A CD  1 
ATOM   552  O  OE1 . GLU A 1 95  ? 1.233   -20.377 21.576  1.00 263.23 ? 116 GLU A OE1 1 
ATOM   553  O  OE2 . GLU A 1 95  ? 3.177   -20.977 22.389  1.00 275.31 ? 116 GLU A OE2 1 
ATOM   554  N  N   . VAL A 1 96  ? -1.684  -21.327 25.709  1.00 175.05 ? 117 VAL A N   1 
ATOM   555  C  CA  . VAL A 1 96  ? -3.026  -20.779 25.527  1.00 167.16 ? 117 VAL A CA  1 
ATOM   556  C  C   . VAL A 1 96  ? -3.848  -20.873 26.802  1.00 159.77 ? 117 VAL A C   1 
ATOM   557  O  O   . VAL A 1 96  ? -4.810  -20.106 26.972  1.00 152.13 ? 117 VAL A O   1 
ATOM   558  C  CB  . VAL A 1 96  ? -3.753  -21.454 24.359  1.00 171.41 ? 117 VAL A CB  1 
ATOM   559  N  N   . ALA A 1 97  ? -3.501  -21.768 27.716  1.00 163.56 ? 118 ALA A N   1 
ATOM   560  C  CA  . ALA A 1 97  ? -3.894  -21.570 29.109  1.00 157.33 ? 118 ALA A CA  1 
ATOM   561  C  C   . ALA A 1 97  ? -3.467  -20.191 29.583  1.00 157.02 ? 118 ALA A C   1 
ATOM   562  O  O   . ALA A 1 97  ? -4.221  -19.498 30.282  1.00 152.72 ? 118 ALA A O   1 
ATOM   563  C  CB  . ALA A 1 97  ? -3.314  -22.634 30.017  1.00 153.73 ? 118 ALA A CB  1 
ATOM   564  N  N   . GLU A 1 98  ? -2.297  -19.735 29.127  1.00 160.02 ? 119 GLU A N   1 
ATOM   565  C  CA  . GLU A 1 98  ? -1.881  -18.368 29.418  1.00 157.67 ? 119 GLU A CA  1 
ATOM   566  C  C   . GLU A 1 98  ? -2.809  -17.377 28.752  1.00 153.12 ? 119 GLU A C   1 
ATOM   567  O  O   . GLU A 1 98  ? -3.158  -16.348 29.346  1.00 148.60 ? 119 GLU A O   1 
ATOM   568  C  CB  . GLU A 1 98  ? -0.452  -18.108 28.957  1.00 160.42 ? 119 GLU A CB  1 
ATOM   569  N  N   . ILE A 1 99  ? -3.218  -17.672 27.514  1.00 149.19 ? 120 ILE A N   1 
ATOM   570  C  CA  . ILE A 1 99  ? -4.169  -16.813 26.816  1.00 146.07 ? 120 ILE A CA  1 
ATOM   571  C  C   . ILE A 1 99  ? -5.457  -16.709 27.615  1.00 150.47 ? 120 ILE A C   1 
ATOM   572  O  O   . ILE A 1 99  ? -5.915  -15.608 27.951  1.00 149.50 ? 120 ILE A O   1 
ATOM   573  C  CB  . ILE A 1 99  ? -4.424  -17.334 25.388  1.00 144.60 ? 120 ILE A CB  1 
ATOM   574  N  N   . LEU A 1 100 ? -6.046  -17.863 27.954  1.00 150.07 ? 121 LEU A N   1 
ATOM   575  C  CA  . LEU A 1 100 ? -7.233  -17.881 28.800  1.00 147.20 ? 121 LEU A CA  1 
ATOM   576  C  C   . LEU A 1 100 ? -6.975  -17.166 30.116  1.00 149.82 ? 121 LEU A C   1 
ATOM   577  O  O   . LEU A 1 100 ? -7.724  -16.264 30.499  1.00 152.05 ? 121 LEU A O   1 
ATOM   578  C  CB  . LEU A 1 100 ? -7.682  -19.317 29.053  1.00 149.05 ? 121 LEU A CB  1 
ATOM   579  C  CG  . LEU A 1 100 ? -7.958  -20.132 27.794  1.00 151.96 ? 121 LEU A CG  1 
ATOM   580  C  CD1 . LEU A 1 100 ? -8.282  -21.568 28.159  1.00 155.37 ? 121 LEU A CD1 1 
ATOM   581  C  CD2 . LEU A 1 100 ? -9.089  -19.515 27.003  1.00 146.28 ? 121 LEU A CD2 1 
ATOM   582  N  N   . ALA A 1 101 ? -5.900  -17.540 30.810  1.00 146.98 ? 122 ALA A N   1 
ATOM   583  C  CA  . ALA A 1 101 ? -5.534  -16.842 32.038  1.00 148.87 ? 122 ALA A CA  1 
ATOM   584  C  C   . ALA A 1 101 ? -5.425  -15.339 31.818  1.00 149.64 ? 122 ALA A C   1 
ATOM   585  O  O   . ALA A 1 101 ? -5.974  -14.549 32.596  1.00 148.38 ? 122 ALA A O   1 
ATOM   586  C  CB  . ALA A 1 101 ? -4.212  -17.380 32.572  1.00 158.04 ? 122 ALA A CB  1 
ATOM   587  N  N   . ARG A 1 102 ? -4.722  -14.931 30.748  1.00 146.65 ? 123 ARG A N   1 
ATOM   588  C  CA  . ARG A 1 102 ? -4.390  -13.522 30.546  1.00 144.08 ? 123 ARG A CA  1 
ATOM   589  C  C   . ARG A 1 102 ? -5.612  -12.629 30.662  1.00 146.61 ? 123 ARG A C   1 
ATOM   590  O  O   . ARG A 1 102 ? -5.536  -11.517 31.205  1.00 143.35 ? 123 ARG A O   1 
ATOM   591  C  CB  . ARG A 1 102 ? -3.726  -13.319 29.181  1.00 146.13 ? 123 ARG A CB  1 
ATOM   592  N  N   . TYR A 1 103 ? -6.757  -13.102 30.183  1.00 148.63 ? 124 TYR A N   1 
ATOM   593  C  CA  . TYR A 1 103 ? -7.946  -12.269 30.177  1.00 149.78 ? 124 TYR A CA  1 
ATOM   594  C  C   . TYR A 1 103 ? -8.762  -12.404 31.452  1.00 150.34 ? 124 TYR A C   1 
ATOM   595  O  O   . TYR A 1 103 ? -10.000 -12.342 31.391  1.00 152.97 ? 124 TYR A O   1 
ATOM   596  C  CB  . TYR A 1 103 ? -8.779  -12.589 28.947  1.00 149.88 ? 124 TYR A CB  1 
ATOM   597  C  CG  . TYR A 1 103 ? -8.078  -12.193 27.681  1.00 149.30 ? 124 TYR A CG  1 
ATOM   598  C  CD1 . TYR A 1 103 ? -8.285  -10.940 27.112  1.00 152.56 ? 124 TYR A CD1 1 
ATOM   599  C  CD2 . TYR A 1 103 ? -7.199  -13.064 27.052  1.00 148.11 ? 124 TYR A CD2 1 
ATOM   600  C  CE1 . TYR A 1 103 ? -7.641  -10.575 25.936  1.00 153.15 ? 124 TYR A CE1 1 
ATOM   601  C  CE2 . TYR A 1 103 ? -6.558  -12.713 25.885  1.00 150.17 ? 124 TYR A CE2 1 
ATOM   602  C  CZ  . TYR A 1 103 ? -6.775  -11.477 25.329  1.00 153.19 ? 124 TYR A CZ  1 
ATOM   603  O  OH  . TYR A 1 103 ? -6.110  -11.162 24.154  1.00 158.69 ? 124 TYR A OH  1 
ATOM   604  N  N   . GLY A 1 104 ? -8.099  -12.546 32.600  1.00 150.32 ? 125 GLY A N   1 
ATOM   605  C  CA  . GLY A 1 104 ? -8.800  -12.605 33.870  1.00 152.99 ? 125 GLY A CA  1 
ATOM   606  C  C   . GLY A 1 104 ? -9.826  -13.705 33.960  1.00 153.58 ? 125 GLY A C   1 
ATOM   607  O  O   . GLY A 1 104 ? -10.955 -13.455 34.413  1.00 150.55 ? 125 GLY A O   1 
ATOM   608  N  N   . ILE A 1 105 ? -9.469  -14.907 33.511  1.00 154.36 ? 126 ILE A N   1 
ATOM   609  C  CA  . ILE A 1 105 ? -10.362 -16.053 33.496  1.00 158.38 ? 126 ILE A CA  1 
ATOM   610  C  C   . ILE A 1 105 ? -9.757  -17.114 34.424  1.00 162.79 ? 126 ILE A C   1 
ATOM   611  O  O   . ILE A 1 105 ? -8.663  -17.639 34.165  1.00 159.27 ? 126 ILE A O   1 
ATOM   612  C  CB  . ILE A 1 105 ? -10.572 -16.579 32.068  1.00 158.02 ? 126 ILE A CB  1 
ATOM   613  C  CG1 . ILE A 1 105 ? -10.484 -15.444 31.027  1.00 154.89 ? 126 ILE A CG1 1 
ATOM   614  C  CG2 . ILE A 1 105 ? -11.952 -17.160 31.919  1.00 159.57 ? 126 ILE A CG2 1 
ATOM   615  C  CD1 . ILE A 1 105 ? -10.691 -15.911 29.555  1.00 149.33 ? 126 ILE A CD1 1 
ATOM   616  N  N   . GLU A 1 106 ? -10.482 -17.425 35.552  1.00 168.60 ? 127 GLU A N   1 
ATOM   617  C  CA  . GLU A 1 106 ? -9.965  -18.191 36.696  1.00 169.38 ? 127 GLU A CA  1 
ATOM   618  C  C   . GLU A 1 106 ? -9.941  -19.688 36.373  1.00 176.07 ? 127 GLU A C   1 
ATOM   619  O  O   . GLU A 1 106 ? -10.949 -20.249 35.940  1.00 177.63 ? 127 GLU A O   1 
ATOM   620  C  CB  . GLU A 1 106 ? -10.811 -17.937 37.959  1.00 167.44 ? 127 GLU A CB  1 
ATOM   621  C  CG  . GLU A 1 106 ? -11.658 -16.672 37.938  1.00 163.89 ? 127 GLU A CG  1 
ATOM   622  C  CD  . GLU A 1 106 ? -10.828 -15.400 37.771  1.00 161.13 ? 127 GLU A CD  1 
ATOM   623  O  OE1 . GLU A 1 106 ? -10.402 -14.808 38.789  1.00 159.10 ? 127 GLU A OE1 1 
ATOM   624  O  OE2 . GLU A 1 106 ? -10.591 -14.959 36.622  1.00 162.36 ? 127 GLU A OE2 1 
ATOM   625  N  N   . PRO A 1 107 ? -8.836  -20.373 36.673  1.00 180.46 ? 128 PRO A N   1 
ATOM   626  C  CA  . PRO A 1 107 ? -8.568  -21.691 36.054  1.00 182.59 ? 128 PRO A CA  1 
ATOM   627  C  C   . PRO A 1 107 ? -9.675  -22.727 36.188  1.00 183.93 ? 128 PRO A C   1 
ATOM   628  O  O   . PRO A 1 107 ? -9.804  -23.570 35.291  1.00 208.84 ? 128 PRO A O   1 
ATOM   629  C  CB  . PRO A 1 107 ? -7.273  -22.129 36.758  1.00 181.31 ? 128 PRO A CB  1 
ATOM   630  C  CG  . PRO A 1 107 ? -6.573  -20.815 37.086  1.00 179.19 ? 128 PRO A CG  1 
ATOM   631  C  CD  . PRO A 1 107 ? -7.701  -19.889 37.474  1.00 178.64 ? 128 PRO A CD  1 
ATOM   632  N  N   . HIS A 1 108 ? -10.499 -22.683 37.242  1.00 178.59 ? 129 HIS A N   1 
ATOM   633  C  CA  . HIS A 1 108 ? -11.457 -23.771 37.446  1.00 179.41 ? 129 HIS A CA  1 
ATOM   634  C  C   . HIS A 1 108 ? -12.560 -23.822 36.385  1.00 180.51 ? 129 HIS A C   1 
ATOM   635  O  O   . HIS A 1 108 ? -13.257 -24.843 36.289  1.00 182.90 ? 129 HIS A O   1 
ATOM   636  C  CB  . HIS A 1 108 ? -12.074 -23.694 38.849  1.00 179.56 ? 129 HIS A CB  1 
ATOM   637  C  CG  . HIS A 1 108 ? -12.978 -22.519 39.070  1.00 175.42 ? 129 HIS A CG  1 
ATOM   638  N  ND1 . HIS A 1 108 ? -12.517 -21.296 39.510  1.00 170.83 ? 129 HIS A ND1 1 
ATOM   639  C  CD2 . HIS A 1 108 ? -14.320 -22.391 38.943  1.00 172.88 ? 129 HIS A CD2 1 
ATOM   640  C  CE1 . HIS A 1 108 ? -13.535 -20.461 39.628  1.00 167.12 ? 129 HIS A CE1 1 
ATOM   641  N  NE2 . HIS A 1 108 ? -14.639 -21.101 39.288  1.00 170.08 ? 129 HIS A NE2 1 
ATOM   642  N  N   . GLU A 1 109 ? -12.727 -22.772 35.572  1.00 178.85 ? 130 GLU A N   1 
ATOM   643  C  CA  . GLU A 1 109 ? -13.715 -22.799 34.492  1.00 174.96 ? 130 GLU A CA  1 
ATOM   644  C  C   . GLU A 1 109 ? -13.114 -23.067 33.115  1.00 172.92 ? 130 GLU A C   1 
ATOM   645  O  O   . GLU A 1 109 ? -13.781 -23.674 32.272  1.00 169.66 ? 130 GLU A O   1 
ATOM   646  C  CB  . GLU A 1 109 ? -14.511 -21.486 34.466  1.00 171.49 ? 130 GLU A CB  1 
ATOM   647  C  CG  . GLU A 1 109 ? -13.687 -20.190 34.509  1.00 169.49 ? 130 GLU A CG  1 
ATOM   648  C  CD  . GLU A 1 109 ? -12.796 -20.016 33.294  1.00 169.31 ? 130 GLU A CD  1 
ATOM   649  O  OE1 . GLU A 1 109 ? -11.571 -19.779 33.453  1.00 171.66 ? 130 GLU A OE1 1 
ATOM   650  O  OE2 . GLU A 1 109 ? -13.303 -20.157 32.171  1.00 169.70 ? 130 GLU A OE2 1 
ATOM   651  N  N   . TYR A 1 110 ? -11.875 -22.625 32.868  1.00 174.42 ? 131 TYR A N   1 
ATOM   652  C  CA  . TYR A 1 110 ? -11.222 -22.825 31.577  1.00 171.18 ? 131 TYR A CA  1 
ATOM   653  C  C   . TYR A 1 110 ? -10.507 -24.164 31.512  1.00 172.11 ? 131 TYR A C   1 
ATOM   654  O  O   . TYR A 1 110 ? -10.120 -24.602 30.419  1.00 167.40 ? 131 TYR A O   1 
ATOM   655  C  CB  . TYR A 1 110 ? -10.221 -21.701 31.302  1.00 169.41 ? 131 TYR A CB  1 
ATOM   656  N  N   . GLY A 1 111 ? -10.315 -24.804 32.669  1.00 174.36 ? 132 GLY A N   1 
ATOM   657  C  CA  . GLY A 1 111 ? -9.780  -26.139 32.775  1.00 169.02 ? 132 GLY A CA  1 
ATOM   658  C  C   . GLY A 1 111 ? -10.578 -27.138 31.969  1.00 167.71 ? 132 GLY A C   1 
ATOM   659  O  O   . GLY A 1 111 ? -10.038 -27.820 31.099  1.00 168.77 ? 132 GLY A O   1 
ATOM   660  N  N   . PRO A 1 112 ? -11.881 -27.247 32.235  1.00 168.34 ? 133 PRO A N   1 
ATOM   661  C  CA  . PRO A 1 112 ? -12.724 -28.092 31.372  1.00 170.06 ? 133 PRO A CA  1 
ATOM   662  C  C   . PRO A 1 112 ? -12.710 -27.677 29.892  1.00 170.18 ? 133 PRO A C   1 
ATOM   663  O  O   . PRO A 1 112 ? -12.948 -28.533 29.028  1.00 169.09 ? 133 PRO A O   1 
ATOM   664  C  CB  . PRO A 1 112 ? -14.124 -27.946 31.993  1.00 170.16 ? 133 PRO A CB  1 
ATOM   665  C  CG  . PRO A 1 112 ? -13.883 -27.533 33.412  1.00 172.53 ? 133 PRO A CG  1 
ATOM   666  C  CD  . PRO A 1 112 ? -12.622 -26.713 33.394  1.00 171.93 ? 133 PRO A CD  1 
ATOM   667  N  N   . VAL A 1 113 ? -12.419 -26.409 29.569  1.00 168.22 ? 134 VAL A N   1 
ATOM   668  C  CA  . VAL A 1 113 ? -12.404 -25.969 28.171  1.00 165.92 ? 134 VAL A CA  1 
ATOM   669  C  C   . VAL A 1 113 ? -11.285 -26.655 27.397  1.00 165.99 ? 134 VAL A C   1 
ATOM   670  O  O   . VAL A 1 113 ? -11.457 -27.051 26.237  1.00 165.84 ? 134 VAL A O   1 
ATOM   671  C  CB  . VAL A 1 113 ? -12.267 -24.437 28.086  1.00 163.27 ? 134 VAL A CB  1 
ATOM   672  C  CG1 . VAL A 1 113 ? -12.144 -23.998 26.628  1.00 161.32 ? 134 VAL A CG1 1 
ATOM   673  C  CG2 . VAL A 1 113 ? -13.437 -23.750 28.767  1.00 163.55 ? 134 VAL A CG2 1 
ATOM   674  N  N   . VAL A 1 114 ? -10.114 -26.781 28.019  1.00 164.25 ? 135 VAL A N   1 
ATOM   675  C  CA  . VAL A 1 114 ? -8.975  -27.419 27.374  1.00 162.50 ? 135 VAL A CA  1 
ATOM   676  C  C   . VAL A 1 114 ? -9.268  -28.881 27.068  1.00 165.40 ? 135 VAL A C   1 
ATOM   677  O  O   . VAL A 1 114 ? -8.763  -29.426 26.077  1.00 164.32 ? 135 VAL A O   1 
ATOM   678  C  CB  . VAL A 1 114 ? -7.739  -27.257 28.272  1.00 160.33 ? 135 VAL A CB  1 
ATOM   679  C  CG1 . VAL A 1 114 ? -6.525  -27.904 27.649  1.00 162.68 ? 135 VAL A CG1 1 
ATOM   680  C  CG2 . VAL A 1 114 ? -7.495  -25.777 28.568  1.00 158.31 ? 135 VAL A CG2 1 
ATOM   681  N  N   . ASN A 1 115 ? -10.098 -29.532 27.896  1.00 167.18 ? 136 ASN A N   1 
ATOM   682  C  CA  . ASN A 1 115 ? -10.415 -30.949 27.708  1.00 168.60 ? 136 ASN A CA  1 
ATOM   683  C  C   . ASN A 1 115 ? -11.239 -31.173 26.449  1.00 168.92 ? 136 ASN A C   1 
ATOM   684  O  O   . ASN A 1 115 ? -10.938 -32.066 25.647  1.00 170.96 ? 136 ASN A O   1 
ATOM   685  C  CB  . ASN A 1 115 ? -11.177 -31.506 28.913  1.00 168.41 ? 136 ASN A CB  1 
ATOM   686  C  CG  . ASN A 1 115 ? -10.402 -31.400 30.200  1.00 168.90 ? 136 ASN A CG  1 
ATOM   687  O  OD1 . ASN A 1 115 ? -10.526 -30.422 30.933  1.00 167.34 ? 136 ASN A OD1 1 
ATOM   688  N  ND2 . ASN A 1 115 ? -9.623  -32.427 30.504  1.00 172.24 ? 136 ASN A ND2 1 
ATOM   689  N  N   . ALA A 1 116 ? -12.317 -30.405 26.287  1.00 167.06 ? 137 ALA A N   1 
ATOM   690  C  CA  . ALA A 1 116 ? -13.048 -30.452 25.030  1.00 168.88 ? 137 ALA A CA  1 
ATOM   691  C  C   . ALA A 1 116 ? -12.154 -30.036 23.870  1.00 169.12 ? 137 ALA A C   1 
ATOM   692  O  O   . ALA A 1 116 ? -12.323 -30.526 22.749  1.00 168.31 ? 137 ALA A O   1 
ATOM   693  C  CB  . ALA A 1 116 ? -14.285 -29.556 25.103  1.00 169.84 ? 137 ALA A CB  1 
ATOM   694  N  N   . LEU A 1 117 ? -11.186 -29.153 24.122  1.00 168.16 ? 138 LEU A N   1 
ATOM   695  C  CA  . LEU A 1 117 ? -10.308 -28.692 23.055  1.00 167.04 ? 138 LEU A CA  1 
ATOM   696  C  C   . LEU A 1 117 ? -9.318  -29.779 22.653  1.00 168.45 ? 138 LEU A C   1 
ATOM   697  O  O   . LEU A 1 117 ? -8.922  -29.868 21.485  1.00 171.33 ? 138 LEU A O   1 
ATOM   698  C  CB  . LEU A 1 117 ? -9.580  -27.421 23.510  1.00 163.68 ? 138 LEU A CB  1 
ATOM   699  N  N   . ARG A 1 118 ? -8.896  -30.606 23.613  1.00 168.47 ? 139 ARG A N   1 
ATOM   700  C  CA  . ARG A 1 118 ? -7.964  -31.689 23.318  1.00 169.76 ? 139 ARG A CA  1 
ATOM   701  C  C   . ARG A 1 118 ? -8.604  -32.785 22.466  1.00 174.14 ? 139 ARG A C   1 
ATOM   702  O  O   . ARG A 1 118 ? -7.892  -33.538 21.791  1.00 175.32 ? 139 ARG A O   1 
ATOM   703  C  CB  . ARG A 1 118 ? -7.420  -32.271 24.623  1.00 171.28 ? 139 ARG A CB  1 
ATOM   704  N  N   . LYS A 1 119 ? -9.937  -32.892 22.483  1.00 176.23 ? 140 LYS A N   1 
ATOM   705  C  CA  . LYS A 1 119 ? -10.631 -33.827 21.599  1.00 177.77 ? 140 LYS A CA  1 
ATOM   706  C  C   . LYS A 1 119 ? -10.800 -33.255 20.191  1.00 182.59 ? 140 LYS A C   1 
ATOM   707  O  O   . LYS A 1 119 ? -10.549 -33.959 19.207  1.00 184.77 ? 140 LYS A O   1 
ATOM   708  C  CB  . LYS A 1 119 ? -11.992 -34.198 22.194  1.00 175.31 ? 140 LYS A CB  1 
ATOM   709  N  N   . LYS A 1 120 ? -11.212 -31.986 20.070  1.00 184.11 ? 141 LYS A N   1 
ATOM   710  C  CA  . LYS A 1 120 ? -11.458 -31.343 18.777  1.00 173.98 ? 141 LYS A CA  1 
ATOM   711  C  C   . LYS A 1 120 ? -10.320 -30.385 18.437  1.00 171.29 ? 141 LYS A C   1 
ATOM   712  O  O   . LYS A 1 120 ? -10.182 -29.342 19.098  1.00 169.91 ? 141 LYS A O   1 
ATOM   713  C  CB  . LYS A 1 120 ? -12.794 -30.592 18.801  1.00 171.34 ? 141 LYS A CB  1 
ATOM   714  C  CG  . LYS A 1 120 ? -13.994 -31.430 19.235  1.00 168.77 ? 141 LYS A CG  1 
ATOM   715  C  CD  . LYS A 1 120 ? -15.243 -30.577 19.404  1.00 159.27 ? 141 LYS A CD  1 
ATOM   716  C  CE  . LYS A 1 120 ? -16.385 -31.373 20.019  1.00 145.41 ? 141 LYS A CE  1 
ATOM   717  N  NZ  . LYS A 1 120 ? -17.572 -30.503 20.253  1.00 135.29 ? 141 LYS A NZ  1 
ATOM   718  N  N   . PRO A 1 121 ? -9.506  -30.658 17.412  1.00 169.00 ? 142 PRO A N   1 
ATOM   719  C  CA  . PRO A 1 121 ? -8.287  -29.849 17.233  1.00 165.32 ? 142 PRO A CA  1 
ATOM   720  C  C   . PRO A 1 121 ? -8.559  -28.425 16.801  1.00 159.49 ? 142 PRO A C   1 
ATOM   721  O  O   . PRO A 1 121 ? -7.898  -27.504 17.288  1.00 158.48 ? 142 PRO A O   1 
ATOM   722  C  CB  . PRO A 1 121 ? -7.505  -30.623 16.161  1.00 161.77 ? 142 PRO A CB  1 
ATOM   723  C  CG  . PRO A 1 121 ? -8.548  -31.359 15.397  1.00 162.04 ? 142 PRO A CG  1 
ATOM   724  C  CD  . PRO A 1 121 ? -9.646  -31.694 16.373  1.00 166.83 ? 142 PRO A CD  1 
ATOM   725  N  N   . GLN A 1 122 ? -9.539  -28.220 15.922  1.00 157.17 ? 143 GLN A N   1 
ATOM   726  C  CA  . GLN A 1 122 ? -9.598  -27.000 15.120  1.00 162.54 ? 143 GLN A CA  1 
ATOM   727  C  C   . GLN A 1 122 ? -9.659  -25.747 15.984  1.00 163.43 ? 143 GLN A C   1 
ATOM   728  O  O   . GLN A 1 122 ? -8.884  -24.803 15.783  1.00 167.66 ? 143 GLN A O   1 
ATOM   729  C  CB  . GLN A 1 122 ? -10.801 -27.057 14.180  1.00 163.26 ? 143 GLN A CB  1 
ATOM   730  N  N   . ALA A 1 123 ? -10.568 -25.735 16.960  1.00 158.69 ? 144 ALA A N   1 
ATOM   731  C  CA  . ALA A 1 123 ? -10.904 -24.519 17.697  1.00 158.62 ? 144 ALA A CA  1 
ATOM   732  C  C   . ALA A 1 123 ? -9.767  -24.094 18.621  1.00 161.65 ? 144 ALA A C   1 
ATOM   733  O  O   . ALA A 1 123 ? -9.294  -22.951 18.562  1.00 159.98 ? 144 ALA A O   1 
ATOM   734  C  CB  . ALA A 1 123 ? -12.188 -24.754 18.490  1.00 156.37 ? 144 ALA A CB  1 
ATOM   735  N  N   . TRP A 1 124 ? -9.345  -25.002 19.508  1.00 163.82 ? 145 TRP A N   1 
ATOM   736  C  CA  . TRP A 1 124 ? -8.164  -24.795 20.346  1.00 163.28 ? 145 TRP A CA  1 
ATOM   737  C  C   . TRP A 1 124 ? -6.983  -24.312 19.514  1.00 166.72 ? 145 TRP A C   1 
ATOM   738  O  O   . TRP A 1 124 ? -6.392  -23.257 19.791  1.00 166.76 ? 145 TRP A O   1 
ATOM   739  C  CB  . TRP A 1 124 ? -7.846  -26.112 21.061  1.00 163.01 ? 145 TRP A CB  1 
ATOM   740  C  CG  . TRP A 1 124 ? -6.636  -26.186 21.960  1.00 161.65 ? 145 TRP A CG  1 
ATOM   741  C  CD1 . TRP A 1 124 ? -5.606  -27.083 21.853  1.00 161.54 ? 145 TRP A CD1 1 
ATOM   742  C  CD2 . TRP A 1 124 ? -6.348  -25.387 23.112  1.00 158.40 ? 145 TRP A CD2 1 
ATOM   743  N  NE1 . TRP A 1 124 ? -4.691  -26.878 22.852  1.00 159.83 ? 145 TRP A NE1 1 
ATOM   744  C  CE2 . TRP A 1 124 ? -5.120  -25.841 23.637  1.00 158.42 ? 145 TRP A CE2 1 
ATOM   745  C  CE3 . TRP A 1 124 ? -6.998  -24.320 23.746  1.00 159.86 ? 145 TRP A CE3 1 
ATOM   746  C  CZ2 . TRP A 1 124 ? -4.530  -25.265 24.766  1.00 160.93 ? 145 TRP A CZ2 1 
ATOM   747  C  CZ3 . TRP A 1 124 ? -6.404  -23.749 24.872  1.00 159.48 ? 145 TRP A CZ3 1 
ATOM   748  C  CH2 . TRP A 1 124 ? -5.194  -24.234 25.373  1.00 160.82 ? 145 TRP A CH2 1 
ATOM   749  N  N   . LEU A 1 125 ? -6.634  -25.079 18.476  1.00 168.30 ? 146 LEU A N   1 
ATOM   750  C  CA  . LEU A 1 125 ? -5.615  -24.664 17.523  1.00 165.38 ? 146 LEU A CA  1 
ATOM   751  C  C   . LEU A 1 125 ? -5.894  -23.267 17.002  1.00 164.68 ? 146 LEU A C   1 
ATOM   752  O  O   . LEU A 1 125 ? -5.056  -22.374 17.126  1.00 169.40 ? 146 LEU A O   1 
ATOM   753  C  CB  . LEU A 1 125 ? -5.553  -25.660 16.365  1.00 163.16 ? 146 LEU A CB  1 
ATOM   754  C  CG  . LEU A 1 125 ? -5.039  -25.135 15.028  1.00 165.34 ? 146 LEU A CG  1 
ATOM   755  C  CD1 . LEU A 1 125 ? -3.534  -24.905 15.074  1.00 170.07 ? 146 LEU A CD1 1 
ATOM   756  C  CD2 . LEU A 1 125 ? -5.418  -26.109 13.931  1.00 164.21 ? 146 LEU A CD2 1 
ATOM   757  N  N   . ASP A 1 126 ? -7.095  -23.059 16.452  1.00 161.44 ? 147 ASP A N   1 
ATOM   758  C  CA  . ASP A 1 126 ? -7.419  -21.801 15.786  1.00 165.48 ? 147 ASP A CA  1 
ATOM   759  C  C   . ASP A 1 126 ? -7.164  -20.592 16.680  1.00 172.88 ? 147 ASP A C   1 
ATOM   760  O  O   . ASP A 1 126 ? -6.787  -19.519 16.191  1.00 177.54 ? 147 ASP A O   1 
ATOM   761  C  CB  . ASP A 1 126 ? -8.876  -21.811 15.315  1.00 159.57 ? 147 ASP A CB  1 
ATOM   762  N  N   . PHE A 1 127 ? -7.344  -20.744 17.992  1.00 169.70 ? 148 PHE A N   1 
ATOM   763  C  CA  . PHE A 1 127 ? -7.197  -19.597 18.882  1.00 168.18 ? 148 PHE A CA  1 
ATOM   764  C  C   . PHE A 1 127 ? -5.745  -19.283 19.186  1.00 174.90 ? 148 PHE A C   1 
ATOM   765  O  O   . PHE A 1 127 ? -5.308  -18.130 19.081  1.00 174.50 ? 148 PHE A O   1 
ATOM   766  C  CB  . PHE A 1 127 ? -7.938  -19.824 20.184  1.00 162.82 ? 148 PHE A CB  1 
ATOM   767  C  CG  . PHE A 1 127 ? -8.715  -18.653 20.573  1.00 156.42 ? 148 PHE A CG  1 
ATOM   768  C  CD1 . PHE A 1 127 ? -8.890  -17.653 19.642  1.00 155.86 ? 148 PHE A CD1 1 
ATOM   769  C  CD2 . PHE A 1 127 ? -9.261  -18.515 21.821  1.00 154.19 ? 148 PHE A CD2 1 
ATOM   770  C  CE1 . PHE A 1 127 ? -9.604  -16.542 19.929  1.00 153.44 ? 148 PHE A CE1 1 
ATOM   771  C  CE2 . PHE A 1 127 ? -9.986  -17.394 22.123  1.00 151.61 ? 148 PHE A CE2 1 
ATOM   772  C  CZ  . PHE A 1 127 ? -10.158 -16.418 21.160  1.00 149.71 ? 148 PHE A CZ  1 
ATOM   773  N  N   . MET A 1 128 ? -5.007  -20.288 19.652  1.00 181.53 ? 149 MET A N   1 
ATOM   774  C  CA  . MET A 1 128 ? -3.560  -20.176 19.676  1.00 191.98 ? 149 MET A CA  1 
ATOM   775  C  C   . MET A 1 128 ? -3.056  -19.699 18.323  1.00 191.23 ? 149 MET A C   1 
ATOM   776  O  O   . MET A 1 128 ? -2.214  -18.796 18.247  1.00 195.46 ? 149 MET A O   1 
ATOM   777  C  CB  . MET A 1 128 ? -2.950  -21.526 20.056  1.00 208.19 ? 149 MET A CB  1 
ATOM   778  C  CG  . MET A 1 128 ? -1.521  -21.734 19.587  1.00 234.39 ? 149 MET A CG  1 
ATOM   779  S  SD  . MET A 1 128 ? -0.264  -21.268 20.791  1.00 252.39 ? 149 MET A SD  1 
ATOM   780  C  CE  . MET A 1 128 ? -1.064  -21.814 22.281  1.00 230.91 ? 149 MET A CE  1 
ATOM   781  N  N   . MET A 1 129 ? -3.602  -20.268 17.243  1.00 187.00 ? 150 MET A N   1 
ATOM   782  C  CA  . MET A 1 129 ? -3.269  -19.815 15.895  1.00 183.15 ? 150 MET A CA  1 
ATOM   783  C  C   . MET A 1 129 ? -3.641  -18.359 15.701  1.00 183.24 ? 150 MET A C   1 
ATOM   784  O  O   . MET A 1 129 ? -2.839  -17.569 15.192  1.00 188.52 ? 150 MET A O   1 
ATOM   785  C  CB  . MET A 1 129 ? -3.979  -20.672 14.854  1.00 175.67 ? 150 MET A CB  1 
ATOM   786  C  CG  . MET A 1 129 ? -3.031  -21.448 14.013  1.00 172.13 ? 150 MET A CG  1 
ATOM   787  S  SD  . MET A 1 129 ? -1.728  -20.376 13.424  1.00 178.42 ? 150 MET A SD  1 
ATOM   788  C  CE  . MET A 1 129 ? -0.280  -21.211 14.027  1.00 183.20 ? 150 MET A CE  1 
ATOM   789  N  N   . LYS A 1 130 ? -4.865  -17.992 16.089  1.00 177.61 ? 151 LYS A N   1 
ATOM   790  C  CA  . LYS A 1 130 ? -5.299  -16.604 15.979  1.00 179.89 ? 151 LYS A CA  1 
ATOM   791  C  C   . LYS A 1 130 ? -4.289  -15.655 16.611  1.00 184.24 ? 151 LYS A C   1 
ATOM   792  O  O   . LYS A 1 130 ? -4.027  -14.564 16.083  1.00 185.28 ? 151 LYS A O   1 
ATOM   793  C  CB  . LYS A 1 130 ? -6.679  -16.432 16.625  1.00 173.04 ? 151 LYS A CB  1 
ATOM   794  N  N   . PHE A 1 131 ? -3.663  -16.078 17.707  1.00 187.09 ? 152 PHE A N   1 
ATOM   795  C  CA  . PHE A 1 131 ? -2.766  -15.194 18.439  1.00 187.49 ? 152 PHE A CA  1 
ATOM   796  C  C   . PHE A 1 131 ? -1.314  -15.328 17.991  1.00 190.87 ? 152 PHE A C   1 
ATOM   797  O  O   . PHE A 1 131 ? -0.525  -14.401 18.197  1.00 189.88 ? 152 PHE A O   1 
ATOM   798  C  CB  . PHE A 1 131 ? -2.908  -15.453 19.940  1.00 179.17 ? 152 PHE A CB  1 
ATOM   799  C  CG  . PHE A 1 131 ? -4.202  -14.926 20.517  1.00 171.59 ? 152 PHE A CG  1 
ATOM   800  C  CD1 . PHE A 1 131 ? -5.412  -15.166 19.880  1.00 168.67 ? 152 PHE A CD1 1 
ATOM   801  C  CD2 . PHE A 1 131 ? -4.210  -14.183 21.682  1.00 165.92 ? 152 PHE A CD2 1 
ATOM   802  C  CE1 . PHE A 1 131 ? -6.596  -14.680 20.387  1.00 159.99 ? 152 PHE A CE1 1 
ATOM   803  C  CE2 . PHE A 1 131 ? -5.398  -13.697 22.196  1.00 157.68 ? 152 PHE A CE2 1 
ATOM   804  C  CZ  . PHE A 1 131 ? -6.591  -13.948 21.541  1.00 153.69 ? 152 PHE A CZ  1 
ATOM   805  N  N   . GLU A 1 132 ? -0.957  -16.440 17.350  1.00 194.10 ? 153 GLU A N   1 
ATOM   806  C  CA  . GLU A 1 132 ? 0.364   -16.616 16.762  1.00 199.85 ? 153 GLU A CA  1 
ATOM   807  C  C   . GLU A 1 132 ? 0.433   -16.076 15.336  1.00 198.27 ? 153 GLU A C   1 
ATOM   808  O  O   . GLU A 1 132 ? 1.321   -15.276 15.024  1.00 199.65 ? 153 GLU A O   1 
ATOM   809  C  CB  . GLU A 1 132 ? 0.772   -18.095 16.797  1.00 209.27 ? 153 GLU A CB  1 
ATOM   810  C  CG  . GLU A 1 132 ? 1.239   -18.570 18.174  1.00 241.26 ? 153 GLU A CG  1 
ATOM   811  C  CD  . GLU A 1 132 ? 2.328   -19.637 18.106  1.00 268.51 ? 153 GLU A CD  1 
ATOM   812  O  OE1 . GLU A 1 132 ? 2.564   -20.186 17.008  1.00 267.46 ? 153 GLU A OE1 1 
ATOM   813  O  OE2 . GLU A 1 132 ? 2.953   -19.923 19.153  1.00 289.19 ? 153 GLU A OE2 1 
ATOM   814  N  N   . LEU A 1 133 ? -0.491  -16.487 14.462  1.00 192.84 ? 154 LEU A N   1 
ATOM   815  C  CA  . LEU A 1 133 ? -0.503  -16.055 13.067  1.00 186.76 ? 154 LEU A CA  1 
ATOM   816  C  C   . LEU A 1 133 ? -1.481  -14.911 12.812  1.00 182.77 ? 154 LEU A C   1 
ATOM   817  O  O   . LEU A 1 133 ? -1.901  -14.710 11.667  1.00 180.42 ? 154 LEU A O   1 
ATOM   818  C  CB  . LEU A 1 133 ? -0.825  -17.231 12.142  1.00 180.63 ? 154 LEU A CB  1 
ATOM   819  N  N   . GLY A 1 134 ? -1.862  -14.170 13.852  1.00 182.43 ? 155 GLY A N   1 
ATOM   820  C  CA  . GLY A 1 134 ? -2.728  -13.018 13.683  1.00 180.12 ? 155 GLY A CA  1 
ATOM   821  C  C   . GLY A 1 134 ? -4.139  -13.301 13.212  1.00 177.86 ? 155 GLY A C   1 
ATOM   822  O  O   . GLY A 1 134 ? -4.854  -12.353 12.868  1.00 179.88 ? 155 GLY A O   1 
ATOM   823  N  N   . LEU A 1 135 ? -4.566  -14.570 13.188  1.00 177.55 ? 156 LEU A N   1 
ATOM   824  C  CA  . LEU A 1 135 ? -5.921  -14.961 12.764  1.00 173.94 ? 156 LEU A CA  1 
ATOM   825  C  C   . LEU A 1 135 ? -6.183  -14.593 11.311  1.00 170.11 ? 156 LEU A C   1 
ATOM   826  O  O   . LEU A 1 135 ? -7.321  -14.323 10.923  1.00 171.99 ? 156 LEU A O   1 
ATOM   827  C  CB  . LEU A 1 135 ? -7.003  -14.351 13.662  1.00 176.65 ? 156 LEU A CB  1 
ATOM   828  N  N   . GLU A 1 136 ? -5.133  -14.581 10.504  1.00 166.86 ? 157 GLU A N   1 
ATOM   829  C  CA  . GLU A 1 136 ? -5.201  -14.110 9.133   1.00 158.27 ? 157 GLU A CA  1 
ATOM   830  C  C   . GLU A 1 136 ? -4.792  -15.251 8.213   1.00 150.19 ? 157 GLU A C   1 
ATOM   831  O  O   . GLU A 1 136 ? -3.745  -15.195 7.566   1.00 151.10 ? 157 GLU A O   1 
ATOM   832  C  CB  . GLU A 1 136 ? -4.312  -12.873 8.943   1.00 159.05 ? 157 GLU A CB  1 
ATOM   833  N  N   . LYS A 1 137 ? -5.613  -16.287 8.157   1.00 139.20 ? 158 LYS A N   1 
ATOM   834  C  CA  . LYS A 1 137 ? -5.456  -17.257 7.094   1.00 137.96 ? 158 LYS A CA  1 
ATOM   835  C  C   . LYS A 1 137 ? -5.947  -16.624 5.799   1.00 140.76 ? 158 LYS A C   1 
ATOM   836  O  O   . LYS A 1 137 ? -7.135  -16.284 5.704   1.00 140.60 ? 158 LYS A O   1 
ATOM   837  C  CB  . LYS A 1 137 ? -6.228  -18.523 7.393   1.00 132.51 ? 158 LYS A CB  1 
ATOM   838  C  CG  . LYS A 1 137 ? -6.409  -19.411 6.168   1.00 129.48 ? 158 LYS A CG  1 
ATOM   839  C  CD  . LYS A 1 137 ? -5.106  -20.074 5.766   1.00 124.51 ? 158 LYS A CD  1 
ATOM   840  C  CE  . LYS A 1 137 ? -5.259  -20.817 4.447   1.00 118.89 ? 158 LYS A CE  1 
ATOM   841  N  NZ  . LYS A 1 137 ? -6.604  -21.451 4.284   1.00 105.33 ? 158 LYS A NZ  1 
ATOM   842  N  N   . PRO A 1 138 ? -5.076  -16.448 4.767   1.00 137.09 ? 159 PRO A N   1 
ATOM   843  C  CA  . PRO A 1 138 ? -5.468  -15.668 3.583   1.00 137.47 ? 159 PRO A CA  1 
ATOM   844  C  C   . PRO A 1 138 ? -5.962  -16.476 2.387   1.00 135.37 ? 159 PRO A C   1 
ATOM   845  O  O   . PRO A 1 138 ? -5.685  -17.672 2.246   1.00 132.51 ? 159 PRO A O   1 
ATOM   846  C  CB  . PRO A 1 138 ? -4.176  -14.920 3.232   1.00 138.68 ? 159 PRO A CB  1 
ATOM   847  C  CG  . PRO A 1 138 ? -3.045  -15.750 3.851   1.00 137.83 ? 159 PRO A CG  1 
ATOM   848  C  CD  . PRO A 1 138 ? -3.658  -16.839 4.695   1.00 137.44 ? 159 PRO A CD  1 
ATOM   849  N  N   . ASP A 1 139 ? -6.697  -15.797 1.509   1.00 134.38 ? 160 ASP A N   1 
ATOM   850  C  CA  . ASP A 1 139 ? -7.201  -16.367 0.268   1.00 131.39 ? 160 ASP A CA  1 
ATOM   851  C  C   . ASP A 1 139 ? -6.097  -16.335 -0.788  1.00 132.12 ? 160 ASP A C   1 
ATOM   852  O  O   . ASP A 1 139 ? -5.499  -15.280 -1.012  1.00 133.22 ? 160 ASP A O   1 
ATOM   853  C  CB  . ASP A 1 139 ? -8.425  -15.568 -0.182  1.00 127.57 ? 160 ASP A CB  1 
ATOM   854  C  CG  . ASP A 1 139 ? -9.083  -16.130 -1.414  1.00 130.96 ? 160 ASP A CG  1 
ATOM   855  O  OD1 . ASP A 1 139 ? -8.744  -17.257 -1.820  1.00 131.67 ? 160 ASP A OD1 1 
ATOM   856  O  OD2 . ASP A 1 139 ? -9.951  -15.433 -1.981  1.00 133.39 ? 160 ASP A OD2 1 
ATOM   857  N  N   . PRO A 1 140 ? -5.773  -17.463 -1.431  1.00 132.59 ? 161 PRO A N   1 
ATOM   858  C  CA  . PRO A 1 140 ? -4.656  -17.435 -2.393  1.00 134.85 ? 161 PRO A CA  1 
ATOM   859  C  C   . PRO A 1 140 ? -4.943  -16.623 -3.647  1.00 135.81 ? 161 PRO A C   1 
ATOM   860  O  O   . PRO A 1 140 ? -4.027  -15.979 -4.179  1.00 137.15 ? 161 PRO A O   1 
ATOM   861  C  CB  . PRO A 1 140 ? -4.432  -18.923 -2.714  1.00 132.86 ? 161 PRO A CB  1 
ATOM   862  C  CG  . PRO A 1 140 ? -5.720  -19.586 -2.375  1.00 131.40 ? 161 PRO A CG  1 
ATOM   863  C  CD  . PRO A 1 140 ? -6.248  -18.835 -1.186  1.00 134.59 ? 161 PRO A CD  1 
ATOM   864  N  N   . LYS A 1 141 ? -6.184  -16.642 -4.145  1.00 134.96 ? 162 LYS A N   1 
ATOM   865  C  CA  . LYS A 1 141 ? -6.503  -15.885 -5.352  1.00 136.64 ? 162 LYS A CA  1 
ATOM   866  C  C   . LYS A 1 141 ? -6.480  -14.380 -5.089  1.00 137.45 ? 162 LYS A C   1 
ATOM   867  O  O   . LYS A 1 141 ? -5.900  -13.621 -5.875  1.00 134.82 ? 162 LYS A O   1 
ATOM   868  C  CB  . LYS A 1 141 ? -7.862  -16.316 -5.918  1.00 136.52 ? 162 LYS A CB  1 
ATOM   869  C  CG  . LYS A 1 141 ? -8.219  -15.603 -7.231  1.00 145.31 ? 162 LYS A CG  1 
ATOM   870  C  CD  . LYS A 1 141 ? -9.375  -16.255 -7.984  1.00 144.66 ? 162 LYS A CD  1 
ATOM   871  C  CE  . LYS A 1 141 ? -9.536  -15.633 -9.378  1.00 142.64 ? 162 LYS A CE  1 
ATOM   872  N  NZ  . LYS A 1 141 ? -10.552 -16.351 -10.208 1.00 133.02 ? 162 LYS A NZ  1 
ATOM   873  N  N   . ARG A 1 142 ? -7.095  -13.926 -3.988  1.00 133.37 ? 163 ARG A N   1 
ATOM   874  C  CA  . ARG A 1 142 ? -7.105  -12.498 -3.680  1.00 130.32 ? 163 ARG A CA  1 
ATOM   875  C  C   . ARG A 1 142 ? -5.709  -11.946 -3.434  1.00 128.93 ? 163 ARG A C   1 
ATOM   876  O  O   . ARG A 1 142 ? -5.537  -10.723 -3.426  1.00 128.58 ? 163 ARG A O   1 
ATOM   877  C  CB  . ARG A 1 142 ? -7.957  -12.217 -2.451  1.00 133.28 ? 163 ARG A CB  1 
ATOM   878  C  CG  . ARG A 1 142 ? -7.159  -12.350 -1.160  1.00 140.06 ? 163 ARG A CG  1 
ATOM   879  C  CD  . ARG A 1 142 ? -8.007  -12.098 0.075   1.00 140.79 ? 163 ARG A CD  1 
ATOM   880  N  NE  . ARG A 1 142 ? -8.615  -10.774 0.048   1.00 142.62 ? 163 ARG A NE  1 
ATOM   881  C  CZ  . ARG A 1 142 ? -9.260  -10.235 1.074   1.00 142.38 ? 163 ARG A CZ  1 
ATOM   882  N  NH1 . ARG A 1 142 ? -9.369  -10.910 2.207   1.00 149.61 ? 163 ARG A NH1 1 
ATOM   883  N  NH2 . ARG A 1 142 ? -9.790  -9.024  0.971   1.00 141.25 ? 163 ARG A NH2 1 
ATOM   884  N  N   . ALA A 1 143 ? -4.721  -12.814 -3.201  1.00 129.13 ? 164 ALA A N   1 
ATOM   885  C  CA  . ALA A 1 143 ? -3.335  -12.360 -3.121  1.00 130.91 ? 164 ALA A CA  1 
ATOM   886  C  C   . ALA A 1 143 ? -2.849  -11.852 -4.469  1.00 126.73 ? 164 ALA A C   1 
ATOM   887  O  O   . ALA A 1 143 ? -2.221  -10.792 -4.550  1.00 123.15 ? 164 ALA A O   1 
ATOM   888  C  CB  . ALA A 1 143 ? -2.437  -13.491 -2.629  1.00 130.93 ? 164 ALA A CB  1 
ATOM   889  N  N   . LEU A 1 144 ? -3.141  -12.597 -5.538  1.00 126.85 ? 165 LEU A N   1 
ATOM   890  C  CA  . LEU A 1 144 ? -2.802  -12.147 -6.884  1.00 124.02 ? 165 LEU A CA  1 
ATOM   891  C  C   . LEU A 1 144 ? -3.644  -10.947 -7.295  1.00 121.86 ? 165 LEU A C   1 
ATOM   892  O  O   . LEU A 1 144 ? -3.134  -10.004 -7.910  1.00 116.78 ? 165 LEU A O   1 
ATOM   893  C  CB  . LEU A 1 144 ? -2.992  -13.291 -7.879  1.00 123.98 ? 165 LEU A CB  1 
ATOM   894  C  CG  . LEU A 1 144 ? -2.516  -13.053 -9.313  1.00 118.38 ? 165 LEU A CG  1 
ATOM   895  C  CD1 . LEU A 1 144 ? -1.016  -12.851 -9.335  1.00 115.62 ? 165 LEU A CD1 1 
ATOM   896  C  CD2 . LEU A 1 144 ? -2.916  -14.210 -10.220 1.00 118.63 ? 165 LEU A CD2 1 
ATOM   897  N  N   . GLN A 1 145 ? -4.937  -10.968 -6.969  1.00 123.16 ? 166 GLN A N   1 
ATOM   898  C  CA  . GLN A 1 145 ? -5.801  -9.854  -7.343  1.00 123.79 ? 166 GLN A CA  1 
ATOM   899  C  C   . GLN A 1 145 ? -5.343  -8.554  -6.691  1.00 120.67 ? 166 GLN A C   1 
ATOM   900  O  O   . GLN A 1 145 ? -5.547  -7.473  -7.254  1.00 115.07 ? 166 GLN A O   1 
ATOM   901  C  CB  . GLN A 1 145 ? -7.251  -10.167 -6.974  1.00 124.66 ? 166 GLN A CB  1 
ATOM   902  C  CG  . GLN A 1 145 ? -8.221  -9.079  -7.372  1.00 127.39 ? 166 GLN A CG  1 
ATOM   903  C  CD  . GLN A 1 145 ? -9.623  -9.320  -6.871  1.00 136.92 ? 166 GLN A CD  1 
ATOM   904  O  OE1 . GLN A 1 145 ? -9.852  -10.142 -5.978  1.00 142.25 ? 166 GLN A OE1 1 
ATOM   905  N  NE2 . GLN A 1 145 ? -10.580 -8.597  -7.443  1.00 136.63 ? 166 GLN A NE2 1 
ATOM   906  N  N   . SER A 1 146 ? -4.708  -8.636  -5.521  1.00 124.04 ? 167 SER A N   1 
ATOM   907  C  CA  . SER A 1 146 ? -4.189  -7.430  -4.884  1.00 121.34 ? 167 SER A CA  1 
ATOM   908  C  C   . SER A 1 146 ? -3.082  -6.799  -5.721  1.00 115.21 ? 167 SER A C   1 
ATOM   909  O  O   . SER A 1 146 ? -3.011  -5.570  -5.845  1.00 113.93 ? 167 SER A O   1 
ATOM   910  C  CB  . SER A 1 146 ? -3.691  -7.755  -3.476  1.00 121.79 ? 167 SER A CB  1 
ATOM   911  O  OG  . SER A 1 146 ? -3.174  -6.607  -2.832  1.00 122.10 ? 167 SER A OG  1 
ATOM   912  N  N   . ALA A 1 147 ? -2.222  -7.621  -6.321  1.00 112.04 ? 168 ALA A N   1 
ATOM   913  C  CA  . ALA A 1 147 ? -1.091  -7.082  -7.064  1.00 108.58 ? 168 ALA A CA  1 
ATOM   914  C  C   . ALA A 1 147 ? -1.528  -6.495  -8.398  1.00 110.27 ? 168 ALA A C   1 
ATOM   915  O  O   . ALA A 1 147 ? -1.141  -5.372  -8.742  1.00 109.99 ? 168 ALA A O   1 
ATOM   916  C  CB  . ALA A 1 147 ? -0.031  -8.160  -7.282  1.00 104.23 ? 168 ALA A CB  1 
ATOM   917  N  N   . PHE A 1 148 ? -2.320  -7.240  -9.174  1.00 109.01 ? 169 PHE A N   1 
ATOM   918  C  CA  . PHE A 1 148 ? -2.771  -6.704  -10.454 1.00 103.69 ? 169 PHE A CA  1 
ATOM   919  C  C   . PHE A 1 148 ? -3.599  -5.438  -10.258 1.00 105.86 ? 169 PHE A C   1 
ATOM   920  O  O   . PHE A 1 148 ? -3.502  -4.500  -11.055 1.00 107.93 ? 169 PHE A O   1 
ATOM   921  C  CB  . PHE A 1 148 ? -3.557  -7.754  -11.240 1.00 99.90  ? 169 PHE A CB  1 
ATOM   922  N  N   . THR A 1 149 ? -4.383  -5.362  -9.183  1.00 103.82 ? 170 THR A N   1 
ATOM   923  C  CA  . THR A 1 149 ? -5.156  -4.142  -8.978  1.00 106.93 ? 170 THR A CA  1 
ATOM   924  C  C   . THR A 1 149 ? -4.282  -2.987  -8.530  1.00 103.00 ? 170 THR A C   1 
ATOM   925  O  O   . THR A 1 149 ? -4.598  -1.828  -8.817  1.00 98.96  ? 170 THR A O   1 
ATOM   926  C  CB  . THR A 1 149 ? -6.274  -4.356  -7.967  1.00 106.53 ? 170 THR A CB  1 
ATOM   927  O  OG1 . THR A 1 149 ? -5.731  -4.927  -6.769  1.00 112.05 ? 170 THR A OG1 1 
ATOM   928  C  CG2 . THR A 1 149 ? -7.340  -5.262  -8.547  1.00 106.05 ? 170 THR A CG2 1 
ATOM   929  N  N   . ILE A 1 150 ? -3.203  -3.263  -7.807  1.00 101.43 ? 171 ILE A N   1 
ATOM   930  C  CA  . ILE A 1 150 ? -2.381  -2.136  -7.398  1.00 107.00 ? 171 ILE A CA  1 
ATOM   931  C  C   . ILE A 1 150 ? -1.464  -1.688  -8.543  1.00 100.50 ? 171 ILE A C   1 
ATOM   932  O  O   . ILE A 1 150 ? -1.202  -0.493  -8.695  1.00 95.16  ? 171 ILE A O   1 
ATOM   933  C  CB  . ILE A 1 150 ? -1.608  -2.467  -6.110  1.00 109.40 ? 171 ILE A CB  1 
ATOM   934  C  CG1 . ILE A 1 150 ? -1.028  -1.187  -5.498  1.00 113.29 ? 171 ILE A CG1 1 
ATOM   935  C  CG2 . ILE A 1 150 ? -0.522  -3.498  -6.366  1.00 105.59 ? 171 ILE A CG2 1 
ATOM   936  C  CD1 . ILE A 1 150 ? -0.111  -1.436  -4.335  1.00 118.92 ? 171 ILE A CD1 1 
ATOM   937  N  N   . ALA A 1 151 ? -0.999  -2.602  -9.393  1.00 93.56  ? 172 ALA A N   1 
ATOM   938  C  CA  . ALA A 1 151 ? -0.223  -2.164  -10.541 1.00 88.67  ? 172 ALA A CA  1 
ATOM   939  C  C   . ALA A 1 151 ? -1.077  -1.346  -11.496 1.00 89.99  ? 172 ALA A C   1 
ATOM   940  O  O   . ALA A 1 151 ? -0.612  -0.352  -12.058 1.00 86.87  ? 172 ALA A O   1 
ATOM   941  C  CB  . ALA A 1 151 ? 0.381   -3.366  -11.257 1.00 92.82  ? 172 ALA A CB  1 
ATOM   942  N  N   . ILE A 1 152 ? -2.335  -1.730  -11.677 1.00 91.41  ? 173 ILE A N   1 
ATOM   943  C  CA  . ILE A 1 152 ? -3.178  -1.042  -12.647 1.00 88.47  ? 173 ILE A CA  1 
ATOM   944  C  C   . ILE A 1 152 ? -3.551  0.341   -12.142 1.00 88.46  ? 173 ILE A C   1 
ATOM   945  O  O   . ILE A 1 152 ? -3.491  1.331   -12.878 1.00 91.71  ? 173 ILE A O   1 
ATOM   946  C  CB  . ILE A 1 152 ? -4.436  -1.866  -12.957 1.00 90.69  ? 173 ILE A CB  1 
ATOM   947  C  CG1 . ILE A 1 152 ? -4.066  -3.148  -13.701 1.00 93.73  ? 173 ILE A CG1 1 
ATOM   948  C  CG2 . ILE A 1 152 ? -5.403  -1.029  -13.760 1.00 90.23  ? 173 ILE A CG2 1 
ATOM   949  C  CD1 . ILE A 1 152 ? -5.143  -4.219  -13.655 1.00 101.64 ? 173 ILE A CD1 1 
ATOM   950  N  N   . ALA A 1 153 ? -3.982  0.423   -10.892 1.00 90.35  ? 174 ALA A N   1 
ATOM   951  C  CA  . ALA A 1 153 ? -4.360  1.713   -10.337 1.00 91.52  ? 174 ALA A CA  1 
ATOM   952  C  C   . ALA A 1 153 ? -3.162  2.639   -10.241 1.00 87.15  ? 174 ALA A C   1 
ATOM   953  O  O   . ALA A 1 153 ? -3.316  3.864   -10.317 1.00 86.17  ? 174 ALA A O   1 
ATOM   954  C  CB  . ALA A 1 153 ? -5.003  1.522   -8.960  1.00 103.29 ? 174 ALA A CB  1 
ATOM   955  N  N   . TYR A 1 154 ? -1.963  2.076   -10.064 1.00 85.41  ? 175 TYR A N   1 
ATOM   956  C  CA  . TYR A 1 154 ? -0.778  2.913   -9.980  1.00 85.61  ? 175 TYR A CA  1 
ATOM   957  C  C   . TYR A 1 154 ? -0.429  3.483   -11.343 1.00 82.18  ? 175 TYR A C   1 
ATOM   958  O  O   . TYR A 1 154 ? -0.044  4.648   -11.443 1.00 82.10  ? 175 TYR A O   1 
ATOM   959  C  CB  . TYR A 1 154 ? 0.411   2.141   -9.410  1.00 84.54  ? 175 TYR A CB  1 
ATOM   960  C  CG  . TYR A 1 154 ? 1.637   3.008   -9.284  1.00 87.64  ? 175 TYR A CG  1 
ATOM   961  C  CD1 . TYR A 1 154 ? 1.868   3.753   -8.134  1.00 93.76  ? 175 TYR A CD1 1 
ATOM   962  C  CD2 . TYR A 1 154 ? 2.558   3.116   -10.331 1.00 82.83  ? 175 TYR A CD2 1 
ATOM   963  C  CE1 . TYR A 1 154 ? 3.003   4.586   -8.026  1.00 100.19 ? 175 TYR A CE1 1 
ATOM   964  C  CE2 . TYR A 1 154 ? 3.701   3.948   -10.236 1.00 81.33  ? 175 TYR A CE2 1 
ATOM   965  C  CZ  . TYR A 1 154 ? 3.916   4.689   -9.084  1.00 86.78  ? 175 TYR A CZ  1 
ATOM   966  O  OH  . TYR A 1 154 ? 5.040   5.503   -8.969  1.00 72.50  ? 175 TYR A OH  1 
ATOM   967  N  N   . VAL A 1 155 ? -0.557  2.679   -12.402 1.00 80.00  ? 176 VAL A N   1 
ATOM   968  C  CA  . VAL A 1 155 ? -0.355  3.190   -13.756 1.00 76.63  ? 176 VAL A CA  1 
ATOM   969  C  C   . VAL A 1 155 ? -1.375  4.273   -14.067 1.00 76.93  ? 176 VAL A C   1 
ATOM   970  O  O   . VAL A 1 155 ? -1.026  5.387   -14.474 1.00 73.89  ? 176 VAL A O   1 
ATOM   971  C  CB  . VAL A 1 155 ? -0.424  2.049   -14.781 1.00 76.94  ? 176 VAL A CB  1 
ATOM   972  C  CG1 . VAL A 1 155 ? -0.762  2.583   -16.164 1.00 66.40  ? 176 VAL A CG1 1 
ATOM   973  C  CG2 . VAL A 1 155 ? 0.873   1.266   -14.782 1.00 72.89  ? 176 VAL A CG2 1 
ATOM   974  N  N   . LEU A 1 156 ? -2.651  3.966   -13.863 1.00 77.00  ? 177 LEU A N   1 
ATOM   975  C  CA  . LEU A 1 156 ? -3.709  4.912   -14.202 1.00 77.49  ? 177 LEU A CA  1 
ATOM   976  C  C   . LEU A 1 156 ? -3.550  6.238   -13.460 1.00 75.48  ? 177 LEU A C   1 
ATOM   977  O  O   . LEU A 1 156 ? -3.937  7.290   -13.983 1.00 73.80  ? 177 LEU A O   1 
ATOM   978  C  CB  . LEU A 1 156 ? -5.074  4.277   -13.910 1.00 82.13  ? 177 LEU A CB  1 
ATOM   979  N  N   . GLY A 1 157 ? -2.978  6.216   -12.256 1.00 75.59  ? 178 GLY A N   1 
ATOM   980  C  CA  . GLY A 1 157 ? -2.744  7.456   -11.542 1.00 75.42  ? 178 GLY A CA  1 
ATOM   981  C  C   . GLY A 1 157 ? -1.510  8.206   -12.011 1.00 70.97  ? 178 GLY A C   1 
ATOM   982  O  O   . GLY A 1 157 ? -1.448  9.424   -11.866 1.00 68.09  ? 178 GLY A O   1 
ATOM   983  N  N   . GLY A 1 158 ? -0.499  7.499   -12.536 1.00 65.40  ? 179 GLY A N   1 
ATOM   984  C  CA  . GLY A 1 158 ? 0.633   8.185   -13.129 1.00 70.14  ? 179 GLY A CA  1 
ATOM   985  C  C   . GLY A 1 158 ? 0.242   8.855   -14.428 1.00 68.74  ? 179 GLY A C   1 
ATOM   986  O  O   . GLY A 1 158 ? 0.712   9.947   -14.752 1.00 66.85  ? 179 GLY A O   1 
ATOM   987  N  N   . LEU A 1 159 ? -0.644  8.212   -15.176 1.00 68.68  ? 180 LEU A N   1 
ATOM   988  C  CA  . LEU A 1 159 ? -1.097  8.761   -16.437 1.00 63.90  ? 180 LEU A CA  1 
ATOM   989  C  C   . LEU A 1 159 ? -1.744  10.118  -16.245 1.00 68.79  ? 180 LEU A C   1 
ATOM   990  O  O   . LEU A 1 159 ? -1.558  11.022  -17.065 1.00 66.73  ? 180 LEU A O   1 
ATOM   991  C  CB  . LEU A 1 159 ? -2.077  7.786   -17.072 1.00 67.78  ? 180 LEU A CB  1 
ATOM   992  C  CG  . LEU A 1 159 ? -2.121  7.810   -18.580 1.00 76.91  ? 180 LEU A CG  1 
ATOM   993  C  CD1 . LEU A 1 159 ? -0.715  7.505   -19.120 1.00 78.41  ? 180 LEU A CD1 1 
ATOM   994  C  CD2 . LEU A 1 159 ? -3.202  6.848   -19.127 1.00 77.83  ? 180 LEU A CD2 1 
ATOM   995  N  N   . VAL A 1 160 ? -2.479  10.302  -15.161 1.00 65.40  ? 181 VAL A N   1 
ATOM   996  C  CA  . VAL A 1 160 ? -3.267  11.519  -15.014 1.00 67.02  ? 181 VAL A CA  1 
ATOM   997  C  C   . VAL A 1 160 ? -2.407  12.793  -15.000 1.00 65.03  ? 181 VAL A C   1 
ATOM   998  O  O   . VAL A 1 160 ? -2.749  13.732  -15.718 1.00 67.31  ? 181 VAL A O   1 
ATOM   999  C  CB  . VAL A 1 160 ? -4.206  11.407  -13.810 1.00 65.03  ? 181 VAL A CB  1 
ATOM   1000 C  CG1 . VAL A 1 160 ? -4.630  12.800  -13.320 1.00 57.47  ? 181 VAL A CG1 1 
ATOM   1001 C  CG2 . VAL A 1 160 ? -5.423  10.605  -14.239 1.00 66.44  ? 181 VAL A CG2 1 
ATOM   1002 N  N   . PRO A 1 161 ? -1.329  12.884  -14.196 1.00 61.90  ? 182 PRO A N   1 
ATOM   1003 C  CA  . PRO A 1 161 ? -0.481  14.095  -14.278 1.00 66.74  ? 182 PRO A CA  1 
ATOM   1004 C  C   . PRO A 1 161 ? 0.230   14.257  -15.610 1.00 64.95  ? 182 PRO A C   1 
ATOM   1005 O  O   . PRO A 1 161 ? 0.572   15.384  -15.962 1.00 58.61  ? 182 PRO A O   1 
ATOM   1006 C  CB  . PRO A 1 161 ? 0.532   13.916  -13.135 1.00 67.14  ? 182 PRO A CB  1 
ATOM   1007 C  CG  . PRO A 1 161 ? 0.020   12.791  -12.308 1.00 68.61  ? 182 PRO A CG  1 
ATOM   1008 C  CD  . PRO A 1 161 ? -0.834  11.954  -13.178 1.00 64.79  ? 182 PRO A CD  1 
ATOM   1009 N  N   . LEU A 1 162 ? 0.431   13.176  -16.354 1.00 64.15  ? 183 LEU A N   1 
ATOM   1010 C  CA  . LEU A 1 162 ? 1.230   13.201  -17.560 1.00 63.62  ? 183 LEU A CA  1 
ATOM   1011 C  C   . LEU A 1 162 ? 0.441   13.567  -18.796 1.00 58.79  ? 183 LEU A C   1 
ATOM   1012 O  O   . LEU A 1 162 ? 1.030   14.042  -19.761 1.00 67.37  ? 183 LEU A O   1 
ATOM   1013 C  CB  . LEU A 1 162 ? 1.859   11.829  -17.781 1.00 69.81  ? 183 LEU A CB  1 
ATOM   1014 C  CG  . LEU A 1 162 ? 2.803   11.415  -16.665 1.00 62.97  ? 183 LEU A CG  1 
ATOM   1015 C  CD1 . LEU A 1 162 ? 3.548   10.054  -16.933 1.00 52.67  ? 183 LEU A CD1 1 
ATOM   1016 C  CD2 . LEU A 1 162 ? 3.757   12.620  -16.493 1.00 62.28  ? 183 LEU A CD2 1 
ATOM   1017 N  N   . ILE A 1 163 ? -0.856  13.326  -18.810 1.00 64.15  ? 184 ILE A N   1 
ATOM   1018 C  CA  . ILE A 1 163 ? -1.620  13.539  -20.035 1.00 62.62  ? 184 ILE A CA  1 
ATOM   1019 C  C   . ILE A 1 163 ? -1.298  14.873  -20.661 1.00 60.67  ? 184 ILE A C   1 
ATOM   1020 O  O   . ILE A 1 163 ? -0.857  14.880  -21.830 1.00 65.96  ? 184 ILE A O   1 
ATOM   1021 C  CB  . ILE A 1 163 ? -3.132  13.351  -19.757 1.00 61.93  ? 184 ILE A CB  1 
ATOM   1022 C  CG1 . ILE A 1 163 ? -3.419  11.926  -19.316 1.00 68.14  ? 184 ILE A CG1 1 
ATOM   1023 C  CG2 . ILE A 1 163 ? -3.954  13.583  -21.002 1.00 57.57  ? 184 ILE A CG2 1 
ATOM   1024 C  CD1 . ILE A 1 163 ? -4.877  11.631  -19.040 1.00 67.89  ? 184 ILE A CD1 1 
ATOM   1025 N  N   . PRO A 1 164 ? -1.390  16.032  -19.987 1.00 63.47  ? 185 PRO A N   1 
ATOM   1026 C  CA  . PRO A 1 164 ? -1.220  17.314  -20.683 1.00 61.47  ? 185 PRO A CA  1 
ATOM   1027 C  C   . PRO A 1 164 ? 0.115   17.476  -21.436 1.00 62.25  ? 185 PRO A C   1 
ATOM   1028 O  O   . PRO A 1 164 ? 0.127   18.022  -22.549 1.00 60.02  ? 185 PRO A O   1 
ATOM   1029 C  CB  . PRO A 1 164 ? -1.409  18.347  -19.555 1.00 58.00  ? 185 PRO A CB  1 
ATOM   1030 C  CG  . PRO A 1 164 ? -1.263  17.613  -18.298 1.00 62.74  ? 185 PRO A CG  1 
ATOM   1031 C  CD  . PRO A 1 164 ? -1.766  16.244  -18.568 1.00 64.76  ? 185 PRO A CD  1 
ATOM   1032 N  N   . TYR A 1 165 ? 1.232   16.992  -20.887 1.00 57.89  ? 186 TYR A N   1 
ATOM   1033 C  CA  . TYR A 1 165 ? 2.493   17.061  -21.614 1.00 61.00  ? 186 TYR A CA  1 
ATOM   1034 C  C   . TYR A 1 165 ? 2.449   16.294  -22.923 1.00 68.78  ? 186 TYR A C   1 
ATOM   1035 O  O   . TYR A 1 165 ? 3.327   16.492  -23.773 1.00 71.96  ? 186 TYR A O   1 
ATOM   1036 C  CB  . TYR A 1 165 ? 3.629   16.483  -20.800 1.00 58.96  ? 186 TYR A CB  1 
ATOM   1037 C  CG  . TYR A 1 165 ? 3.908   17.145  -19.495 1.00 60.26  ? 186 TYR A CG  1 
ATOM   1038 C  CD1 . TYR A 1 165 ? 4.634   18.313  -19.447 1.00 63.75  ? 186 TYR A CD1 1 
ATOM   1039 C  CD2 . TYR A 1 165 ? 3.471   16.566  -18.263 1.00 65.20  ? 186 TYR A CD2 1 
ATOM   1040 C  CE1 . TYR A 1 165 ? 4.919   18.931  -18.229 1.00 69.86  ? 186 TYR A CE1 1 
ATOM   1041 C  CE2 . TYR A 1 165 ? 3.737   17.182  -17.034 1.00 59.57  ? 186 TYR A CE2 1 
ATOM   1042 C  CZ  . TYR A 1 165 ? 4.477   18.364  -17.032 1.00 58.69  ? 186 TYR A CZ  1 
ATOM   1043 O  OH  . TYR A 1 165 ? 4.812   19.012  -15.885 1.00 60.49  ? 186 TYR A OH  1 
ATOM   1044 N  N   . MET A 1 166 ? 1.500   15.366  -23.073 1.00 68.59  ? 187 MET A N   1 
ATOM   1045 C  CA  . MET A 1 166 ? 1.386   14.628  -24.327 1.00 70.79  ? 187 MET A CA  1 
ATOM   1046 C  C   . MET A 1 166 ? 0.758   15.498  -25.417 1.00 69.78  ? 187 MET A C   1 
ATOM   1047 O  O   . MET A 1 166 ? 1.028   15.299  -26.613 1.00 67.19  ? 187 MET A O   1 
ATOM   1048 C  CB  . MET A 1 166 ? 0.557   13.342  -24.110 1.00 64.74  ? 187 MET A CB  1 
ATOM   1049 C  CG  . MET A 1 166 ? 0.944   12.485  -22.893 1.00 69.95  ? 187 MET A CG  1 
ATOM   1050 S  SD  . MET A 1 166 ? -0.091  10.985  -22.534 1.00 65.83  ? 187 MET A SD  1 
ATOM   1051 C  CE  . MET A 1 166 ? 0.933   10.238  -21.280 1.00 60.46  ? 187 MET A CE  1 
ATOM   1052 N  N   . PHE A 1 167 ? -0.089  16.447  -25.017 1.00 65.17  ? 188 PHE A N   1 
ATOM   1053 C  CA  . PHE A 1 167 ? -0.795  17.322  -25.937 1.00 69.00  ? 188 PHE A CA  1 
ATOM   1054 C  C   . PHE A 1 167 ? -0.137  18.695  -26.071 1.00 68.83  ? 188 PHE A C   1 
ATOM   1055 O  O   . PHE A 1 167 ? -0.350  19.373  -27.083 1.00 70.91  ? 188 PHE A O   1 
ATOM   1056 C  CB  . PHE A 1 167 ? -2.267  17.473  -25.491 1.00 77.58  ? 188 PHE A CB  1 
ATOM   1057 C  CG  . PHE A 1 167 ? -3.136  16.286  -25.850 1.00 91.26  ? 188 PHE A CG  1 
ATOM   1058 C  CD1 . PHE A 1 167 ? -3.436  16.024  -27.183 1.00 99.54  ? 188 PHE A CD1 1 
ATOM   1059 C  CD2 . PHE A 1 167 ? -3.635  15.423  -24.871 1.00 91.50  ? 188 PHE A CD2 1 
ATOM   1060 C  CE1 . PHE A 1 167 ? -4.211  14.916  -27.545 1.00 108.93 ? 188 PHE A CE1 1 
ATOM   1061 C  CE2 . PHE A 1 167 ? -4.428  14.308  -25.221 1.00 100.45 ? 188 PHE A CE2 1 
ATOM   1062 C  CZ  . PHE A 1 167 ? -4.715  14.058  -26.563 1.00 107.11 ? 188 PHE A CZ  1 
ATOM   1063 N  N   . ILE A 1 168 ? 0.685   19.081  -25.101 1.00 63.85  ? 189 ILE A N   1 
ATOM   1064 C  CA  . ILE A 1 168 ? 1.243   20.418  -24.978 1.00 60.49  ? 189 ILE A CA  1 
ATOM   1065 C  C   . ILE A 1 168 ? 2.757   20.331  -24.863 1.00 61.60  ? 189 ILE A C   1 
ATOM   1066 O  O   . ILE A 1 168 ? 3.277   19.922  -23.797 1.00 53.34  ? 189 ILE A O   1 
ATOM   1067 C  CB  . ILE A 1 168 ? 0.652   21.153  -23.774 1.00 60.03  ? 189 ILE A CB  1 
ATOM   1068 C  CG1 . ILE A 1 168 ? -0.838  21.347  -24.003 1.00 64.61  ? 189 ILE A CG1 1 
ATOM   1069 C  CG2 . ILE A 1 168 ? 1.412   22.442  -23.547 1.00 59.56  ? 189 ILE A CG2 1 
ATOM   1070 C  CD1 . ILE A 1 168 ? -1.665  21.532  -22.742 1.00 63.77  ? 189 ILE A CD1 1 
ATOM   1071 N  N   . PRO A 1 169 ? 3.485   20.741  -25.924 1.00 52.63  ? 190 PRO A N   1 
ATOM   1072 C  CA  . PRO A 1 169 ? 4.926   20.495  -25.963 1.00 52.64  ? 190 PRO A CA  1 
ATOM   1073 C  C   . PRO A 1 169 ? 5.761   21.517  -25.261 1.00 53.43  ? 190 PRO A C   1 
ATOM   1074 O  O   . PRO A 1 169 ? 6.933   21.225  -25.015 1.00 55.40  ? 190 PRO A O   1 
ATOM   1075 C  CB  . PRO A 1 169 ? 5.263   20.467  -27.460 1.00 49.78  ? 190 PRO A CB  1 
ATOM   1076 C  CG  . PRO A 1 169 ? 4.006   20.705  -28.193 1.00 55.85  ? 190 PRO A CG  1 
ATOM   1077 C  CD  . PRO A 1 169 ? 2.915   21.026  -27.252 1.00 52.63  ? 190 PRO A CD  1 
ATOM   1078 N  N   . VAL A 1 170 ? 5.215   22.664  -24.877 1.00 52.53  ? 191 VAL A N   1 
ATOM   1079 C  CA  . VAL A 1 170 ? 5.942   23.561  -23.987 1.00 56.97  ? 191 VAL A CA  1 
ATOM   1080 C  C   . VAL A 1 170 ? 5.632   23.119  -22.554 1.00 62.21  ? 191 VAL A C   1 
ATOM   1081 O  O   . VAL A 1 170 ? 4.475   23.112  -22.132 1.00 66.89  ? 191 VAL A O   1 
ATOM   1082 C  CB  . VAL A 1 170 ? 5.574   25.036  -24.222 1.00 62.48  ? 191 VAL A CB  1 
ATOM   1083 C  CG1 . VAL A 1 170 ? 6.494   25.950  -23.429 1.00 55.86  ? 191 VAL A CG1 1 
ATOM   1084 C  CG2 . VAL A 1 170 ? 5.602   25.397  -25.699 1.00 53.17  ? 191 VAL A CG2 1 
ATOM   1085 N  N   . ALA A 1 171 ? 6.660   22.687  -21.821 1.00 61.55  ? 192 ALA A N   1 
ATOM   1086 C  CA  . ALA A 1 171 ? 6.407   22.083  -20.518 1.00 58.37  ? 192 ALA A CA  1 
ATOM   1087 C  C   . ALA A 1 171 ? 5.816   23.096  -19.550 1.00 67.34  ? 192 ALA A C   1 
ATOM   1088 O  O   . ALA A 1 171 ? 4.872   22.772  -18.812 1.00 69.10  ? 192 ALA A O   1 
ATOM   1089 C  CB  . ALA A 1 171 ? 7.693   21.486  -19.936 1.00 59.36  ? 192 ALA A CB  1 
ATOM   1090 N  N   . ARG A 1 172 ? 6.355   24.331  -19.543 1.00 64.70  ? 193 ARG A N   1 
ATOM   1091 C  CA  . ARG A 1 172 ? 5.853   25.377  -18.651 1.00 65.07  ? 193 ARG A CA  1 
ATOM   1092 C  C   . ARG A 1 172 ? 4.433   25.775  -18.989 1.00 68.71  ? 193 ARG A C   1 
ATOM   1093 O  O   . ARG A 1 172 ? 3.743   26.353  -18.140 1.00 66.34  ? 193 ARG A O   1 
ATOM   1094 C  CB  . ARG A 1 172 ? 6.719   26.625  -18.699 1.00 67.13  ? 193 ARG A CB  1 
ATOM   1095 C  CG  . ARG A 1 172 ? 8.209   26.362  -18.742 1.00 76.88  ? 193 ARG A CG  1 
ATOM   1096 C  CD  . ARG A 1 172 ? 8.801   26.149  -17.365 1.00 82.56  ? 193 ARG A CD  1 
ATOM   1097 N  NE  . ARG A 1 172 ? 8.589   27.305  -16.492 1.00 94.27  ? 193 ARG A NE  1 
ATOM   1098 C  CZ  . ARG A 1 172 ? 9.317   28.421  -16.518 1.00 98.60  ? 193 ARG A CZ  1 
ATOM   1099 N  NH1 . ARG A 1 172 ? 9.035   29.416  -15.675 1.00 93.66  ? 193 ARG A NH1 1 
ATOM   1100 N  NH2 . ARG A 1 172 ? 10.322  28.542  -17.387 1.00 90.90  ? 193 ARG A NH2 1 
ATOM   1101 N  N   . LYS A 1 173 ? 3.991   25.502  -20.215 1.00 68.69  ? 194 LYS A N   1 
ATOM   1102 C  CA  . LYS A 1 173 ? 2.566   25.561  -20.488 1.00 63.87  ? 194 LYS A CA  1 
ATOM   1103 C  C   . LYS A 1 173 ? 1.845   24.336  -19.906 1.00 64.75  ? 194 LYS A C   1 
ATOM   1104 O  O   . LYS A 1 173 ? 0.828   24.494  -19.225 1.00 71.83  ? 194 LYS A O   1 
ATOM   1105 C  CB  . LYS A 1 173 ? 2.335   25.698  -21.998 1.00 57.35  ? 194 LYS A CB  1 
ATOM   1106 C  CG  . LYS A 1 173 ? 0.880   25.883  -22.363 1.00 54.00  ? 194 LYS A CG  1 
ATOM   1107 C  CD  . LYS A 1 173 ? 0.605   25.858  -23.857 1.00 56.98  ? 194 LYS A CD  1 
ATOM   1108 C  CE  . LYS A 1 173 ? -0.749  26.458  -24.135 1.00 62.47  ? 194 LYS A CE  1 
ATOM   1109 N  NZ  . LYS A 1 173 ? -1.254  26.275  -25.487 1.00 57.33  ? 194 LYS A NZ  1 
ATOM   1110 N  N   . ALA A 1 174 ? 2.369   23.116  -20.126 1.00 60.29  ? 195 ALA A N   1 
ATOM   1111 C  CA  . ALA A 1 174 ? 1.618   21.911  -19.746 1.00 65.03  ? 195 ALA A CA  1 
ATOM   1112 C  C   . ALA A 1 174 ? 1.426   21.784  -18.231 1.00 60.28  ? 195 ALA A C   1 
ATOM   1113 O  O   . ALA A 1 174 ? 0.363   21.359  -17.776 1.00 59.73  ? 195 ALA A O   1 
ATOM   1114 C  CB  . ALA A 1 174 ? 2.309   20.648  -20.283 1.00 62.52  ? 195 ALA A CB  1 
ATOM   1115 N  N   . VAL A 1 175 ? 2.467   22.115  -17.463 1.00 60.46  ? 196 VAL A N   1 
ATOM   1116 C  CA  . VAL A 1 175 ? 2.524   22.000  -16.012 1.00 62.11  ? 196 VAL A CA  1 
ATOM   1117 C  C   . VAL A 1 175 ? 1.400   22.761  -15.338 1.00 66.51  ? 196 VAL A C   1 
ATOM   1118 O  O   . VAL A 1 175 ? 1.028   22.436  -14.210 1.00 69.77  ? 196 VAL A O   1 
ATOM   1119 C  CB  . VAL A 1 175 ? 3.902   22.496  -15.501 1.00 62.33  ? 196 VAL A CB  1 
ATOM   1120 C  CG1 . VAL A 1 175 ? 3.918   24.032  -15.340 1.00 59.92  ? 196 VAL A CG1 1 
ATOM   1121 C  CG2 . VAL A 1 175 ? 4.299   21.798  -14.208 1.00 58.22  ? 196 VAL A CG2 1 
ATOM   1122 N  N   . VAL A 1 176 ? 0.850   23.773  -16.003 1.00 66.51  ? 197 VAL A N   1 
ATOM   1123 C  CA  . VAL A 1 176 ? -0.283  24.504  -15.455 1.00 68.56  ? 197 VAL A CA  1 
ATOM   1124 C  C   . VAL A 1 176 ? -1.561  23.714  -15.651 1.00 65.91  ? 197 VAL A C   1 
ATOM   1125 O  O   . VAL A 1 176 ? -2.444  23.730  -14.792 1.00 68.63  ? 197 VAL A O   1 
ATOM   1126 C  CB  . VAL A 1 176 ? -0.375  25.904  -16.103 1.00 68.07  ? 197 VAL A CB  1 
ATOM   1127 C  CG1 . VAL A 1 176 ? -1.634  26.630  -15.635 1.00 55.48  ? 197 VAL A CG1 1 
ATOM   1128 C  CG2 . VAL A 1 176 ? 0.901   26.721  -15.828 1.00 53.79  ? 197 VAL A CG2 1 
ATOM   1129 N  N   . ALA A 1 177 ? -1.703  23.046  -16.799 1.00 66.01  ? 198 ALA A N   1 
ATOM   1130 C  CA  . ALA A 1 177 ? -2.820  22.119  -16.964 1.00 66.05  ? 198 ALA A CA  1 
ATOM   1131 C  C   . ALA A 1 177 ? -2.683  20.896  -16.033 1.00 69.84  ? 198 ALA A C   1 
ATOM   1132 O  O   . ALA A 1 177 ? -3.677  20.418  -15.478 1.00 63.53  ? 198 ALA A O   1 
ATOM   1133 C  CB  . ALA A 1 177 ? -2.925  21.711  -18.440 1.00 51.03  ? 198 ALA A CB  1 
ATOM   1134 N  N   . SER A 1 178 ? -1.452  20.416  -15.835 1.00 67.49  ? 199 SER A N   1 
ATOM   1135 C  CA  . SER A 1 178 ? -1.159  19.262  -14.999 1.00 59.49  ? 199 SER A CA  1 
ATOM   1136 C  C   . SER A 1 178 ? -1.388  19.581  -13.533 1.00 70.02  ? 199 SER A C   1 
ATOM   1137 O  O   . SER A 1 178 ? -1.913  18.752  -12.787 1.00 69.99  ? 199 SER A O   1 
ATOM   1138 C  CB  . SER A 1 178 ? 0.292   18.855  -15.238 1.00 60.44  ? 199 SER A CB  1 
ATOM   1139 O  OG  . SER A 1 178 ? 0.779   17.843  -14.391 1.00 61.50  ? 199 SER A OG  1 
ATOM   1140 N  N   . VAL A 1 179 ? -1.007  20.787  -13.109 1.00 69.33  ? 200 VAL A N   1 
ATOM   1141 C  CA  . VAL A 1 179 ? -1.222  21.196  -11.728 1.00 67.49  ? 200 VAL A CA  1 
ATOM   1142 C  C   . VAL A 1 179 ? -2.717  21.242  -11.405 1.00 71.31  ? 200 VAL A C   1 
ATOM   1143 O  O   . VAL A 1 179 ? -3.150  20.785  -10.340 1.00 72.30  ? 200 VAL A O   1 
ATOM   1144 C  CB  . VAL A 1 179 ? -0.522  22.540  -11.457 1.00 64.43  ? 200 VAL A CB  1 
ATOM   1145 C  CG1 . VAL A 1 179 ? -1.364  23.426  -10.592 1.00 67.31  ? 200 VAL A CG1 1 
ATOM   1146 C  CG2 . VAL A 1 179 ? 0.821   22.289  -10.801 1.00 64.00  ? 200 VAL A CG2 1 
ATOM   1147 N  N   . ILE A 1 180 ? -3.538  21.737  -12.331 1.00 69.66  ? 201 ILE A N   1 
ATOM   1148 C  CA  . ILE A 1 180 ? -4.965  21.786  -12.025 1.00 76.99  ? 201 ILE A CA  1 
ATOM   1149 C  C   . ILE A 1 180 ? -5.632  20.405  -12.175 1.00 75.87  ? 201 ILE A C   1 
ATOM   1150 O  O   . ILE A 1 180 ? -6.484  20.041  -11.358 1.00 70.26  ? 201 ILE A O   1 
ATOM   1151 C  CB  . ILE A 1 180 ? -5.677  22.879  -12.851 1.00 68.01  ? 201 ILE A CB  1 
ATOM   1152 C  CG1 . ILE A 1 180 ? -5.619  22.606  -14.356 1.00 75.08  ? 201 ILE A CG1 1 
ATOM   1153 C  CG2 . ILE A 1 180 ? -5.111  24.223  -12.505 1.00 72.54  ? 201 ILE A CG2 1 
ATOM   1154 C  CD1 . ILE A 1 180 ? -5.709  23.906  -15.250 1.00 78.58  ? 201 ILE A CD1 1 
ATOM   1155 N  N   . LEU A 1 181 ? -5.262  19.616  -13.193 1.00 75.11  ? 202 LEU A N   1 
ATOM   1156 C  CA  . LEU A 1 181 ? -5.908  18.323  -13.396 1.00 72.36  ? 202 LEU A CA  1 
ATOM   1157 C  C   . LEU A 1 181 ? -5.723  17.428  -12.184 1.00 78.32  ? 202 LEU A C   1 
ATOM   1158 O  O   . LEU A 1 181 ? -6.685  16.842  -11.680 1.00 69.48  ? 202 LEU A O   1 
ATOM   1159 C  CB  . LEU A 1 181 ? -5.340  17.618  -14.624 1.00 62.18  ? 202 LEU A CB  1 
ATOM   1160 C  CG  . LEU A 1 181 ? -6.306  16.738  -15.399 1.00 69.31  ? 202 LEU A CG  1 
ATOM   1161 C  CD1 . LEU A 1 181 ? -5.684  16.366  -16.704 1.00 84.98  ? 202 LEU A CD1 1 
ATOM   1162 C  CD2 . LEU A 1 181 ? -6.690  15.483  -14.702 1.00 80.34  ? 202 LEU A CD2 1 
ATOM   1163 N  N   . THR A 1 182 ? -4.478  17.312  -11.703 1.00 77.92  ? 203 THR A N   1 
ATOM   1164 C  CA  . THR A 1 182 ? -4.170  16.342  -10.662 1.00 77.85  ? 203 THR A CA  1 
ATOM   1165 C  C   . THR A 1 182 ? -4.566  16.836  -9.286  1.00 77.25  ? 203 THR A C   1 
ATOM   1166 O  O   . THR A 1 182 ? -4.956  16.028  -8.449  1.00 80.07  ? 203 THR A O   1 
ATOM   1167 C  CB  . THR A 1 182 ? -2.685  15.983  -10.668 1.00 76.81  ? 203 THR A CB  1 
ATOM   1168 O  OG1 . THR A 1 182 ? -1.943  16.981  -9.967  1.00 81.07  ? 203 THR A OG1 1 
ATOM   1169 C  CG2 . THR A 1 182 ? -2.189  15.915  -12.080 1.00 70.79  ? 203 THR A CG2 1 
ATOM   1170 N  N   . LEU A 1 183 ? -4.489  18.145  -9.040  1.00 79.91  ? 204 LEU A N   1 
ATOM   1171 C  CA  . LEU A 1 183 ? -5.070  18.696  -7.824  1.00 78.42  ? 204 LEU A CA  1 
ATOM   1172 C  C   . LEU A 1 183 ? -6.565  18.459  -7.785  1.00 79.60  ? 204 LEU A C   1 
ATOM   1173 O  O   . LEU A 1 183 ? -7.118  18.216  -6.711  1.00 88.20  ? 204 LEU A O   1 
ATOM   1174 C  CB  . LEU A 1 183 ? -4.774  20.187  -7.710  1.00 81.46  ? 204 LEU A CB  1 
ATOM   1175 C  CG  . LEU A 1 183 ? -5.401  20.929  -6.536  1.00 93.03  ? 204 LEU A CG  1 
ATOM   1176 C  CD1 . LEU A 1 183 ? -5.134  20.177  -5.230  1.00 90.43  ? 204 LEU A CD1 1 
ATOM   1177 C  CD2 . LEU A 1 183 ? -4.858  22.367  -6.476  1.00 96.97  ? 204 LEU A CD2 1 
ATOM   1178 N  N   . MET A 1 184 ? -7.239  18.527  -8.932  1.00 72.11  ? 205 MET A N   1 
ATOM   1179 C  CA  . MET A 1 184 ? -8.609  18.039  -8.991  1.00 79.16  ? 205 MET A CA  1 
ATOM   1180 C  C   . MET A 1 184 ? -8.665  16.550  -8.661  1.00 82.76  ? 205 MET A C   1 
ATOM   1181 O  O   . MET A 1 184 ? -9.548  16.101  -7.923  1.00 82.22  ? 205 MET A O   1 
ATOM   1182 C  CB  . MET A 1 184 ? -9.218  18.299  -10.370 1.00 76.42  ? 205 MET A CB  1 
ATOM   1183 C  CG  . MET A 1 184 ? -9.958  19.618  -10.537 1.00 82.98  ? 205 MET A CG  1 
ATOM   1184 S  SD  . MET A 1 184 ? -10.909 19.643  -12.094 1.00 104.96 ? 205 MET A SD  1 
ATOM   1185 C  CE  . MET A 1 184 ? -9.613  19.486  -13.338 1.00 91.57  ? 205 MET A CE  1 
ATOM   1186 N  N   . ALA A 1 185 ? -7.716  15.774  -9.192  1.00 81.90  ? 206 ALA A N   1 
ATOM   1187 C  CA  . ALA A 1 185 ? -7.737  14.335  -8.988  1.00 81.41  ? 206 ALA A CA  1 
ATOM   1188 C  C   . ALA A 1 185 ? -7.394  13.972  -7.548  1.00 84.06  ? 206 ALA A C   1 
ATOM   1189 O  O   . ALA A 1 185 ? -7.923  12.994  -7.015  1.00 86.15  ? 206 ALA A O   1 
ATOM   1190 C  CB  . ALA A 1 185 ? -6.770  13.657  -9.954  1.00 73.37  ? 206 ALA A CB  1 
ATOM   1191 N  N   . LEU A 1 186 ? -6.502  14.733  -6.911  1.00 80.83  ? 207 LEU A N   1 
ATOM   1192 C  CA  . LEU A 1 186 ? -6.146  14.445  -5.533  1.00 79.89  ? 207 LEU A CA  1 
ATOM   1193 C  C   . LEU A 1 186 ? -7.290  14.812  -4.596  1.00 86.85  ? 207 LEU A C   1 
ATOM   1194 O  O   . LEU A 1 186 ? -7.512  14.136  -3.589  1.00 87.93  ? 207 LEU A O   1 
ATOM   1195 C  CB  . LEU A 1 186 ? -4.863  15.188  -5.151  1.00 75.48  ? 207 LEU A CB  1 
ATOM   1196 C  CG  . LEU A 1 186 ? -3.538  14.786  -5.823  1.00 79.67  ? 207 LEU A CG  1 
ATOM   1197 C  CD1 . LEU A 1 186 ? -2.361  15.727  -5.492  1.00 78.33  ? 207 LEU A CD1 1 
ATOM   1198 C  CD2 . LEU A 1 186 ? -3.172  13.337  -5.533  1.00 74.19  ? 207 LEU A CD2 1 
ATOM   1199 N  N   . LEU A 1 187 ? -8.040  15.868  -4.924  1.00 86.96  ? 208 LEU A N   1 
ATOM   1200 C  CA  . LEU A 1 187 ? -9.182  16.239  -4.097  1.00 87.50  ? 208 LEU A CA  1 
ATOM   1201 C  C   . LEU A 1 187 ? -10.373 15.312  -4.330  1.00 90.35  ? 208 LEU A C   1 
ATOM   1202 O  O   . LEU A 1 187 ? -11.204 15.139  -3.433  1.00 92.77  ? 208 LEU A O   1 
ATOM   1203 C  CB  . LEU A 1 187 ? -9.572  17.696  -4.355  1.00 80.93  ? 208 LEU A CB  1 
ATOM   1204 C  CG  . LEU A 1 187 ? -8.603  18.740  -3.809  1.00 84.62  ? 208 LEU A CG  1 
ATOM   1205 C  CD1 . LEU A 1 187 ? -9.082  20.167  -4.082  1.00 86.88  ? 208 LEU A CD1 1 
ATOM   1206 C  CD2 . LEU A 1 187 ? -8.394  18.521  -2.351  1.00 77.86  ? 208 LEU A CD2 1 
ATOM   1207 N  N   . ILE A 1 188 ? -10.485 14.723  -5.517  1.00 88.08  ? 209 ILE A N   1 
ATOM   1208 C  CA  . ILE A 1 188 ? -11.524 13.728  -5.736  1.00 91.12  ? 209 ILE A CA  1 
ATOM   1209 C  C   . ILE A 1 188 ? -11.134 12.406  -5.089  1.00 95.50  ? 209 ILE A C   1 
ATOM   1210 O  O   . ILE A 1 188 ? -11.888 11.845  -4.288  1.00 102.81 ? 209 ILE A O   1 
ATOM   1211 C  CB  . ILE A 1 188 ? -11.824 13.560  -7.240  1.00 91.68  ? 209 ILE A CB  1 
ATOM   1212 C  CG1 . ILE A 1 188 ? -12.612 14.755  -7.781  1.00 94.21  ? 209 ILE A CG1 1 
ATOM   1213 C  CG2 . ILE A 1 188 ? -12.599 12.270  -7.503  1.00 88.01  ? 209 ILE A CG2 1 
ATOM   1214 C  CD1 . ILE A 1 188 ? -13.138 14.543  -9.204  1.00 87.62  ? 209 ILE A CD1 1 
ATOM   1215 N  N   . PHE A 1 189 ? -9.943  11.897  -5.393  1.00 91.52  ? 210 PHE A N   1 
ATOM   1216 C  CA  . PHE A 1 189 ? -9.544  10.622  -4.818  1.00 97.51  ? 210 PHE A CA  1 
ATOM   1217 C  C   . PHE A 1 189 ? -9.059  10.748  -3.380  1.00 100.33 ? 210 PHE A C   1 
ATOM   1218 O  O   . PHE A 1 189 ? -8.776  9.727   -2.749  1.00 101.93 ? 210 PHE A O   1 
ATOM   1219 C  CB  . PHE A 1 189 ? -8.479  9.954   -5.685  1.00 93.49  ? 210 PHE A CB  1 
ATOM   1220 C  CG  . PHE A 1 189 ? -9.029  9.330   -6.956  1.00 97.04  ? 210 PHE A CG  1 
ATOM   1221 C  CD1 . PHE A 1 189 ? -9.203  10.091  -8.107  1.00 98.31  ? 210 PHE A CD1 1 
ATOM   1222 C  CD2 . PHE A 1 189 ? -9.359  7.985   -7.004  1.00 96.84  ? 210 PHE A CD2 1 
ATOM   1223 C  CE1 . PHE A 1 189 ? -9.699  9.529   -9.280  1.00 94.42  ? 210 PHE A CE1 1 
ATOM   1224 C  CE2 . PHE A 1 189 ? -9.859  7.425   -8.172  1.00 99.41  ? 210 PHE A CE2 1 
ATOM   1225 C  CZ  . PHE A 1 189 ? -10.020 8.202   -9.313  1.00 95.56  ? 210 PHE A CZ  1 
ATOM   1226 N  N   . GLY A 1 190 ? -8.955  11.959  -2.850  1.00 97.26  ? 211 GLY A N   1 
ATOM   1227 C  CA  . GLY A 1 190 ? -8.771  12.122  -1.424  1.00 96.91  ? 211 GLY A CA  1 
ATOM   1228 C  C   . GLY A 1 190 ? -10.097 11.996  -0.694  1.00 108.24 ? 211 GLY A C   1 
ATOM   1229 O  O   . GLY A 1 190 ? -10.180 11.350  0.358   1.00 112.65 ? 211 GLY A O   1 
ATOM   1230 N  N   . TYR A 1 191 ? -11.154 12.595  -1.247  1.00 105.11 ? 212 TYR A N   1 
ATOM   1231 C  CA  . TYR A 1 191 ? -12.479 12.434  -0.657  1.00 110.41 ? 212 TYR A CA  1 
ATOM   1232 C  C   . TYR A 1 191 ? -12.932 10.976  -0.697  1.00 114.76 ? 212 TYR A C   1 
ATOM   1233 O  O   . TYR A 1 191 ? -13.558 10.490  0.249   1.00 118.28 ? 212 TYR A O   1 
ATOM   1234 C  CB  . TYR A 1 191 ? -13.481 13.330  -1.385  1.00 110.73 ? 212 TYR A CB  1 
ATOM   1235 C  CG  . TYR A 1 191 ? -14.827 13.471  -0.700  1.00 118.03 ? 212 TYR A CG  1 
ATOM   1236 C  CD1 . TYR A 1 191 ? -15.822 12.509  -0.861  1.00 120.27 ? 212 TYR A CD1 1 
ATOM   1237 C  CD2 . TYR A 1 191 ? -15.113 14.582  0.087   1.00 121.91 ? 212 TYR A CD2 1 
ATOM   1238 C  CE1 . TYR A 1 191 ? -17.061 12.639  -0.243  1.00 126.26 ? 212 TYR A CE1 1 
ATOM   1239 C  CE2 . TYR A 1 191 ? -16.352 14.725  0.711   1.00 128.99 ? 212 TYR A CE2 1 
ATOM   1240 C  CZ  . TYR A 1 191 ? -17.321 13.747  0.542   1.00 130.16 ? 212 TYR A CZ  1 
ATOM   1241 O  OH  . TYR A 1 191 ? -18.550 13.873  1.160   1.00 129.15 ? 212 TYR A OH  1 
ATOM   1242 N  N   . ALA A 1 192 ? -12.610 10.258  -1.778  1.00 111.93 ? 213 ALA A N   1 
ATOM   1243 C  CA  . ALA A 1 192 ? -13.028 8.864   -1.908  1.00 111.16 ? 213 ALA A CA  1 
ATOM   1244 C  C   . ALA A 1 192 ? -12.305 7.956   -0.920  1.00 116.51 ? 213 ALA A C   1 
ATOM   1245 O  O   . ALA A 1 192 ? -12.872 6.954   -0.469  1.00 123.82 ? 213 ALA A O   1 
ATOM   1246 C  CB  . ALA A 1 192 ? -12.798 8.379   -3.337  1.00 111.84 ? 213 ALA A CB  1 
ATOM   1247 N  N   . LYS A 1 193 ? -11.056 8.271   -0.588  1.00 115.05 ? 214 LYS A N   1 
ATOM   1248 C  CA  . LYS A 1 193 ? -10.374 7.547   0.474   1.00 120.16 ? 214 LYS A CA  1 
ATOM   1249 C  C   . LYS A 1 193 ? -10.885 7.936   1.858   1.00 123.04 ? 214 LYS A C   1 
ATOM   1250 O  O   . LYS A 1 193 ? -10.460 7.335   2.848   1.00 122.70 ? 214 LYS A O   1 
ATOM   1251 C  CB  . LYS A 1 193 ? -8.860  7.769   0.373   1.00 115.49 ? 214 LYS A CB  1 
ATOM   1252 N  N   . GLY A 1 194 ? -11.784 8.916   1.949   1.00 126.27 ? 215 GLY A N   1 
ATOM   1253 C  CA  . GLY A 1 194 ? -12.461 9.232   3.196   1.00 128.85 ? 215 GLY A CA  1 
ATOM   1254 C  C   . GLY A 1 194 ? -13.910 8.774   3.232   1.00 130.73 ? 215 GLY A C   1 
ATOM   1255 O  O   . GLY A 1 194 ? -14.507 8.652   4.305   1.00 135.12 ? 215 GLY A O   1 
ATOM   1256 N  N   . TYR A 1 195 ? -14.502 8.551   2.056   1.00 129.37 ? 216 TYR A N   1 
ATOM   1257 C  CA  . TYR A 1 195 ? -15.817 7.918   1.999   1.00 132.05 ? 216 TYR A CA  1 
ATOM   1258 C  C   . TYR A 1 195 ? -15.741 6.481   2.482   1.00 133.27 ? 216 TYR A C   1 
ATOM   1259 O  O   . TYR A 1 195 ? -16.684 5.984   3.099   1.00 136.44 ? 216 TYR A O   1 
ATOM   1260 C  CB  . TYR A 1 195 ? -16.356 7.971   0.571   1.00 134.76 ? 216 TYR A CB  1 
ATOM   1261 C  CG  . TYR A 1 195 ? -17.828 7.641   0.386   1.00 139.86 ? 216 TYR A CG  1 
ATOM   1262 C  CD1 . TYR A 1 195 ? -18.259 6.326   0.218   1.00 137.07 ? 216 TYR A CD1 1 
ATOM   1263 C  CD2 . TYR A 1 195 ? -18.779 8.656   0.325   1.00 140.14 ? 216 TYR A CD2 1 
ATOM   1264 C  CE1 . TYR A 1 195 ? -19.597 6.035   0.022   1.00 139.26 ? 216 TYR A CE1 1 
ATOM   1265 C  CE2 . TYR A 1 195 ? -20.112 8.374   0.130   1.00 139.60 ? 216 TYR A CE2 1 
ATOM   1266 C  CZ  . TYR A 1 195 ? -20.517 7.068   -0.021  1.00 142.53 ? 216 TYR A CZ  1 
ATOM   1267 O  OH  . TYR A 1 195 ? -21.851 6.807   -0.221  1.00 149.75 ? 216 TYR A OH  1 
ATOM   1268 N  N   . PHE A 1 196 ? -14.637 5.805   2.203   1.00 133.04 ? 217 PHE A N   1 
ATOM   1269 C  CA  . PHE A 1 196 ? -14.340 4.508   2.783   1.00 131.63 ? 217 PHE A CA  1 
ATOM   1270 C  C   . PHE A 1 196 ? -13.332 4.683   3.910   1.00 135.48 ? 217 PHE A C   1 
ATOM   1271 O  O   . PHE A 1 196 ? -12.712 5.737   4.069   1.00 137.64 ? 217 PHE A O   1 
ATOM   1272 C  CB  . PHE A 1 196 ? -13.794 3.540   1.727   1.00 135.00 ? 217 PHE A CB  1 
ATOM   1273 C  CG  . PHE A 1 196 ? -14.696 3.369   0.529   1.00 137.47 ? 217 PHE A CG  1 
ATOM   1274 C  CD1 . PHE A 1 196 ? -14.706 4.311   -0.491  1.00 129.81 ? 217 PHE A CD1 1 
ATOM   1275 C  CD2 . PHE A 1 196 ? -15.526 2.261   0.420   1.00 137.51 ? 217 PHE A CD2 1 
ATOM   1276 C  CE1 . PHE A 1 196 ? -15.529 4.163   -1.578  1.00 129.49 ? 217 PHE A CE1 1 
ATOM   1277 C  CE2 . PHE A 1 196 ? -16.350 2.105   -0.673  1.00 132.24 ? 217 PHE A CE2 1 
ATOM   1278 C  CZ  . PHE A 1 196 ? -16.352 3.058   -1.672  1.00 130.97 ? 217 PHE A CZ  1 
ATOM   1279 N  N   . THR A 1 197 ? -13.194 3.631   4.707   1.00 146.62 ? 218 THR A N   1 
ATOM   1280 C  CA  . THR A 1 197 ? -12.230 3.557   5.817   1.00 153.61 ? 218 THR A CA  1 
ATOM   1281 C  C   . THR A 1 197 ? -12.539 4.671   6.820   1.00 150.01 ? 218 THR A C   1 
ATOM   1282 O  O   . THR A 1 197 ? -13.694 4.788   7.264   1.00 142.22 ? 218 THR A O   1 
ATOM   1283 C  CB  . THR A 1 197 ? -10.818 3.567   5.235   1.00 150.75 ? 218 THR A CB  1 
ATOM   1284 N  N   . ASP A 1 198 ? -11.561 5.482   7.217   1.00 151.31 ? 219 ASP A N   1 
ATOM   1285 C  CA  . ASP A 1 198 ? -11.783 6.527   8.202   1.00 149.77 ? 219 ASP A CA  1 
ATOM   1286 C  C   . ASP A 1 198 ? -12.736 7.582   7.655   1.00 145.73 ? 219 ASP A C   1 
ATOM   1287 O  O   . ASP A 1 198 ? -12.804 7.824   6.448   1.00 148.54 ? 219 ASP A O   1 
ATOM   1288 C  CB  . ASP A 1 198 ? -10.456 7.177   8.602   1.00 151.13 ? 219 ASP A CB  1 
ATOM   1289 N  N   . ASN A 1 199 ? -13.476 8.216   8.560   1.00 144.48 ? 220 ASN A N   1 
ATOM   1290 C  CA  . ASN A 1 199 ? -14.438 9.230   8.154   1.00 144.71 ? 220 ASN A CA  1 
ATOM   1291 C  C   . ASN A 1 199 ? -13.747 10.556  7.837   1.00 143.38 ? 220 ASN A C   1 
ATOM   1292 O  O   . ASN A 1 199 ? -12.527 10.604  7.637   1.00 138.15 ? 220 ASN A O   1 
ATOM   1293 C  CB  . ASN A 1 199 ? -15.502 9.415   9.241   1.00 140.48 ? 220 ASN A CB  1 
ATOM   1294 N  N   . LYS A 1 200 ? -14.535 11.637  7.801   1.00 144.09 ? 221 LYS A N   1 
ATOM   1295 C  CA  . LYS A 1 200 ? -14.095 12.986  7.467   1.00 137.76 ? 221 LYS A CA  1 
ATOM   1296 C  C   . LYS A 1 200 ? -13.416 12.986  6.104   1.00 132.17 ? 221 LYS A C   1 
ATOM   1297 O  O   . LYS A 1 200 ? -12.191 13.137  6.025   1.00 128.62 ? 221 LYS A O   1 
ATOM   1298 C  CB  . LYS A 1 200 ? -13.153 13.536  8.544   1.00 135.80 ? 221 LYS A CB  1 
ATOM   1299 N  N   . PRO A 1 201 ? -14.169 12.820  5.009   1.00 132.74 ? 222 PRO A N   1 
ATOM   1300 C  CA  . PRO A 1 201 ? -13.530 12.803  3.680   1.00 126.74 ? 222 PRO A CA  1 
ATOM   1301 C  C   . PRO A 1 201 ? -13.033 14.164  3.200   1.00 122.57 ? 222 PRO A C   1 
ATOM   1302 O  O   . PRO A 1 201 ? -12.128 14.200  2.358   1.00 121.04 ? 222 PRO A O   1 
ATOM   1303 C  CB  . PRO A 1 201 ? -14.635 12.256  2.762   1.00 127.84 ? 222 PRO A CB  1 
ATOM   1304 C  CG  . PRO A 1 201 ? -15.690 11.680  3.691   1.00 130.68 ? 222 PRO A CG  1 
ATOM   1305 C  CD  . PRO A 1 201 ? -15.603 12.492  4.938   1.00 132.02 ? 222 PRO A CD  1 
ATOM   1306 N  N   . PHE A 1 202 ? -13.582 15.284  3.685   1.00 120.54 ? 223 PHE A N   1 
ATOM   1307 C  CA  . PHE A 1 202 ? -13.032 16.573  3.279   1.00 115.80 ? 223 PHE A CA  1 
ATOM   1308 C  C   . PHE A 1 202 ? -11.633 16.783  3.845   1.00 116.80 ? 223 PHE A C   1 
ATOM   1309 O  O   . PHE A 1 202 ? -10.815 17.480  3.230   1.00 116.04 ? 223 PHE A O   1 
ATOM   1310 C  CB  . PHE A 1 202 ? -13.956 17.713  3.707   1.00 121.02 ? 223 PHE A CB  1 
ATOM   1311 N  N   . LYS A 1 203 ? -11.336 16.194  5.006   1.00 115.13 ? 224 LYS A N   1 
ATOM   1312 C  CA  . LYS A 1 203 ? -9.986  16.286  5.547   1.00 111.52 ? 224 LYS A CA  1 
ATOM   1313 C  C   . LYS A 1 203 ? -9.015  15.461  4.716   1.00 108.23 ? 224 LYS A C   1 
ATOM   1314 O  O   . LYS A 1 203 ? -7.931  15.936  4.357   1.00 106.02 ? 224 LYS A O   1 
ATOM   1315 C  CB  . LYS A 1 203 ? -9.968  15.833  7.005   1.00 110.10 ? 224 LYS A CB  1 
ATOM   1316 N  N   . SER A 1 204 ? -9.395  14.227  4.381   1.00 108.89 ? 225 SER A N   1 
ATOM   1317 C  CA  . SER A 1 204 ? -8.539  13.380  3.556   1.00 109.22 ? 225 SER A CA  1 
ATOM   1318 C  C   . SER A 1 204 ? -8.280  14.012  2.185   1.00 105.97 ? 225 SER A C   1 
ATOM   1319 O  O   . SER A 1 204 ? -7.168  13.916  1.647   1.00 98.80  ? 225 SER A O   1 
ATOM   1320 C  CB  . SER A 1 204 ? -9.173  11.991  3.413   1.00 107.93 ? 225 SER A CB  1 
ATOM   1321 O  OG  . SER A 1 204 ? -8.380  11.130  2.612   1.00 108.28 ? 225 SER A OG  1 
ATOM   1322 N  N   . ALA A 1 205 ? -9.292  14.658  1.605   1.00 106.86 ? 226 ALA A N   1 
ATOM   1323 C  CA  . ALA A 1 205 ? -9.085  15.364  0.351   1.00 97.06  ? 226 ALA A CA  1 
ATOM   1324 C  C   . ALA A 1 205 ? -7.960  16.379  0.494   1.00 95.69  ? 226 ALA A C   1 
ATOM   1325 O  O   . ALA A 1 205 ? -6.960  16.322  -0.231  1.00 95.46  ? 226 ALA A O   1 
ATOM   1326 C  CB  . ALA A 1 205 ? -10.382 16.041  -0.089  1.00 97.76  ? 226 ALA A CB  1 
ATOM   1327 N  N   . LEU A 1 206 ? -8.082  17.290  1.462   1.00 92.82  ? 227 LEU A N   1 
ATOM   1328 C  CA  . LEU A 1 206 ? -7.064  18.325  1.610   1.00 93.34  ? 227 LEU A CA  1 
ATOM   1329 C  C   . LEU A 1 206 ? -5.696  17.747  1.970   1.00 93.15  ? 227 LEU A C   1 
ATOM   1330 O  O   . LEU A 1 206 ? -4.660  18.327  1.609   1.00 95.23  ? 227 LEU A O   1 
ATOM   1331 C  CB  . LEU A 1 206 ? -7.503  19.359  2.651   1.00 96.46  ? 227 LEU A CB  1 
ATOM   1332 C  CG  . LEU A 1 206 ? -8.843  20.069  2.411   1.00 101.45 ? 227 LEU A CG  1 
ATOM   1333 C  CD1 . LEU A 1 206 ? -9.075  21.137  3.458   1.00 105.09 ? 227 LEU A CD1 1 
ATOM   1334 C  CD2 . LEU A 1 206 ? -8.902  20.676  1.047   1.00 102.48 ? 227 LEU A CD2 1 
ATOM   1335 N  N   . GLN A 1 207 ? -5.658  16.603  2.646   1.00 90.23  ? 228 GLN A N   1 
ATOM   1336 C  CA  . GLN A 1 207 ? -4.368  16.059  3.048   1.00 89.01  ? 228 GLN A CA  1 
ATOM   1337 C  C   . GLN A 1 207 ? -3.652  15.377  1.897   1.00 83.89  ? 228 GLN A C   1 
ATOM   1338 O  O   . GLN A 1 207 ? -2.422  15.361  1.862   1.00 75.59  ? 228 GLN A O   1 
ATOM   1339 C  CB  . GLN A 1 207 ? -4.545  15.083  4.199   1.00 92.52  ? 228 GLN A CB  1 
ATOM   1340 C  CG  . GLN A 1 207 ? -5.063  15.741  5.467   1.00 100.23 ? 228 GLN A CG  1 
ATOM   1341 C  CD  . GLN A 1 207 ? -4.910  14.856  6.681   1.00 100.94 ? 228 GLN A CD  1 
ATOM   1342 O  OE1 . GLN A 1 207 ? -5.306  13.681  6.678   1.00 98.89  ? 228 GLN A OE1 1 
ATOM   1343 N  NE2 . GLN A 1 207 ? -4.313  15.409  7.727   1.00 104.94 ? 228 GLN A NE2 1 
ATOM   1344 N  N   . THR A 1 208 ? -4.385  14.804  0.948   1.00 79.04  ? 229 THR A N   1 
ATOM   1345 C  CA  . THR A 1 208 ? -3.711  14.266  -0.223  1.00 83.80  ? 229 THR A CA  1 
ATOM   1346 C  C   . THR A 1 208 ? -3.266  15.392  -1.157  1.00 83.58  ? 229 THR A C   1 
ATOM   1347 O  O   . THR A 1 208 ? -2.199  15.313  -1.775  1.00 73.49  ? 229 THR A O   1 
ATOM   1348 C  CB  . THR A 1 208 ? -4.623  13.271  -0.938  1.00 85.46  ? 229 THR A CB  1 
ATOM   1349 O  OG1 . THR A 1 208 ? -5.290  12.472  0.039   1.00 84.37  ? 229 THR A OG1 1 
ATOM   1350 C  CG2 . THR A 1 208 ? -3.811  12.351  -1.862  1.00 84.30  ? 229 THR A CG2 1 
ATOM   1351 N  N   . ALA A 1 209 ? -4.055  16.461  -1.237  1.00 83.56  ? 230 ALA A N   1 
ATOM   1352 C  CA  . ALA A 1 209 ? -3.615  17.649  -1.941  1.00 75.45  ? 230 ALA A CA  1 
ATOM   1353 C  C   . ALA A 1 209 ? -2.371  18.248  -1.316  1.00 77.52  ? 230 ALA A C   1 
ATOM   1354 O  O   . ALA A 1 209 ? -1.580  18.890  -2.010  1.00 83.51  ? 230 ALA A O   1 
ATOM   1355 C  CB  . ALA A 1 209 ? -4.733  18.679  -1.973  1.00 81.71  ? 230 ALA A CB  1 
ATOM   1356 N  N   . LEU A 1 210 ? -2.169  18.070  -0.022  1.00 81.95  ? 231 LEU A N   1 
ATOM   1357 C  CA  . LEU A 1 210 ? -1.038  18.764  0.583   1.00 84.68  ? 231 LEU A CA  1 
ATOM   1358 C  C   . LEU A 1 210 ? 0.246   17.953  0.487   1.00 79.93  ? 231 LEU A C   1 
ATOM   1359 O  O   . LEU A 1 210 ? 1.337   18.529  0.517   1.00 79.73  ? 231 LEU A O   1 
ATOM   1360 C  CB  . LEU A 1 210 ? -1.351  19.123  2.044   1.00 82.84  ? 231 LEU A CB  1 
ATOM   1361 C  CG  . LEU A 1 210 ? -0.411  20.090  2.768   1.00 85.02  ? 231 LEU A CG  1 
ATOM   1362 C  CD1 . LEU A 1 210 ? -1.195  21.105  3.548   1.00 90.13  ? 231 LEU A CD1 1 
ATOM   1363 C  CD2 . LEU A 1 210 ? 0.528   19.331  3.697   1.00 93.69  ? 231 LEU A CD2 1 
ATOM   1364 N  N   . ILE A 1 211 ? 0.145   16.624  0.403   1.00 80.91  ? 232 ILE A N   1 
ATOM   1365 C  CA  . ILE A 1 211 ? 1.336   15.803  0.180   1.00 79.94  ? 232 ILE A CA  1 
ATOM   1366 C  C   . ILE A 1 211 ? 1.830   16.007  -1.248  1.00 76.96  ? 232 ILE A C   1 
ATOM   1367 O  O   . ILE A 1 211 ? 3.044   16.066  -1.502  1.00 73.48  ? 232 ILE A O   1 
ATOM   1368 C  CB  . ILE A 1 211 ? 1.066   14.304  0.506   1.00 80.57  ? 232 ILE A CB  1 
ATOM   1369 C  CG1 . ILE A 1 211 ? 0.358   13.583  -0.664  1.00 78.93  ? 232 ILE A CG1 1 
ATOM   1370 C  CG2 . ILE A 1 211 ? 0.258   14.129  1.822   1.00 74.13  ? 232 ILE A CG2 1 
ATOM   1371 C  CD1 . ILE A 1 211 ? -0.098  12.150  -0.385  1.00 86.51  ? 232 ILE A CD1 1 
ATOM   1372 N  N   . GLY A 1 212 ? 0.893   16.130  -2.190  1.00 76.64  ? 233 GLY A N   1 
ATOM   1373 C  CA  . GLY A 1 212 ? 1.180   16.636  -3.505  1.00 72.01  ? 233 GLY A CA  1 
ATOM   1374 C  C   . GLY A 1 212 ? 2.047   17.862  -3.390  1.00 70.66  ? 233 GLY A C   1 
ATOM   1375 O  O   . GLY A 1 212 ? 3.220   17.809  -3.755  1.00 73.16  ? 233 GLY A O   1 
ATOM   1376 N  N   . ALA A 1 213 ? 1.512   18.955  -2.850  1.00 69.89  ? 234 ALA A N   1 
ATOM   1377 C  CA  . ALA A 1 213 ? 2.260   20.209  -2.844  1.00 70.78  ? 234 ALA A CA  1 
ATOM   1378 C  C   . ALA A 1 213 ? 3.629   20.049  -2.189  1.00 69.09  ? 234 ALA A C   1 
ATOM   1379 O  O   . ALA A 1 213 ? 4.631   20.518  -2.724  1.00 67.89  ? 234 ALA A O   1 
ATOM   1380 C  CB  . ALA A 1 213 ? 1.445   21.296  -2.150  1.00 72.16  ? 234 ALA A CB  1 
ATOM   1381 N  N   . ILE A 1 214 ? 3.708   19.390  -1.037  1.00 73.45  ? 235 ILE A N   1 
ATOM   1382 C  CA  . ILE A 1 214 ? 5.003   19.344  -0.360  1.00 73.81  ? 235 ILE A CA  1 
ATOM   1383 C  C   . ILE A 1 214 ? 6.058   18.686  -1.255  1.00 68.75  ? 235 ILE A C   1 
ATOM   1384 O  O   . ILE A 1 214 ? 7.202   19.143  -1.324  1.00 64.78  ? 235 ILE A O   1 
ATOM   1385 C  CB  . ILE A 1 214 ? 4.895   18.633  1.000   1.00 68.24  ? 235 ILE A CB  1 
ATOM   1386 C  CG1 . ILE A 1 214 ? 3.809   19.256  1.868   1.00 76.08  ? 235 ILE A CG1 1 
ATOM   1387 C  CG2 . ILE A 1 214 ? 6.208   18.752  1.739   1.00 66.03  ? 235 ILE A CG2 1 
ATOM   1388 C  CD1 . ILE A 1 214 ? 4.205   20.579  2.522   1.00 89.49  ? 235 ILE A CD1 1 
ATOM   1389 N  N   . ALA A 1 215 ? 5.691   17.606  -1.949  1.00 66.54  ? 236 ALA A N   1 
ATOM   1390 C  CA  . ALA A 1 215 ? 6.676   16.836  -2.700  1.00 64.67  ? 236 ALA A CA  1 
ATOM   1391 C  C   . ALA A 1 215 ? 6.979   17.473  -4.062  1.00 65.15  ? 236 ALA A C   1 
ATOM   1392 O  O   . ALA A 1 215 ? 8.137   17.546  -4.479  1.00 60.68  ? 236 ALA A O   1 
ATOM   1393 C  CB  . ALA A 1 215 ? 6.177   15.406  -2.874  1.00 57.85  ? 236 ALA A CB  1 
ATOM   1394 N  N   . SER A 1 216 ? 5.936   17.920  -4.755  1.00 63.53  ? 237 SER A N   1 
ATOM   1395 C  CA  . SER A 1 216 ? 6.089   18.706  -5.959  1.00 61.68  ? 237 SER A CA  1 
ATOM   1396 C  C   . SER A 1 216 ? 6.944   19.945  -5.731  1.00 63.81  ? 237 SER A C   1 
ATOM   1397 O  O   . SER A 1 216 ? 7.600   20.428  -6.658  1.00 68.26  ? 237 SER A O   1 
ATOM   1398 C  CB  . SER A 1 216 ? 4.723   19.130  -6.472  1.00 61.68  ? 237 SER A CB  1 
ATOM   1399 O  OG  . SER A 1 216 ? 4.879   20.209  -7.371  1.00 75.97  ? 237 SER A OG  1 
ATOM   1400 N  N   . ALA A 1 217 ? 6.918   20.496  -4.530  1.00 59.44  ? 238 ALA A N   1 
ATOM   1401 C  CA  . ALA A 1 217 ? 7.767   21.635  -4.249  1.00 56.98  ? 238 ALA A CA  1 
ATOM   1402 C  C   . ALA A 1 217 ? 9.171   21.180  -3.905  1.00 59.07  ? 238 ALA A C   1 
ATOM   1403 O  O   . ALA A 1 217 ? 10.144  21.887  -4.192  1.00 71.06  ? 238 ALA A O   1 
ATOM   1404 C  CB  . ALA A 1 217 ? 7.184   22.486  -3.123  1.00 53.25  ? 238 ALA A CB  1 
ATOM   1405 N  N   . ALA A 1 218 ? 9.307   20.003  -3.316  1.00 57.51  ? 239 ALA A N   1 
ATOM   1406 C  CA  . ALA A 1 218 ? 10.642  19.504  -2.996  1.00 64.91  ? 239 ALA A CA  1 
ATOM   1407 C  C   . ALA A 1 218 ? 11.321  19.008  -4.263  1.00 68.81  ? 239 ALA A C   1 
ATOM   1408 O  O   . ALA A 1 218 ? 12.536  19.184  -4.455  1.00 65.36  ? 239 ALA A O   1 
ATOM   1409 C  CB  . ALA A 1 218 ? 10.590  18.388  -1.936  1.00 54.56  ? 239 ALA A CB  1 
ATOM   1410 N  N   . ALA A 1 219 ? 10.535  18.410  -5.153  1.00 64.14  ? 240 ALA A N   1 
ATOM   1411 C  CA  . ALA A 1 219 ? 11.102  17.954  -6.401  1.00 60.73  ? 240 ALA A CA  1 
ATOM   1412 C  C   . ALA A 1 219 ? 11.502  19.148  -7.246  1.00 63.10  ? 240 ALA A C   1 
ATOM   1413 O  O   . ALA A 1 219 ? 12.495  19.101  -7.959  1.00 64.50  ? 240 ALA A O   1 
ATOM   1414 C  CB  . ALA A 1 219 ? 10.101  17.076  -7.139  1.00 56.99  ? 240 ALA A CB  1 
ATOM   1415 N  N   . PHE A 1 220 ? 10.742  20.230  -7.152  1.00 62.77  ? 241 PHE A N   1 
ATOM   1416 C  CA  . PHE A 1 220 ? 11.130  21.484  -7.767  1.00 62.51  ? 241 PHE A CA  1 
ATOM   1417 C  C   . PHE A 1 220 ? 12.385  22.071  -7.121  1.00 65.87  ? 241 PHE A C   1 
ATOM   1418 O  O   . PHE A 1 220 ? 13.297  22.538  -7.816  1.00 59.99  ? 241 PHE A O   1 
ATOM   1419 C  CB  . PHE A 1 220 ? 9.979   22.463  -7.661  1.00 63.73  ? 241 PHE A CB  1 
ATOM   1420 C  CG  . PHE A 1 220 ? 10.279  23.795  -8.263  1.00 67.81  ? 241 PHE A CG  1 
ATOM   1421 C  CD1 . PHE A 1 220 ? 9.944   24.067  -9.580  1.00 64.03  ? 241 PHE A CD1 1 
ATOM   1422 C  CD2 . PHE A 1 220 ? 10.883  24.781  -7.510  1.00 71.75  ? 241 PHE A CD2 1 
ATOM   1423 C  CE1 . PHE A 1 220 ? 10.194  25.289  -10.127 1.00 72.56  ? 241 PHE A CE1 1 
ATOM   1424 C  CE2 . PHE A 1 220 ? 11.136  26.017  -8.046  1.00 77.90  ? 241 PHE A CE2 1 
ATOM   1425 C  CZ  . PHE A 1 220 ? 10.796  26.270  -9.368  1.00 76.12  ? 241 PHE A CZ  1 
ATOM   1426 N  N   . GLY A 1 221 ? 12.447  22.090  -5.793  1.00 66.62  ? 242 GLY A N   1 
ATOM   1427 C  CA  . GLY A 1 221 ? 13.661  22.580  -5.153  1.00 63.54  ? 242 GLY A CA  1 
ATOM   1428 C  C   . GLY A 1 221 ? 14.901  21.837  -5.618  1.00 57.70  ? 242 GLY A C   1 
ATOM   1429 O  O   . GLY A 1 221 ? 15.984  22.403  -5.707  1.00 61.60  ? 242 GLY A O   1 
ATOM   1430 N  N   . MET A 1 222 ? 14.761  20.548  -5.892  1.00 63.08  ? 243 MET A N   1 
ATOM   1431 C  CA  . MET A 1 222 ? 15.924  19.713  -6.151  1.00 61.60  ? 243 MET A CA  1 
ATOM   1432 C  C   . MET A 1 222 ? 16.196  19.601  -7.635  1.00 60.77  ? 243 MET A C   1 
ATOM   1433 O  O   . MET A 1 222 ? 17.345  19.415  -8.018  1.00 63.58  ? 243 MET A O   1 
ATOM   1434 C  CB  . MET A 1 222 ? 15.725  18.309  -5.558  1.00 64.51  ? 243 MET A CB  1 
ATOM   1435 C  CG  . MET A 1 222 ? 15.679  18.217  -4.011  1.00 66.97  ? 243 MET A CG  1 
ATOM   1436 S  SD  . MET A 1 222 ? 17.292  18.409  -3.207  1.00 81.81  ? 243 MET A SD  1 
ATOM   1437 C  CE  . MET A 1 222 ? 16.841  17.903  -1.555  1.00 76.40  ? 243 MET A CE  1 
ATOM   1438 N  N   . ALA A 1 223 ? 15.158  19.672  -8.472  1.00 52.49  ? 244 ALA A N   1 
ATOM   1439 C  CA  . ALA A 1 223 ? 15.382  19.727  -9.907  1.00 54.06  ? 244 ALA A CA  1 
ATOM   1440 C  C   . ALA A 1 223 ? 16.210  20.951  -10.250 1.00 57.52  ? 244 ALA A C   1 
ATOM   1441 O  O   . ALA A 1 223 ? 17.204  20.858  -10.966 1.00 53.15  ? 244 ALA A O   1 
ATOM   1442 C  CB  . ALA A 1 223 ? 14.061  19.772  -10.671 1.00 48.03  ? 244 ALA A CB  1 
ATOM   1443 N  N   . LYS A 1 224 ? 15.844  22.097  -9.671  1.00 57.92  ? 245 LYS A N   1 
ATOM   1444 C  CA  . LYS A 1 224 ? 16.542  23.347  -9.919  1.00 52.55  ? 245 LYS A CA  1 
ATOM   1445 C  C   . LYS A 1 224 ? 17.954  23.333  -9.337  1.00 57.73  ? 245 LYS A C   1 
ATOM   1446 O  O   . LYS A 1 224 ? 18.901  23.850  -9.957  1.00 64.86  ? 245 LYS A O   1 
ATOM   1447 C  CB  . LYS A 1 224 ? 15.719  24.517  -9.355  1.00 45.22  ? 245 LYS A CB  1 
ATOM   1448 N  N   . ALA A 1 225 ? 18.117  22.748  -8.157  1.00 56.57  ? 246 ALA A N   1 
ATOM   1449 C  CA  . ALA A 1 225 ? 19.397  22.819  -7.463  1.00 59.78  ? 246 ALA A CA  1 
ATOM   1450 C  C   . ALA A 1 225 ? 20.475  22.041  -8.207  1.00 60.65  ? 246 ALA A C   1 
ATOM   1451 O  O   . ALA A 1 225 ? 21.664  22.377  -8.119  1.00 58.31  ? 246 ALA A O   1 
ATOM   1452 C  CB  . ALA A 1 225 ? 19.241  22.310  -6.024  1.00 48.78  ? 246 ALA A CB  1 
ATOM   1453 N  N   . VAL A 1 226 ? 20.085  20.972  -8.913  1.00 61.15  ? 247 VAL A N   1 
ATOM   1454 C  CA  . VAL A 1 226 ? 21.081  20.203  -9.658  1.00 61.43  ? 247 VAL A CA  1 
ATOM   1455 C  C   . VAL A 1 226 ? 21.377  20.863  -10.991 1.00 58.53  ? 247 VAL A C   1 
ATOM   1456 O  O   . VAL A 1 226 ? 22.504  20.802  -11.479 1.00 66.38  ? 247 VAL A O   1 
ATOM   1457 C  CB  . VAL A 1 226 ? 20.640  18.744  -9.864  1.00 56.68  ? 247 VAL A CB  1 
ATOM   1458 C  CG1 . VAL A 1 226 ? 21.794  17.937  -10.520 1.00 55.71  ? 247 VAL A CG1 1 
ATOM   1459 C  CG2 . VAL A 1 226 ? 20.280  18.145  -8.543  1.00 61.42  ? 247 VAL A CG2 1 
ATOM   1460 N  N   . GLN A 1 227 ? 20.375  21.462  -11.611 1.00 52.38  ? 248 GLN A N   1 
ATOM   1461 C  CA  . GLN A 1 227 ? 20.531  22.246  -12.810 1.00 55.52  ? 248 GLN A CA  1 
ATOM   1462 C  C   . GLN A 1 227 ? 21.211  23.605  -12.542 1.00 65.21  ? 248 GLN A C   1 
ATOM   1463 O  O   . GLN A 1 227 ? 21.327  24.409  -13.469 1.00 62.17  ? 248 GLN A O   1 
ATOM   1464 C  CB  . GLN A 1 227 ? 19.152  22.454  -13.437 1.00 51.63  ? 248 GLN A CB  1 
ATOM   1465 C  CG  . GLN A 1 227 ? 18.616  21.259  -14.128 1.00 48.44  ? 248 GLN A CG  1 
ATOM   1466 C  CD  . GLN A 1 227 ? 19.377  20.910  -15.371 1.00 56.50  ? 248 GLN A CD  1 
ATOM   1467 O  OE1 . GLN A 1 227 ? 19.828  21.798  -16.092 1.00 71.12  ? 248 GLN A OE1 1 
ATOM   1468 N  NE2 . GLN A 1 227 ? 19.504  19.620  -15.662 1.00 53.77  ? 248 GLN A NE2 1 
ATOM   1469 N  N   . SER A 1 228 ? 21.704  23.864  -11.313 1.00 62.01  ? 249 SER A N   1 
ATOM   1470 C  CA  . SER A 1 228 ? 21.949  25.233  -10.850 1.00 59.18  ? 249 SER A CA  1 
ATOM   1471 C  C   . SER A 1 228 ? 23.099  25.945  -11.590 1.00 65.40  ? 249 SER A C   1 
ATOM   1472 O  O   . SER A 1 228 ? 23.166  27.188  -11.570 1.00 56.58  ? 249 SER A O   1 
ATOM   1473 C  CB  . SER A 1 228 ? 22.204  25.231  -9.343  1.00 53.87  ? 249 SER A CB  1 
ATOM   1474 O  OG  . SER A 1 228 ? 23.580  25.352  -9.030  1.00 58.89  ? 249 SER A OG  1 
ATOM   1475 N  N   . GLU A 1 229 ? 24.012  25.204  -12.229 1.00 63.13  ? 250 GLU A N   1 
ATOM   1476 C  CA  . GLU A 1 229 ? 25.113  25.850  -12.946 1.00 66.23  ? 250 GLU A CA  1 
ATOM   1477 C  C   . GLU A 1 229 ? 24.911  25.875  -14.456 1.00 66.56  ? 250 GLU A C   1 
ATOM   1478 O  O   . GLU A 1 229 ? 25.669  26.560  -15.148 1.00 69.30  ? 250 GLU A O   1 
ATOM   1479 C  CB  . GLU A 1 229 ? 26.467  25.185  -12.612 1.00 68.10  ? 250 GLU A CB  1 
ATOM   1480 C  CG  . GLU A 1 229 ? 26.746  25.058  -11.089 1.00 77.14  ? 250 GLU A CG  1 
ATOM   1481 C  CD  . GLU A 1 229 ? 28.151  24.559  -10.736 1.00 79.68  ? 250 GLU A CD  1 
ATOM   1482 O  OE1 . GLU A 1 229 ? 28.858  24.071  -11.644 1.00 80.84  ? 250 GLU A OE1 1 
ATOM   1483 O  OE2 . GLU A 1 229 ? 28.540  24.660  -9.541  1.00 77.99  ? 250 GLU A OE2 1 
ATOM   1484 N  N   . ASN A 1 230 ? 23.904  25.173  -14.980 1.00 63.49  ? 251 ASN A N   1 
ATOM   1485 C  CA  . ASN A 1 230 ? 23.699  25.110  -16.415 1.00 61.27  ? 251 ASN A CA  1 
ATOM   1486 C  C   . ASN A 1 230 ? 22.884  26.304  -16.866 1.00 66.39  ? 251 ASN A C   1 
ATOM   1487 O  O   . ASN A 1 230 ? 22.005  26.781  -16.149 1.00 63.36  ? 251 ASN A O   1 
ATOM   1488 C  CB  . ASN A 1 230 ? 22.971  23.851  -16.864 1.00 63.12  ? 251 ASN A CB  1 
ATOM   1489 C  CG  . ASN A 1 230 ? 23.479  22.603  -16.201 1.00 68.98  ? 251 ASN A CG  1 
ATOM   1490 O  OD1 . ASN A 1 230 ? 24.631  22.510  -15.780 1.00 72.84  ? 251 ASN A OD1 1 
ATOM   1491 N  ND2 . ASN A 1 230 ? 22.607  21.617  -16.105 1.00 62.30  ? 251 ASN A ND2 1 
ATOM   1492 N  N   . LEU A 1 231 ? 23.181  26.770  -18.085 1.00 76.36  ? 252 LEU A N   1 
ATOM   1493 C  CA  . LEU A 1 231 ? 22.430  27.859  -18.679 1.00 73.42  ? 252 LEU A CA  1 
ATOM   1494 C  C   . LEU A 1 231 ? 21.085  27.374  -19.198 1.00 70.32  ? 252 LEU A C   1 
ATOM   1495 O  O   . LEU A 1 231 ? 20.046  27.982  -18.916 1.00 69.87  ? 252 LEU A O   1 
ATOM   1496 C  CB  . LEU A 1 231 ? 23.265  28.491  -19.783 1.00 72.74  ? 252 LEU A CB  1 
ATOM   1497 C  CG  . LEU A 1 231 ? 23.071  29.985  -20.052 1.00 75.13  ? 252 LEU A CG  1 
ATOM   1498 C  CD1 . LEU A 1 231 ? 22.487  30.691  -18.840 1.00 74.04  ? 252 LEU A CD1 1 
ATOM   1499 C  CD2 . LEU A 1 231 ? 24.400  30.570  -20.422 1.00 63.78  ? 252 LEU A CD2 1 
ATOM   1500 N  N   . TYR A 1 232 ? 21.079  26.274  -19.936 1.00 69.96  ? 253 TYR A N   1 
ATOM   1501 C  CA  . TYR A 1 232 ? 19.852  25.648  -20.389 1.00 71.65  ? 253 TYR A CA  1 
ATOM   1502 C  C   . TYR A 1 232 ? 19.750  24.256  -19.769 1.00 73.88  ? 253 TYR A C   1 
ATOM   1503 O  O   . TYR A 1 232 ? 20.705  23.749  -19.181 1.00 74.09  ? 253 TYR A O   1 
ATOM   1504 C  CB  . TYR A 1 232 ? 19.811  25.595  -21.919 1.00 67.33  ? 253 TYR A CB  1 
ATOM   1505 C  CG  . TYR A 1 232 ? 21.076  25.055  -22.554 1.00 79.64  ? 253 TYR A CG  1 
ATOM   1506 C  CD1 . TYR A 1 232 ? 22.254  25.831  -22.633 1.00 77.38  ? 253 TYR A CD1 1 
ATOM   1507 C  CD2 . TYR A 1 232 ? 21.092  23.778  -23.113 1.00 84.78  ? 253 TYR A CD2 1 
ATOM   1508 C  CE1 . TYR A 1 232 ? 23.418  25.329  -23.236 1.00 79.92  ? 253 TYR A CE1 1 
ATOM   1509 C  CE2 . TYR A 1 232 ? 22.252  23.272  -23.729 1.00 91.77  ? 253 TYR A CE2 1 
ATOM   1510 C  CZ  . TYR A 1 232 ? 23.403  24.051  -23.787 1.00 83.36  ? 253 TYR A CZ  1 
ATOM   1511 O  OH  . TYR A 1 232 ? 24.522  23.518  -24.378 1.00 88.44  ? 253 TYR A OH  1 
ATOM   1512 N  N   . PHE A 1 233 ? 18.589  23.636  -19.880 1.00 61.58  ? 254 PHE A N   1 
ATOM   1513 C  CA  . PHE A 1 233 ? 18.453  22.321  -19.267 1.00 72.41  ? 254 PHE A CA  1 
ATOM   1514 C  C   . PHE A 1 233 ? 19.344  21.297  -19.975 1.00 70.60  ? 254 PHE A C   1 
ATOM   1515 O  O   . PHE A 1 233 ? 19.054  20.843  -21.090 1.00 60.74  ? 254 PHE A O   1 
ATOM   1516 C  CB  . PHE A 1 233 ? 17.002  21.877  -19.284 1.00 72.80  ? 254 PHE A CB  1 
ATOM   1517 C  CG  . PHE A 1 233 ? 16.789  20.588  -18.621 1.00 68.26  ? 254 PHE A CG  1 
ATOM   1518 C  CD1 . PHE A 1 233 ? 16.712  20.507  -17.223 1.00 75.89  ? 254 PHE A CD1 1 
ATOM   1519 C  CD2 . PHE A 1 233 ? 16.685  19.424  -19.362 1.00 68.66  ? 254 PHE A CD2 1 
ATOM   1520 C  CE1 . PHE A 1 233 ? 16.526  19.295  -16.584 1.00 59.22  ? 254 PHE A CE1 1 
ATOM   1521 C  CE2 . PHE A 1 233 ? 16.520  18.204  -18.699 1.00 62.75  ? 254 PHE A CE2 1 
ATOM   1522 C  CZ  . PHE A 1 233 ? 16.437  18.160  -17.318 1.00 53.74  ? 254 PHE A CZ  1 
ATOM   1523 N  N   . GLN A 1 234 ? 20.411  20.900  -19.294 1.00 66.55  ? 255 GLN A N   1 
ATOM   1524 C  CA  . GLN A 1 234 ? 21.328  19.912  -19.825 1.00 68.55  ? 255 GLN A CA  1 
ATOM   1525 C  C   . GLN A 1 234 ? 21.452  18.735  -18.886 1.00 64.64  ? 255 GLN A C   1 
ATOM   1526 O  O   . GLN A 1 234 ? 22.424  17.986  -18.966 1.00 71.13  ? 255 GLN A O   1 
ATOM   1527 C  CB  . GLN A 1 234 ? 22.736  20.488  -20.049 1.00 75.38  ? 255 GLN A CB  1 
ATOM   1528 C  CG  . GLN A 1 234 ? 22.842  21.895  -20.575 1.00 72.08  ? 255 GLN A CG  1 
ATOM   1529 C  CD  . GLN A 1 234 ? 24.231  22.428  -20.357 1.00 80.14  ? 255 GLN A CD  1 
ATOM   1530 O  OE1 . GLN A 1 234 ? 25.208  21.675  -20.415 1.00 93.72  ? 255 GLN A OE1 1 
ATOM   1531 N  NE2 . GLN A 1 234 ? 24.337  23.722  -20.096 1.00 84.01  ? 255 GLN A NE2 1 
HETATM 1532 C  C10 . OLC B 2 .   ? -10.703 27.723  -3.953  1.00 123.13 ? 301 OLC A C10 1 
HETATM 1533 C  C9  . OLC B 2 .   ? -10.978 27.138  -2.787  1.00 116.87 ? 301 OLC A C9  1 
HETATM 1534 C  C11 . OLC B 2 .   ? -10.613 26.966  -5.262  1.00 121.72 ? 301 OLC A C11 1 
HETATM 1535 C  C8  . OLC B 2 .   ? -11.204 25.652  -2.669  1.00 118.26 ? 301 OLC A C8  1 
HETATM 1536 C  C24 . OLC B 2 .   ? -14.888 15.074  -4.359  1.00 105.61 ? 301 OLC A C24 1 
HETATM 1537 C  C12 . OLC B 2 .   ? -11.577 27.626  -6.248  1.00 114.26 ? 301 OLC A C12 1 
HETATM 1538 C  C7  . OLC B 2 .   ? -10.982 25.260  -1.210  1.00 117.50 ? 301 OLC A C7  1 
HETATM 1539 C  C15 . OLC B 2 .   ? -11.483 28.613  -9.984  1.00 100.12 ? 301 OLC A C15 1 
HETATM 1540 C  C13 . OLC B 2 .   ? -11.078 27.615  -7.686  1.00 105.61 ? 301 OLC A C13 1 
HETATM 1541 C  C6  . OLC B 2 .   ? -10.163 23.978  -1.089  1.00 115.12 ? 301 OLC A C6  1 
HETATM 1542 C  C14 . OLC B 2 .   ? -11.900 28.596  -8.517  1.00 99.55  ? 301 OLC A C14 1 
HETATM 1543 C  C5  . OLC B 2 .   ? -10.970 22.753  -1.510  1.00 112.40 ? 301 OLC A C5  1 
HETATM 1544 C  C4  . OLC B 2 .   ? -12.197 22.561  -0.626  1.00 113.74 ? 301 OLC A C4  1 
HETATM 1545 C  C3  . OLC B 2 .   ? -12.593 21.091  -0.570  1.00 110.05 ? 301 OLC A C3  1 
HETATM 1546 C  C2  . OLC B 2 .   ? -12.984 20.586  -1.956  1.00 112.12 ? 301 OLC A C2  1 
HETATM 1547 C  C21 . OLC B 2 .   ? -13.690 17.035  -3.321  1.00 105.17 ? 301 OLC A C21 1 
HETATM 1548 C  C1  . OLC B 2 .   ? -13.105 19.073  -1.990  1.00 105.35 ? 301 OLC A C1  1 
HETATM 1549 C  C22 . OLC B 2 .   ? -15.048 16.430  -3.678  1.00 112.21 ? 301 OLC A C22 1 
HETATM 1550 O  O19 . OLC B 2 .   ? -12.576 18.369  -1.150  1.00 97.36  ? 301 OLC A O19 1 
HETATM 1551 O  O25 . OLC B 2 .   ? -16.187 14.531  -4.633  1.00 101.25 ? 301 OLC A O25 1 
HETATM 1552 O  O23 . OLC B 2 .   ? -15.826 16.257  -2.485  1.00 114.38 ? 301 OLC A O23 1 
HETATM 1553 O  O20 . OLC B 2 .   ? -13.859 18.425  -3.052  1.00 107.59 ? 301 OLC A O20 1 
HETATM 1554 ZN ZN  . ZN  C 3 .   ? 3.855   -22.623 19.674  1.00 369.21 ? 302 ZN  A ZN  1 
HETATM 1555 ZN ZN  . ZN  D 3 .   ? 1.128   -22.364 21.519  1.00 312.99 ? 303 ZN  A ZN  1 
HETATM 1556 ZN ZN  . ZN  E 3 .   ? 3.273   -23.139 21.984  1.00 425.40 ? 304 ZN  A ZN  1 
# 
